data_7JSI
#
_entry.id   7JSI
#
_cell.length_a   1.00
_cell.length_b   1.00
_cell.length_c   1.00
_cell.angle_alpha   90.00
_cell.angle_beta   90.00
_cell.angle_gamma   90.00
#
_symmetry.space_group_name_H-M   'P 1'
#
loop_
_entity.id
_entity.type
_entity.pdbx_description
1 polymer 'Protein Rep68'
2 polymer "DNA (5'-D(P*TP*TP*TP*TP*TP*TP*TP*T)-3')"
#
loop_
_entity_poly.entity_id
_entity_poly.type
_entity_poly.pdbx_seq_one_letter_code
_entity_poly.pdbx_strand_id
1 'polypeptide(L)'
;MPGFYEIVIKVPSDLDGHLPGISDSFVNWVAEKEWELPPDSDMDLNLIEQAPLTVAEKLQRDFLTEWRRVSKAPEALFFV
QFEKGESYFHMHVLVETTGVKSMVLGRFLSQIREKLIQRIYRGIEPTLPNWFAVTKTRNGAGGGNKVVDECYIPNYLLPK
TQPELQWAWTNMEQYLSACLNLTERKRLVAQHLTHVSQTQEQNKENQNPNSDAPVIRSKTSARYMELVGWLVDKGITSEK
QWIQEDQASYISFNAASNSRSQIKAALDNAGKIMSLTKTAPDYLVGQQPVEDISSNRIYKILELNGYDPQYAASVFLGWA
TKKFGKRNTIWLFGPATTGKTNIAEAIAHTVPFYGCVNWTNENFPFNDCVDKMVIWWEEGKMTAKVVESAKAILGGSKVR
VDQKCKSSAQIDPTPVIVTSNTNMCAVIDGNSTTFEHQQPLQDRMFKFELTRRLDHDFGKVTKQEVKDFFRWAKDHVVEV
EHEFYVKKGGAKKRPAPSDADISEPKRVRESVAQPSTSDAEASINYADRLARGHSL
;
A,B,C,D,E,F
2 'polydeoxyribonucleotide' (DT)(DT)(DT)(DT)(DT)(DT)(DT)(DT) H
#
loop_
_chem_comp.id
_chem_comp.type
_chem_comp.name
_chem_comp.formula
DT DNA linking THYMIDINE-5'-MONOPHOSPHATE 'C10 H15 N2 O8 P'
#
# COMPACT_ATOMS: atom_id res chain seq x y z
N VAL A 215 -31.42 23.50 -8.58
CA VAL A 215 -31.14 24.78 -9.22
C VAL A 215 -31.55 24.74 -10.69
N ILE A 216 -31.15 23.68 -11.38
CA ILE A 216 -31.50 23.54 -12.80
C ILE A 216 -32.96 23.16 -12.98
N ARG A 217 -33.58 22.54 -11.98
CA ARG A 217 -34.98 22.12 -12.03
C ARG A 217 -35.24 21.17 -13.20
N SER A 218 -34.97 19.89 -12.99
CA SER A 218 -35.16 18.89 -14.04
C SER A 218 -36.14 17.83 -13.50
N LYS A 219 -36.09 16.64 -14.10
CA LYS A 219 -36.97 15.55 -13.69
C LYS A 219 -36.31 14.64 -12.66
N THR A 220 -35.02 14.33 -12.83
CA THR A 220 -34.33 13.47 -11.89
C THR A 220 -34.10 14.16 -10.55
N SER A 221 -34.04 15.49 -10.55
CA SER A 221 -33.82 16.22 -9.30
C SER A 221 -35.00 16.05 -8.34
N ALA A 222 -36.22 16.10 -8.87
CA ALA A 222 -37.39 15.89 -8.02
C ALA A 222 -37.43 14.48 -7.45
N ARG A 223 -37.08 13.48 -8.26
CA ARG A 223 -37.05 12.10 -7.77
C ARG A 223 -35.98 11.93 -6.70
N TYR A 224 -34.81 12.55 -6.89
CA TYR A 224 -33.75 12.47 -5.89
C TYR A 224 -34.17 13.15 -4.59
N MET A 225 -34.84 14.30 -4.70
CA MET A 225 -35.32 14.99 -3.50
C MET A 225 -36.36 14.16 -2.77
N GLU A 226 -37.27 13.53 -3.51
CA GLU A 226 -38.28 12.68 -2.89
C GLU A 226 -37.64 11.47 -2.21
N LEU A 227 -36.63 10.88 -2.85
CA LEU A 227 -35.94 9.75 -2.23
C LEU A 227 -35.19 10.17 -0.96
N VAL A 228 -34.56 11.34 -0.99
CA VAL A 228 -33.87 11.85 0.20
C VAL A 228 -34.87 12.10 1.32
N GLY A 229 -36.01 12.69 0.99
CA GLY A 229 -37.03 12.93 2.01
C GLY A 229 -37.59 11.65 2.60
N TRP A 230 -37.79 10.63 1.74
CA TRP A 230 -38.29 9.36 2.23
C TRP A 230 -37.26 8.65 3.10
N LEU A 231 -35.98 8.77 2.76
CA LEU A 231 -34.94 8.17 3.58
C LEU A 231 -34.78 8.91 4.91
N VAL A 232 -35.01 10.22 4.92
CA VAL A 232 -34.90 10.98 6.16
C VAL A 232 -36.09 10.68 7.06
N ASP A 233 -37.30 10.62 6.50
CA ASP A 233 -38.49 10.36 7.30
C ASP A 233 -38.48 8.94 7.86
N LYS A 234 -37.95 7.98 7.09
CA LYS A 234 -37.90 6.60 7.56
C LYS A 234 -36.71 6.33 8.47
N GLY A 235 -35.67 7.17 8.41
CA GLY A 235 -34.50 6.99 9.25
C GLY A 235 -33.58 5.89 8.76
N ILE A 236 -32.99 6.09 7.58
CA ILE A 236 -32.07 5.13 6.99
C ILE A 236 -30.76 5.85 6.72
N THR A 237 -29.70 5.45 7.42
CA THR A 237 -28.39 6.06 7.26
C THR A 237 -27.33 5.11 6.72
N SER A 238 -27.52 3.79 6.83
CA SER A 238 -26.55 2.83 6.34
C SER A 238 -27.23 1.73 5.56
N GLU A 239 -26.76 0.48 5.72
CA GLU A 239 -27.34 -0.66 5.03
C GLU A 239 -28.09 -1.61 5.96
N LYS A 240 -27.73 -1.67 7.24
CA LYS A 240 -28.41 -2.56 8.17
C LYS A 240 -29.90 -2.22 8.26
N GLN A 241 -30.21 -0.98 8.62
CA GLN A 241 -31.61 -0.55 8.67
C GLN A 241 -32.23 -0.51 7.28
N TRP A 242 -31.42 -0.25 6.25
CA TRP A 242 -31.93 -0.24 4.89
C TRP A 242 -32.50 -1.60 4.49
N ILE A 243 -31.85 -2.67 4.94
CA ILE A 243 -32.35 -4.01 4.65
C ILE A 243 -33.40 -4.46 5.67
N GLN A 244 -33.27 -4.03 6.93
CA GLN A 244 -34.23 -4.45 7.95
C GLN A 244 -35.59 -3.77 7.77
N GLU A 245 -35.62 -2.63 7.08
CA GLU A 245 -36.89 -1.92 6.89
C GLU A 245 -37.81 -2.71 5.97
N ASP A 246 -37.39 -2.95 4.73
CA ASP A 246 -38.19 -3.68 3.77
C ASP A 246 -37.28 -4.31 2.74
N GLN A 247 -37.60 -5.53 2.33
CA GLN A 247 -36.83 -6.25 1.33
C GLN A 247 -37.07 -5.75 -0.08
N ALA A 248 -38.14 -4.99 -0.31
CA ALA A 248 -38.44 -4.46 -1.63
C ALA A 248 -37.68 -3.18 -1.96
N SER A 249 -36.87 -2.67 -1.03
CA SER A 249 -36.11 -1.46 -1.29
C SER A 249 -35.07 -1.69 -2.38
N TYR A 250 -34.36 -2.82 -2.33
CA TYR A 250 -33.38 -3.12 -3.37
C TYR A 250 -34.06 -3.33 -4.72
N ILE A 251 -35.24 -3.95 -4.72
CA ILE A 251 -35.97 -4.14 -5.97
C ILE A 251 -36.39 -2.80 -6.56
N SER A 252 -36.88 -1.89 -5.71
CA SER A 252 -37.26 -0.57 -6.18
C SER A 252 -36.05 0.20 -6.71
N PHE A 253 -34.90 0.07 -6.04
CA PHE A 253 -33.69 0.72 -6.50
C PHE A 253 -33.25 0.18 -7.86
N ASN A 254 -33.29 -1.15 -8.02
CA ASN A 254 -32.93 -1.74 -9.29
C ASN A 254 -33.89 -1.35 -10.40
N ALA A 255 -35.18 -1.21 -10.08
CA ALA A 255 -36.15 -0.76 -11.08
C ALA A 255 -35.96 0.72 -11.41
N ALA A 256 -35.46 1.51 -10.47
CA ALA A 256 -35.23 2.93 -10.73
C ALA A 256 -33.92 3.15 -11.47
N SER A 257 -32.80 2.97 -10.78
CA SER A 257 -31.48 3.16 -11.37
C SER A 257 -30.69 1.86 -11.22
N ASN A 258 -29.37 1.98 -11.26
CA ASN A 258 -28.49 0.82 -11.13
C ASN A 258 -27.07 1.25 -10.76
N SER A 259 -26.93 1.96 -9.65
CA SER A 259 -25.61 2.42 -9.21
C SER A 259 -25.65 2.68 -7.71
N ARG A 260 -24.66 2.17 -6.99
CA ARG A 260 -24.56 2.38 -5.55
C ARG A 260 -24.02 3.75 -5.17
N SER A 261 -23.43 4.48 -6.13
CA SER A 261 -22.93 5.81 -5.82
C SER A 261 -24.07 6.75 -5.46
N GLN A 262 -25.21 6.63 -6.15
CA GLN A 262 -26.37 7.46 -5.80
C GLN A 262 -26.86 7.15 -4.40
N ILE A 263 -26.89 5.88 -4.02
CA ILE A 263 -27.32 5.50 -2.68
C ILE A 263 -26.36 6.03 -1.63
N LYS A 264 -25.05 5.94 -1.90
CA LYS A 264 -24.08 6.43 -0.93
C LYS A 264 -24.13 7.95 -0.80
N ALA A 265 -24.39 8.65 -1.91
CA ALA A 265 -24.53 10.10 -1.83
C ALA A 265 -25.80 10.50 -1.08
N ALA A 266 -26.89 9.76 -1.30
CA ALA A 266 -28.12 10.02 -0.56
C ALA A 266 -27.89 9.82 0.93
N LEU A 267 -27.23 8.72 1.30
CA LEU A 267 -26.96 8.46 2.71
C LEU A 267 -26.05 9.55 3.30
N ASP A 268 -25.05 9.98 2.54
CA ASP A 268 -24.12 11.00 3.03
C ASP A 268 -24.84 12.32 3.28
N ASN A 269 -25.63 12.78 2.31
CA ASN A 269 -26.32 14.05 2.50
C ASN A 269 -27.42 13.96 3.55
N ALA A 270 -28.07 12.80 3.68
CA ALA A 270 -29.05 12.63 4.75
C ALA A 270 -28.39 12.69 6.11
N GLY A 271 -27.24 12.02 6.28
CA GLY A 271 -26.52 12.11 7.53
C GLY A 271 -26.04 13.52 7.83
N LYS A 272 -25.56 14.22 6.81
CA LYS A 272 -25.11 15.61 7.01
C LYS A 272 -26.27 16.50 7.44
N ILE A 273 -27.44 16.32 6.82
CA ILE A 273 -28.61 17.11 7.19
C ILE A 273 -29.04 16.79 8.61
N MET A 274 -29.07 15.49 8.96
CA MET A 274 -29.49 15.11 10.32
C MET A 274 -28.50 15.58 11.38
N SER A 275 -27.22 15.71 11.00
CA SER A 275 -26.23 16.18 11.97
C SER A 275 -26.19 17.70 12.08
N LEU A 276 -26.52 18.41 11.00
CA LEU A 276 -26.48 19.87 11.04
C LEU A 276 -27.77 20.46 11.61
N THR A 277 -28.92 19.89 11.24
CA THR A 277 -30.19 20.44 11.70
C THR A 277 -30.39 20.17 13.19
N LYS A 278 -30.31 18.91 13.59
CA LYS A 278 -30.49 18.51 14.98
C LYS A 278 -29.19 17.94 15.54
N THR A 279 -29.08 17.98 16.86
CA THR A 279 -27.93 17.46 17.58
C THR A 279 -28.33 16.22 18.37
N ALA A 280 -27.36 15.66 19.10
CA ALA A 280 -27.64 14.47 19.91
C ALA A 280 -28.59 14.76 21.07
N PRO A 281 -28.37 15.80 21.89
CA PRO A 281 -29.33 16.07 22.98
C PRO A 281 -30.70 16.50 22.50
N ASP A 282 -30.87 16.80 21.21
CA ASP A 282 -32.18 17.18 20.69
C ASP A 282 -33.16 16.00 20.76
N TYR A 283 -32.66 14.77 20.66
CA TYR A 283 -33.49 13.59 20.76
C TYR A 283 -33.07 12.63 21.86
N LEU A 284 -31.92 12.86 22.50
CA LEU A 284 -31.48 11.97 23.58
C LEU A 284 -32.27 12.20 24.86
N VAL A 285 -32.92 13.35 25.01
CA VAL A 285 -33.72 13.68 26.18
C VAL A 285 -35.17 13.77 25.72
N GLY A 286 -35.94 12.71 25.98
CA GLY A 286 -37.33 12.67 25.59
C GLY A 286 -38.24 13.31 26.63
N GLN A 287 -39.54 13.07 26.45
CA GLN A 287 -40.56 13.60 27.35
C GLN A 287 -40.95 12.62 28.45
N GLN A 288 -40.90 11.33 28.19
CA GLN A 288 -41.28 10.33 29.19
C GLN A 288 -40.19 10.22 30.24
N PRO A 289 -40.48 10.47 31.52
CA PRO A 289 -39.44 10.37 32.55
C PRO A 289 -39.18 8.93 32.96
N VAL A 290 -38.47 8.74 34.07
CA VAL A 290 -38.15 7.40 34.54
C VAL A 290 -39.13 6.92 35.62
N GLU A 291 -39.76 7.86 36.33
CA GLU A 291 -40.74 7.59 37.38
C GLU A 291 -40.17 6.75 38.52
N ASP A 292 -38.85 6.52 38.55
CA ASP A 292 -38.23 5.73 39.60
C ASP A 292 -36.72 5.97 39.62
N ILE A 293 -36.20 6.47 40.74
CA ILE A 293 -34.78 6.77 40.82
C ILE A 293 -33.97 5.48 41.03
N SER A 294 -34.49 4.56 41.84
CA SER A 294 -33.77 3.33 42.12
C SER A 294 -33.82 2.35 40.95
N SER A 295 -34.96 2.29 40.25
CA SER A 295 -35.14 1.37 39.14
C SER A 295 -34.43 1.92 37.90
N ASN A 296 -33.10 1.78 37.90
CA ASN A 296 -32.28 2.24 36.79
C ASN A 296 -30.94 1.54 36.87
N ARG A 297 -30.52 0.90 35.78
CA ARG A 297 -29.26 0.17 35.77
C ARG A 297 -28.07 1.10 35.89
N ILE A 298 -28.11 2.24 35.20
CA ILE A 298 -27.01 3.20 35.29
C ILE A 298 -26.91 3.77 36.70
N TYR A 299 -28.06 4.15 37.27
CA TYR A 299 -28.06 4.63 38.65
C TYR A 299 -27.62 3.55 39.62
N LYS A 300 -27.99 2.30 39.35
CA LYS A 300 -27.60 1.19 40.22
C LYS A 300 -26.08 1.01 40.21
N ILE A 301 -25.47 0.98 39.03
CA ILE A 301 -24.03 0.79 38.96
C ILE A 301 -23.29 2.03 39.48
N LEU A 302 -23.88 3.22 39.34
CA LEU A 302 -23.26 4.42 39.86
C LEU A 302 -23.27 4.41 41.39
N GLU A 303 -24.37 3.96 42.00
CA GLU A 303 -24.43 3.85 43.45
C GLU A 303 -23.55 2.72 43.95
N LEU A 304 -23.38 1.66 43.17
CA LEU A 304 -22.51 0.56 43.56
C LEU A 304 -21.04 0.97 43.50
N ASN A 305 -20.67 1.80 42.52
CA ASN A 305 -19.30 2.26 42.42
C ASN A 305 -18.94 3.22 43.55
N GLY A 306 -19.95 3.90 44.11
CA GLY A 306 -19.74 4.82 45.21
C GLY A 306 -19.63 6.28 44.82
N TYR A 307 -19.90 6.63 43.57
CA TYR A 307 -19.81 8.01 43.13
C TYR A 307 -21.08 8.78 43.48
N ASP A 308 -20.99 10.10 43.39
CA ASP A 308 -22.13 10.95 43.69
C ASP A 308 -23.10 10.95 42.50
N PRO A 309 -24.40 10.78 42.74
CA PRO A 309 -25.36 10.75 41.62
C PRO A 309 -25.57 12.11 40.98
N GLN A 310 -25.85 13.13 41.81
CA GLN A 310 -26.12 14.46 41.29
C GLN A 310 -24.88 15.06 40.64
N TYR A 311 -23.70 14.85 41.25
CA TYR A 311 -22.47 15.39 40.67
C TYR A 311 -22.18 14.74 39.32
N ALA A 312 -22.31 13.42 39.22
CA ALA A 312 -22.09 12.75 37.95
C ALA A 312 -23.13 13.17 36.92
N ALA A 313 -24.38 13.38 37.33
CA ALA A 313 -25.41 13.84 36.40
C ALA A 313 -25.07 15.23 35.86
N SER A 314 -24.63 16.13 36.74
CA SER A 314 -24.26 17.47 36.29
C SER A 314 -23.03 17.43 35.39
N VAL A 315 -22.08 16.54 35.69
CA VAL A 315 -20.90 16.40 34.84
C VAL A 315 -21.29 15.89 33.45
N PHE A 316 -22.21 14.92 33.40
CA PHE A 316 -22.68 14.43 32.11
C PHE A 316 -23.44 15.50 31.34
N LEU A 317 -24.22 16.32 32.06
CA LEU A 317 -24.92 17.42 31.41
C LEU A 317 -23.95 18.43 30.83
N GLY A 318 -22.90 18.78 31.57
CA GLY A 318 -21.89 19.67 31.05
C GLY A 318 -21.11 19.08 29.89
N TRP A 319 -20.93 17.76 29.90
CA TRP A 319 -20.25 17.09 28.80
C TRP A 319 -21.11 17.10 27.54
N ALA A 320 -22.43 16.93 27.70
CA ALA A 320 -23.31 16.90 26.54
C ALA A 320 -23.41 18.27 25.88
N THR A 321 -23.43 19.34 26.67
CA THR A 321 -23.52 20.70 26.15
C THR A 321 -22.16 21.32 25.87
N LYS A 322 -21.07 20.67 26.28
CA LYS A 322 -19.71 21.15 26.06
C LYS A 322 -19.53 22.57 26.64
N LYS A 323 -19.68 22.65 27.96
CA LYS A 323 -19.53 23.94 28.65
C LYS A 323 -18.08 24.31 28.89
N PHE A 324 -17.16 23.35 28.80
CA PHE A 324 -15.74 23.62 29.01
C PHE A 324 -14.95 23.70 27.72
N GLY A 325 -15.34 22.94 26.69
CA GLY A 325 -14.62 22.97 25.43
C GLY A 325 -13.41 22.08 25.42
N LYS A 326 -12.31 22.55 26.02
CA LYS A 326 -11.07 21.79 26.06
C LYS A 326 -11.10 20.68 27.10
N ARG A 327 -12.04 20.72 28.04
CA ARG A 327 -12.14 19.73 29.10
C ARG A 327 -13.52 19.07 29.02
N ASN A 328 -13.73 18.30 27.94
CA ASN A 328 -15.01 17.60 27.71
C ASN A 328 -14.68 16.24 27.09
N THR A 329 -14.39 15.26 27.94
CA THR A 329 -14.05 13.92 27.47
C THR A 329 -14.41 12.92 28.57
N ILE A 330 -15.22 11.93 28.21
CA ILE A 330 -15.63 10.90 29.16
C ILE A 330 -14.50 9.89 29.33
N TRP A 331 -14.15 9.61 30.59
CA TRP A 331 -13.09 8.67 30.93
C TRP A 331 -13.67 7.55 31.79
N LEU A 332 -13.33 6.31 31.45
CA LEU A 332 -13.77 5.14 32.19
C LEU A 332 -12.54 4.32 32.57
N PHE A 333 -12.28 4.21 33.87
CA PHE A 333 -11.14 3.47 34.38
C PHE A 333 -11.58 2.55 35.51
N GLY A 334 -11.07 1.32 35.51
CA GLY A 334 -11.41 0.36 36.52
C GLY A 334 -11.13 -1.07 36.08
N PRO A 335 -11.57 -2.04 36.87
CA PRO A 335 -11.35 -3.44 36.51
C PRO A 335 -12.31 -3.90 35.42
N ALA A 336 -11.90 -4.97 34.74
CA ALA A 336 -12.70 -5.55 33.67
C ALA A 336 -13.73 -6.55 34.15
N THR A 337 -13.72 -6.89 35.44
CA THR A 337 -14.69 -7.84 35.99
C THR A 337 -16.07 -7.23 36.20
N THR A 338 -16.20 -5.91 36.15
CA THR A 338 -17.50 -5.28 36.33
C THR A 338 -18.38 -5.46 35.10
N GLY A 339 -17.80 -5.35 33.91
CA GLY A 339 -18.55 -5.50 32.68
C GLY A 339 -18.85 -4.19 32.00
N LYS A 340 -17.82 -3.33 31.86
CA LYS A 340 -18.00 -2.04 31.21
C LYS A 340 -18.16 -2.17 29.70
N THR A 341 -17.72 -3.29 29.12
CA THR A 341 -17.83 -3.46 27.68
C THR A 341 -19.29 -3.55 27.23
N ASN A 342 -20.12 -4.26 28.00
CA ASN A 342 -21.53 -4.36 27.64
C ASN A 342 -22.24 -3.02 27.77
N ILE A 343 -21.91 -2.24 28.80
CA ILE A 343 -22.51 -0.93 28.96
C ILE A 343 -22.07 0.00 27.83
N ALA A 344 -20.79 -0.08 27.45
CA ALA A 344 -20.31 0.73 26.33
C ALA A 344 -21.00 0.35 25.03
N GLU A 345 -21.18 -0.95 24.80
CA GLU A 345 -21.90 -1.40 23.60
C GLU A 345 -23.35 -0.90 23.61
N ALA A 346 -24.01 -0.98 24.75
CA ALA A 346 -25.39 -0.50 24.84
C ALA A 346 -25.49 0.99 24.58
N ILE A 347 -24.56 1.77 25.16
CA ILE A 347 -24.59 3.22 24.96
C ILE A 347 -24.30 3.56 23.50
N ALA A 348 -23.38 2.83 22.86
CA ALA A 348 -23.08 3.07 21.46
C ALA A 348 -24.24 2.68 20.56
N HIS A 349 -24.98 1.63 20.92
CA HIS A 349 -26.11 1.20 20.11
C HIS A 349 -27.33 2.09 20.29
N THR A 350 -27.48 2.70 21.47
CA THR A 350 -28.62 3.59 21.70
C THR A 350 -28.49 4.89 20.91
N VAL A 351 -27.29 5.26 20.50
CA VAL A 351 -27.04 6.47 19.72
C VAL A 351 -26.91 6.08 18.25
N PRO A 352 -27.67 6.70 17.35
CA PRO A 352 -27.57 6.28 15.93
C PRO A 352 -26.27 6.73 15.27
N PHE A 353 -25.81 7.94 15.55
CA PHE A 353 -24.58 8.47 14.95
C PHE A 353 -23.47 8.40 15.98
N TYR A 354 -22.47 7.55 15.73
CA TYR A 354 -21.34 7.40 16.63
C TYR A 354 -20.17 6.83 15.85
N GLY A 355 -18.96 7.13 16.33
CA GLY A 355 -17.75 6.65 15.71
C GLY A 355 -16.84 5.97 16.74
N CYS A 356 -15.87 5.23 16.21
CA CYS A 356 -14.92 4.53 17.05
C CYS A 356 -13.52 4.69 16.48
N VAL A 357 -12.52 4.61 17.36
CA VAL A 357 -11.13 4.73 16.95
C VAL A 357 -10.64 3.35 16.52
N ASN A 358 -10.22 3.23 15.26
CA ASN A 358 -9.74 1.97 14.72
C ASN A 358 -8.26 1.82 15.00
N TRP A 359 -7.86 0.64 15.48
CA TRP A 359 -6.48 0.34 15.81
C TRP A 359 -5.85 -0.67 14.86
N THR A 360 -6.61 -1.20 13.90
CA THR A 360 -6.06 -2.20 12.99
C THR A 360 -5.10 -1.59 11.98
N ASN A 361 -5.34 -0.35 11.56
CA ASN A 361 -4.51 0.34 10.60
C ASN A 361 -4.07 1.68 11.17
N GLU A 362 -2.78 1.98 11.06
CA GLU A 362 -2.23 3.24 11.56
C GLU A 362 -2.27 4.35 10.52
N ASN A 363 -2.81 4.09 9.33
CA ASN A 363 -2.88 5.12 8.29
C ASN A 363 -3.96 6.14 8.62
N PHE A 364 -5.21 5.68 8.73
CA PHE A 364 -6.34 6.55 9.05
C PHE A 364 -7.14 5.91 10.19
N PRO A 365 -6.73 6.14 11.43
CA PRO A 365 -7.46 5.54 12.57
C PRO A 365 -8.80 6.17 12.86
N PHE A 366 -9.09 7.34 12.28
CA PHE A 366 -10.35 8.05 12.50
C PHE A 366 -11.12 8.07 11.18
N ASN A 367 -11.80 6.96 10.90
CA ASN A 367 -12.60 6.82 9.68
C ASN A 367 -14.09 6.78 9.95
N ASP A 368 -14.53 6.10 11.02
CA ASP A 368 -15.94 6.03 11.34
C ASP A 368 -16.43 7.19 12.19
N CYS A 369 -15.51 7.95 12.78
CA CYS A 369 -15.85 9.10 13.63
C CYS A 369 -15.66 10.40 12.88
N VAL A 370 -16.16 10.47 11.65
CA VAL A 370 -16.04 11.66 10.81
C VAL A 370 -17.34 12.45 10.93
N ASP A 371 -17.27 13.62 11.59
CA ASP A 371 -18.42 14.49 11.79
C ASP A 371 -19.56 13.76 12.50
N LYS A 372 -19.20 12.92 13.46
CA LYS A 372 -20.19 12.14 14.21
C LYS A 372 -20.61 12.92 15.45
N MET A 373 -21.25 12.24 16.39
CA MET A 373 -21.71 12.86 17.64
C MET A 373 -20.91 12.43 18.86
N VAL A 374 -20.54 11.16 18.96
CA VAL A 374 -19.77 10.63 20.08
C VAL A 374 -18.73 9.67 19.56
N ILE A 375 -17.50 9.80 20.04
CA ILE A 375 -16.39 8.94 19.63
C ILE A 375 -16.09 7.97 20.77
N TRP A 376 -15.67 6.77 20.41
CA TRP A 376 -15.30 5.74 21.36
C TRP A 376 -13.83 5.38 21.17
N TRP A 377 -13.17 5.03 22.28
CA TRP A 377 -11.78 4.62 22.27
C TRP A 377 -11.67 3.15 22.65
N GLU A 378 -10.50 2.57 22.38
CA GLU A 378 -10.29 1.15 22.65
C GLU A 378 -9.63 1.00 24.03
N GLU A 379 -8.95 -0.13 24.24
CA GLU A 379 -8.30 -0.44 25.51
C GLU A 379 -6.82 -0.65 25.27
N GLY A 380 -5.98 -0.01 26.09
CA GLY A 380 -4.55 -0.13 25.99
C GLY A 380 -3.90 1.21 25.72
N LYS A 381 -2.70 1.16 25.14
CA LYS A 381 -1.92 2.35 24.81
C LYS A 381 -1.73 2.43 23.30
N MET A 382 -1.16 3.54 22.86
CA MET A 382 -0.91 3.80 21.44
C MET A 382 0.39 4.55 21.27
N THR A 383 0.84 4.65 20.03
CA THR A 383 2.07 5.37 19.72
C THR A 383 1.84 6.88 19.74
N ALA A 384 2.93 7.63 19.66
CA ALA A 384 2.83 9.09 19.74
C ALA A 384 2.18 9.68 18.51
N LYS A 385 2.35 9.05 17.34
CA LYS A 385 1.77 9.59 16.11
C LYS A 385 0.26 9.66 16.20
N VAL A 386 -0.38 8.64 16.79
CA VAL A 386 -1.83 8.68 16.99
C VAL A 386 -2.21 9.37 18.28
N VAL A 387 -1.34 9.39 19.28
CA VAL A 387 -1.63 10.09 20.52
C VAL A 387 -1.77 11.59 20.27
N GLU A 388 -0.91 12.15 19.41
CA GLU A 388 -1.02 13.57 19.09
C GLU A 388 -2.31 13.88 18.37
N SER A 389 -2.72 13.02 17.43
CA SER A 389 -3.99 13.24 16.74
C SER A 389 -5.17 13.13 17.70
N ALA A 390 -5.12 12.17 18.63
CA ALA A 390 -6.18 12.05 19.62
C ALA A 390 -6.24 13.28 20.52
N LYS A 391 -5.08 13.80 20.93
CA LYS A 391 -5.07 15.00 21.75
C LYS A 391 -5.60 16.20 20.99
N ALA A 392 -5.30 16.29 19.70
CA ALA A 392 -5.82 17.40 18.89
C ALA A 392 -7.33 17.26 18.66
N ILE A 393 -7.84 16.03 18.61
CA ILE A 393 -9.27 15.83 18.39
C ILE A 393 -10.06 16.10 19.65
N LEU A 394 -9.74 15.40 20.74
CA LEU A 394 -10.48 15.55 21.99
C LEU A 394 -10.09 16.79 22.77
N GLY A 395 -9.10 17.56 22.31
CA GLY A 395 -8.66 18.75 22.99
C GLY A 395 -9.57 19.95 22.86
N GLY A 396 -10.74 19.80 22.25
CA GLY A 396 -11.66 20.90 22.08
C GLY A 396 -11.19 21.90 21.05
N SER A 397 -11.09 21.47 19.80
CA SER A 397 -10.62 22.34 18.72
C SER A 397 -11.15 21.81 17.40
N LYS A 398 -12.06 22.56 16.78
CA LYS A 398 -12.60 22.21 15.47
C LYS A 398 -11.49 22.34 14.45
N VAL A 399 -10.95 21.21 13.99
CA VAL A 399 -9.83 21.21 13.05
C VAL A 399 -10.05 20.11 12.03
N ARG A 400 -9.42 20.26 10.87
CA ARG A 400 -9.55 19.31 9.77
C ARG A 400 -8.29 18.46 9.67
N VAL A 401 -8.48 17.19 9.31
CA VAL A 401 -7.38 16.23 9.15
C VAL A 401 -7.71 15.30 8.00
N ASP A 402 -6.71 14.55 7.57
CA ASP A 402 -6.89 13.60 6.46
C ASP A 402 -7.87 12.52 6.85
N GLN A 403 -8.90 12.34 6.02
CA GLN A 403 -9.95 11.34 6.27
C GLN A 403 -9.61 10.02 5.57
N LYS A 404 -9.73 10.00 4.25
CA LYS A 404 -9.44 8.80 3.48
C LYS A 404 -8.25 9.03 2.56
N CYS A 405 -8.22 8.32 1.43
CA CYS A 405 -7.13 8.46 0.47
C CYS A 405 -7.28 9.77 -0.29
N LYS A 406 -6.34 10.70 -0.07
CA LYS A 406 -6.34 12.01 -0.72
C LYS A 406 -7.65 12.76 -0.45
N SER A 407 -7.99 12.86 0.84
CA SER A 407 -9.20 13.54 1.25
C SER A 407 -8.96 14.20 2.61
N SER A 408 -9.91 15.04 3.00
CA SER A 408 -9.84 15.75 4.27
C SER A 408 -11.24 15.91 4.84
N ALA A 409 -11.31 15.99 6.18
CA ALA A 409 -12.60 16.15 6.90
C ALA A 409 -12.36 16.94 8.19
N GLN A 410 -13.27 17.87 8.51
CA GLN A 410 -13.16 18.70 9.74
C GLN A 410 -13.67 17.91 10.94
N ILE A 411 -13.36 18.38 12.15
CA ILE A 411 -13.81 17.69 13.41
C ILE A 411 -14.25 18.76 14.42
N ASP A 412 -15.47 18.60 14.96
CA ASP A 412 -16.02 19.57 15.95
C ASP A 412 -15.85 18.99 17.36
N PRO A 413 -15.59 19.82 18.40
CA PRO A 413 -15.43 19.32 19.77
C PRO A 413 -16.62 18.45 20.19
N THR A 414 -16.51 17.13 19.95
CA THR A 414 -17.57 16.20 20.29
C THR A 414 -17.13 15.28 21.43
N PRO A 415 -18.07 14.77 22.21
CA PRO A 415 -17.70 13.93 23.36
C PRO A 415 -16.96 12.66 22.93
N VAL A 416 -15.93 12.32 23.71
CA VAL A 416 -15.14 11.12 23.51
C VAL A 416 -15.22 10.28 24.78
N ILE A 417 -15.39 8.96 24.61
CA ILE A 417 -15.50 8.03 25.73
C ILE A 417 -14.35 7.04 25.62
N VAL A 418 -13.44 7.10 26.59
CA VAL A 418 -12.28 6.21 26.63
C VAL A 418 -12.65 4.97 27.43
N THR A 419 -12.52 3.80 26.80
CA THR A 419 -12.82 2.52 27.43
C THR A 419 -11.56 1.77 27.85
N SER A 420 -10.49 2.50 28.20
CA SER A 420 -9.24 1.89 28.61
C SER A 420 -9.32 1.55 30.10
N ASN A 421 -9.32 0.25 30.42
CA ASN A 421 -9.40 -0.19 31.80
C ASN A 421 -8.09 -0.01 32.56
N THR A 422 -6.99 0.24 31.86
CA THR A 422 -5.69 0.43 32.48
C THR A 422 -5.33 1.91 32.49
N ASN A 423 -4.16 2.21 33.05
CA ASN A 423 -3.66 3.58 33.15
C ASN A 423 -3.11 4.00 31.79
N MET A 424 -3.85 4.87 31.09
CA MET A 424 -3.43 5.35 29.78
C MET A 424 -2.55 6.60 29.86
N CYS A 425 -2.22 7.07 31.07
CA CYS A 425 -1.38 8.25 31.18
C CYS A 425 0.07 7.96 30.81
N ALA A 426 0.49 6.71 30.93
CA ALA A 426 1.86 6.32 30.58
C ALA A 426 1.97 6.21 29.07
N VAL A 427 2.67 7.17 28.46
CA VAL A 427 2.84 7.17 27.00
C VAL A 427 3.88 6.12 26.64
N ILE A 428 3.43 5.01 26.07
CA ILE A 428 4.31 3.91 25.67
C ILE A 428 4.28 3.82 24.15
N ASP A 429 5.43 4.08 23.52
CA ASP A 429 5.55 4.03 22.06
C ASP A 429 6.01 2.65 21.61
N GLY A 430 5.20 1.65 21.93
CA GLY A 430 5.50 0.26 21.57
C GLY A 430 6.45 -0.46 22.50
N ASN A 431 7.61 0.14 22.79
CA ASN A 431 8.58 -0.48 23.70
C ASN A 431 9.22 0.49 24.67
N SER A 432 9.23 1.80 24.41
CA SER A 432 9.83 2.78 25.30
C SER A 432 8.73 3.52 26.06
N THR A 433 8.82 3.50 27.39
CA THR A 433 7.84 4.16 28.25
C THR A 433 8.33 5.56 28.55
N THR A 434 7.58 6.56 28.10
CA THR A 434 7.90 7.97 28.31
C THR A 434 6.89 8.60 29.25
N PHE A 435 7.24 9.79 29.75
CA PHE A 435 6.36 10.49 30.68
C PHE A 435 6.30 12.00 30.41
N GLU A 436 6.70 12.46 29.23
CA GLU A 436 6.67 13.87 28.90
C GLU A 436 5.30 14.35 28.41
N HIS A 437 4.40 13.43 28.07
CA HIS A 437 3.07 13.76 27.60
C HIS A 437 2.01 13.24 28.55
N GLN A 438 2.20 13.48 29.85
CA GLN A 438 1.26 13.04 30.87
C GLN A 438 0.45 14.19 31.47
N GLN A 439 1.08 15.34 31.71
CA GLN A 439 0.35 16.47 32.26
C GLN A 439 -0.62 17.08 31.26
N PRO A 440 -0.23 17.40 30.02
CA PRO A 440 -1.22 17.92 29.07
C PRO A 440 -2.27 16.89 28.68
N LEU A 441 -1.96 15.60 28.76
CA LEU A 441 -2.96 14.58 28.48
C LEU A 441 -4.02 14.53 29.57
N GLN A 442 -3.60 14.67 30.83
CA GLN A 442 -4.55 14.66 31.94
C GLN A 442 -5.26 16.00 32.11
N ASP A 443 -4.70 17.08 31.57
CA ASP A 443 -5.31 18.40 31.66
C ASP A 443 -6.39 18.64 30.60
N ARG A 444 -6.93 17.58 30.01
CA ARG A 444 -7.97 17.71 29.00
C ARG A 444 -9.24 16.93 29.34
N MET A 445 -9.27 16.21 30.45
CA MET A 445 -10.44 15.44 30.84
C MET A 445 -10.47 15.32 32.36
N PHE A 446 -11.63 14.92 32.88
CA PHE A 446 -11.80 14.74 34.31
C PHE A 446 -11.35 13.34 34.73
N LYS A 447 -10.71 13.27 35.90
CA LYS A 447 -10.22 11.99 36.39
C LYS A 447 -11.38 11.14 36.90
N PHE A 448 -11.39 9.87 36.51
CA PHE A 448 -12.44 8.94 36.91
C PHE A 448 -11.80 7.60 37.26
N GLU A 449 -12.28 7.00 38.35
CA GLU A 449 -11.75 5.72 38.80
C GLU A 449 -12.83 5.01 39.62
N LEU A 450 -13.29 3.86 39.14
CA LEU A 450 -14.31 3.08 39.82
C LEU A 450 -13.81 1.67 40.08
N THR A 451 -14.22 1.10 41.21
CA THR A 451 -13.84 -0.25 41.60
C THR A 451 -15.09 -0.99 42.06
N ARG A 452 -15.49 -2.01 41.31
CA ARG A 452 -16.66 -2.80 41.66
C ARG A 452 -16.57 -4.16 40.97
N ARG A 453 -16.95 -5.21 41.69
CA ARG A 453 -16.93 -6.57 41.19
C ARG A 453 -18.36 -7.05 40.99
N LEU A 454 -18.69 -7.44 39.76
CA LEU A 454 -20.01 -7.92 39.41
C LEU A 454 -19.93 -9.40 39.01
N ASP A 455 -21.08 -9.94 38.61
CA ASP A 455 -21.16 -11.34 38.21
C ASP A 455 -21.80 -11.48 36.83
N HIS A 456 -23.12 -11.57 36.80
CA HIS A 456 -23.87 -11.70 35.56
C HIS A 456 -25.00 -10.66 35.53
N ASP A 457 -25.82 -10.73 34.48
CA ASP A 457 -26.95 -9.83 34.29
C ASP A 457 -26.49 -8.37 34.29
N PHE A 458 -25.89 -7.92 33.20
CA PHE A 458 -25.42 -6.55 33.09
C PHE A 458 -25.32 -6.17 31.62
N GLY A 459 -25.54 -4.90 31.34
CA GLY A 459 -25.47 -4.39 29.98
C GLY A 459 -26.68 -4.75 29.16
N LYS A 460 -26.60 -4.40 27.87
CA LYS A 460 -27.67 -4.64 26.90
C LYS A 460 -28.98 -4.00 27.35
N VAL A 461 -28.99 -2.67 27.36
CA VAL A 461 -30.16 -1.90 27.76
C VAL A 461 -30.93 -1.46 26.53
N THR A 462 -32.13 -0.95 26.73
CA THR A 462 -32.97 -0.48 25.62
C THR A 462 -32.69 0.99 25.34
N LYS A 463 -33.40 1.52 24.34
CA LYS A 463 -33.25 2.91 23.94
C LYS A 463 -34.15 3.86 24.73
N GLN A 464 -34.93 3.35 25.67
CA GLN A 464 -35.82 4.16 26.49
C GLN A 464 -35.24 4.49 27.86
N GLU A 465 -34.57 3.53 28.50
CA GLU A 465 -33.98 3.79 29.81
C GLU A 465 -32.89 4.85 29.74
N VAL A 466 -32.14 4.89 28.62
CA VAL A 466 -31.10 5.90 28.48
C VAL A 466 -31.72 7.30 28.42
N LYS A 467 -32.79 7.47 27.65
CA LYS A 467 -33.45 8.77 27.57
C LYS A 467 -34.12 9.12 28.89
N ASP A 468 -34.63 8.12 29.61
CA ASP A 468 -35.22 8.39 30.93
C ASP A 468 -34.17 8.89 31.91
N PHE A 469 -32.99 8.24 31.92
CA PHE A 469 -31.91 8.70 32.78
C PHE A 469 -31.42 10.08 32.37
N PHE A 470 -31.38 10.34 31.06
CA PHE A 470 -30.98 11.67 30.59
C PHE A 470 -31.96 12.74 31.04
N ARG A 471 -33.25 12.45 30.96
CA ARG A 471 -34.25 13.41 31.42
C ARG A 471 -34.17 13.62 32.93
N TRP A 472 -33.95 12.54 33.69
CA TRP A 472 -33.83 12.66 35.14
C TRP A 472 -32.60 13.46 35.52
N ALA A 473 -31.52 13.32 34.77
CA ALA A 473 -30.31 14.10 35.03
C ALA A 473 -30.50 15.56 34.62
N LYS A 474 -31.27 15.81 33.56
CA LYS A 474 -31.53 17.19 33.15
C LYS A 474 -32.43 17.90 34.14
N ASP A 475 -33.38 17.18 34.75
CA ASP A 475 -34.29 17.79 35.73
C ASP A 475 -33.59 18.21 37.01
N HIS A 476 -32.31 17.84 37.21
CA HIS A 476 -31.55 18.21 38.39
C HIS A 476 -30.23 18.82 37.95
N VAL A 477 -30.12 20.14 38.07
CA VAL A 477 -28.92 20.87 37.67
C VAL A 477 -28.10 21.18 38.91
N VAL A 478 -26.82 20.81 38.89
CA VAL A 478 -25.90 21.03 39.99
C VAL A 478 -24.69 21.79 39.48
N GLU A 479 -24.25 22.80 40.22
CA GLU A 479 -23.10 23.58 39.84
C GLU A 479 -21.81 22.77 40.03
N VAL A 480 -20.97 22.74 39.00
CA VAL A 480 -19.72 22.01 39.02
C VAL A 480 -18.60 23.00 38.69
N GLU A 481 -17.56 23.00 39.52
CA GLU A 481 -16.41 23.89 39.31
C GLU A 481 -15.44 23.27 38.32
N HIS A 482 -14.15 23.24 38.68
CA HIS A 482 -13.10 22.69 37.84
C HIS A 482 -12.29 21.65 38.60
N GLU A 483 -12.98 20.80 39.37
CA GLU A 483 -12.30 19.76 40.13
C GLU A 483 -11.83 18.65 39.21
N PHE A 484 -10.60 18.19 39.44
CA PHE A 484 -10.02 17.12 38.63
C PHE A 484 -10.68 15.78 38.95
N TYR A 485 -10.27 15.15 40.05
CA TYR A 485 -10.82 13.88 40.44
C TYR A 485 -12.20 14.06 41.07
N VAL A 486 -13.17 13.27 40.62
CA VAL A 486 -14.52 13.36 41.15
C VAL A 486 -14.57 12.69 42.52
N LYS A 487 -15.03 13.44 43.52
CA LYS A 487 -15.12 12.90 44.87
C LYS A 487 -16.26 11.89 44.98
N LYS A 488 -16.06 10.90 45.85
CA LYS A 488 -17.05 9.85 46.08
C LYS A 488 -17.92 10.14 47.30
N GLY A 489 -18.11 11.40 47.65
CA GLY A 489 -18.92 11.76 48.80
C GLY A 489 -20.35 12.10 48.43
N GLY A 490 -21.29 11.23 48.81
CA GLY A 490 -22.69 11.45 48.51
C GLY A 490 -23.30 10.37 47.66
N VAL B 215 -41.57 0.66 -9.87
CA VAL B 215 -41.91 1.90 -10.56
C VAL B 215 -41.79 1.71 -12.07
N ILE B 216 -40.56 1.70 -12.56
CA ILE B 216 -40.32 1.52 -13.99
C ILE B 216 -40.49 0.07 -14.39
N ARG B 217 -40.09 -0.86 -13.52
CA ARG B 217 -40.11 -2.30 -13.73
C ARG B 217 -39.78 -2.67 -15.19
N SER B 218 -38.57 -2.33 -15.58
CA SER B 218 -38.10 -2.57 -16.94
C SER B 218 -37.64 -4.04 -17.06
N LYS B 219 -36.97 -4.36 -18.17
CA LYS B 219 -36.50 -5.72 -18.38
C LYS B 219 -35.32 -6.06 -17.49
N THR B 220 -34.49 -5.07 -17.16
CA THR B 220 -33.33 -5.32 -16.32
C THR B 220 -33.76 -5.73 -14.91
N SER B 221 -34.72 -5.01 -14.33
CA SER B 221 -35.20 -5.36 -12.99
C SER B 221 -35.89 -6.72 -12.99
N ALA B 222 -36.64 -7.03 -14.06
CA ALA B 222 -37.29 -8.34 -14.14
C ALA B 222 -36.26 -9.46 -14.23
N ARG B 223 -35.21 -9.27 -15.03
CA ARG B 223 -34.17 -10.28 -15.12
C ARG B 223 -33.42 -10.43 -13.81
N TYR B 224 -33.18 -9.31 -13.11
CA TYR B 224 -32.53 -9.38 -11.81
C TYR B 224 -33.38 -10.15 -10.79
N MET B 225 -34.69 -9.89 -10.79
CA MET B 225 -35.57 -10.61 -9.88
C MET B 225 -35.63 -12.10 -10.24
N GLU B 226 -35.63 -12.42 -11.53
CA GLU B 226 -35.64 -13.81 -11.95
C GLU B 226 -34.35 -14.52 -11.51
N LEU B 227 -33.21 -13.85 -11.67
CA LEU B 227 -31.95 -14.44 -11.23
C LEU B 227 -31.92 -14.61 -9.72
N VAL B 228 -32.46 -13.64 -8.98
CA VAL B 228 -32.51 -13.76 -7.52
C VAL B 228 -33.36 -14.94 -7.11
N GLY B 229 -34.53 -15.09 -7.74
CA GLY B 229 -35.37 -16.24 -7.44
C GLY B 229 -34.73 -17.55 -7.79
N TRP B 230 -33.99 -17.59 -8.90
CA TRP B 230 -33.33 -18.81 -9.31
C TRP B 230 -32.19 -19.18 -8.36
N LEU B 231 -31.48 -18.17 -7.83
CA LEU B 231 -30.38 -18.47 -6.92
C LEU B 231 -30.86 -18.78 -5.51
N VAL B 232 -32.04 -18.27 -5.12
CA VAL B 232 -32.59 -18.60 -3.80
C VAL B 232 -33.46 -19.83 -3.82
N ASP B 233 -33.84 -20.33 -5.01
CA ASP B 233 -34.65 -21.54 -5.08
C ASP B 233 -33.84 -22.78 -4.70
N LYS B 234 -32.52 -22.74 -4.89
CA LYS B 234 -31.66 -23.86 -4.55
C LYS B 234 -30.67 -23.58 -3.43
N GLY B 235 -30.38 -22.31 -3.14
CA GLY B 235 -29.45 -21.97 -2.08
C GLY B 235 -28.01 -21.89 -2.54
N ILE B 236 -27.78 -21.11 -3.59
CA ILE B 236 -26.44 -20.91 -4.16
C ILE B 236 -26.18 -19.41 -4.22
N THR B 237 -25.21 -18.94 -3.43
CA THR B 237 -24.86 -17.53 -3.39
C THR B 237 -23.35 -17.34 -3.50
N SER B 238 -22.66 -18.25 -4.19
CA SER B 238 -21.22 -18.14 -4.35
C SER B 238 -20.83 -18.13 -5.83
N GLU B 239 -19.70 -18.73 -6.16
CA GLU B 239 -19.21 -18.77 -7.53
C GLU B 239 -19.01 -20.20 -8.02
N LYS B 240 -18.20 -21.00 -7.33
CA LYS B 240 -17.97 -22.37 -7.77
C LYS B 240 -19.24 -23.22 -7.68
N GLN B 241 -20.10 -22.95 -6.70
CA GLN B 241 -21.36 -23.67 -6.59
C GLN B 241 -22.24 -23.40 -7.81
N TRP B 242 -22.39 -22.13 -8.17
CA TRP B 242 -23.18 -21.79 -9.36
C TRP B 242 -22.54 -22.33 -10.62
N ILE B 243 -21.20 -22.38 -10.68
CA ILE B 243 -20.51 -22.95 -11.83
C ILE B 243 -20.87 -24.42 -11.97
N GLN B 244 -20.65 -25.21 -10.91
CA GLN B 244 -20.96 -26.63 -10.96
C GLN B 244 -22.45 -26.88 -11.17
N GLU B 245 -23.30 -25.92 -10.78
CA GLU B 245 -24.73 -26.08 -11.01
C GLU B 245 -25.08 -25.89 -12.48
N ASP B 246 -24.76 -24.72 -13.05
CA ASP B 246 -25.10 -24.42 -14.44
C ASP B 246 -24.02 -23.49 -15.01
N GLN B 247 -22.88 -24.09 -15.37
CA GLN B 247 -21.87 -23.35 -16.12
C GLN B 247 -22.44 -22.76 -17.41
N ALA B 248 -23.38 -23.46 -18.05
CA ALA B 248 -23.99 -22.93 -19.27
C ALA B 248 -24.76 -21.65 -18.98
N SER B 249 -25.60 -21.66 -17.94
CA SER B 249 -26.33 -20.46 -17.57
C SER B 249 -25.40 -19.34 -17.11
N TYR B 250 -24.31 -19.69 -16.44
CA TYR B 250 -23.33 -18.68 -16.02
C TYR B 250 -22.67 -18.03 -17.22
N ILE B 251 -22.29 -18.83 -18.22
CA ILE B 251 -21.70 -18.28 -19.43
C ILE B 251 -22.71 -17.41 -20.18
N SER B 252 -23.97 -17.84 -20.21
CA SER B 252 -25.00 -17.05 -20.87
C SER B 252 -25.20 -15.71 -20.17
N PHE B 253 -25.20 -15.71 -18.82
CA PHE B 253 -25.37 -14.47 -18.08
C PHE B 253 -24.15 -13.56 -18.25
N ASN B 254 -22.95 -14.13 -18.30
CA ASN B 254 -21.76 -13.33 -18.54
C ASN B 254 -21.76 -12.75 -19.96
N ALA B 255 -22.33 -13.47 -20.92
CA ALA B 255 -22.42 -12.94 -22.28
C ALA B 255 -23.51 -11.89 -22.41
N ALA B 256 -24.54 -11.97 -21.57
CA ALA B 256 -25.62 -11.00 -21.59
C ALA B 256 -25.14 -9.62 -21.15
N SER B 257 -24.80 -9.50 -19.87
CA SER B 257 -24.31 -8.23 -19.34
C SER B 257 -22.85 -8.01 -19.73
N ASN B 258 -22.54 -6.78 -20.13
CA ASN B 258 -21.19 -6.44 -20.56
C ASN B 258 -20.29 -6.07 -19.39
N SER B 259 -20.84 -5.57 -18.30
CA SER B 259 -20.05 -5.18 -17.14
C SER B 259 -19.93 -6.34 -16.15
N ARG B 260 -19.20 -6.10 -15.06
CA ARG B 260 -18.97 -7.09 -14.03
C ARG B 260 -19.47 -6.64 -12.67
N SER B 261 -20.17 -5.50 -12.59
CA SER B 261 -20.68 -5.01 -11.33
C SER B 261 -22.05 -5.56 -10.98
N GLN B 262 -22.82 -6.00 -11.99
CA GLN B 262 -24.14 -6.54 -11.74
C GLN B 262 -24.07 -7.83 -10.93
N ILE B 263 -23.18 -8.74 -11.32
CA ILE B 263 -23.03 -10.00 -10.58
C ILE B 263 -22.50 -9.73 -9.18
N LYS B 264 -21.62 -8.75 -9.04
CA LYS B 264 -21.08 -8.41 -7.73
C LYS B 264 -22.18 -7.90 -6.81
N ALA B 265 -23.02 -6.98 -7.32
CA ALA B 265 -24.13 -6.47 -6.52
C ALA B 265 -25.13 -7.56 -6.20
N ALA B 266 -25.37 -8.48 -7.15
CA ALA B 266 -26.28 -9.58 -6.90
C ALA B 266 -25.77 -10.46 -5.76
N LEU B 267 -24.49 -10.84 -5.82
CA LEU B 267 -23.90 -11.64 -4.75
C LEU B 267 -23.93 -10.91 -3.42
N ASP B 268 -23.67 -9.59 -3.45
CA ASP B 268 -23.66 -8.81 -2.22
C ASP B 268 -25.04 -8.79 -1.57
N ASN B 269 -26.08 -8.47 -2.35
CA ASN B 269 -27.41 -8.41 -1.75
C ASN B 269 -27.91 -9.80 -1.38
N ALA B 270 -27.52 -10.84 -2.11
CA ALA B 270 -27.90 -12.20 -1.71
C ALA B 270 -27.26 -12.59 -0.39
N GLY B 271 -25.98 -12.28 -0.21
CA GLY B 271 -25.34 -12.55 1.06
C GLY B 271 -25.95 -11.74 2.20
N LYS B 272 -26.28 -10.48 1.93
CA LYS B 272 -26.93 -9.65 2.95
C LYS B 272 -28.28 -10.22 3.35
N ILE B 273 -29.06 -10.69 2.38
CA ILE B 273 -30.35 -11.30 2.68
C ILE B 273 -30.17 -12.57 3.49
N MET B 274 -29.22 -13.41 3.08
CA MET B 274 -29.00 -14.66 3.80
C MET B 274 -28.47 -14.42 5.21
N SER B 275 -27.79 -13.30 5.44
CA SER B 275 -27.26 -13.03 6.77
C SER B 275 -28.24 -12.26 7.65
N LEU B 276 -29.19 -11.58 7.01
CA LEU B 276 -30.22 -10.80 7.75
C LEU B 276 -31.61 -11.39 7.48
N THR B 277 -31.80 -12.66 7.84
CA THR B 277 -33.11 -13.34 7.62
C THR B 277 -33.33 -14.37 8.75
N LYS B 278 -33.00 -15.64 8.46
CA LYS B 278 -33.16 -16.73 9.47
C LYS B 278 -31.82 -16.96 10.18
N THR B 279 -31.85 -17.63 11.33
CA THR B 279 -30.66 -17.91 12.10
C THR B 279 -29.90 -19.10 11.49
N ALA B 280 -28.66 -19.28 11.94
CA ALA B 280 -27.84 -20.37 11.41
C ALA B 280 -28.39 -21.75 11.76
N PRO B 281 -28.70 -22.08 13.02
CA PRO B 281 -29.19 -23.44 13.31
C PRO B 281 -30.44 -23.83 12.54
N ASP B 282 -31.21 -22.86 12.04
CA ASP B 282 -32.39 -23.17 11.23
C ASP B 282 -32.02 -24.03 10.03
N TYR B 283 -30.80 -23.88 9.51
CA TYR B 283 -30.29 -24.74 8.44
C TYR B 283 -29.06 -25.53 8.90
N LEU B 284 -29.00 -25.85 10.19
CA LEU B 284 -27.88 -26.63 10.72
C LEU B 284 -28.38 -27.78 11.58
N VAL B 285 -29.56 -27.61 12.19
CA VAL B 285 -30.11 -28.65 13.03
C VAL B 285 -30.61 -29.81 12.18
N GLY B 286 -30.63 -31.00 12.77
CA GLY B 286 -31.06 -32.20 12.07
C GLY B 286 -32.53 -32.51 12.32
N GLN B 287 -33.05 -33.45 11.52
CA GLN B 287 -34.43 -33.87 11.61
C GLN B 287 -34.57 -35.37 11.90
N GLN B 288 -33.48 -36.04 12.28
CA GLN B 288 -33.53 -37.46 12.58
C GLN B 288 -32.42 -37.83 13.56
N PRO B 289 -32.76 -38.36 14.73
CA PRO B 289 -31.72 -38.75 15.69
C PRO B 289 -30.97 -39.99 15.22
N VAL B 290 -29.84 -40.25 15.87
CA VAL B 290 -28.99 -41.39 15.56
C VAL B 290 -29.18 -42.52 16.55
N GLU B 291 -29.44 -42.20 17.82
CA GLU B 291 -29.65 -43.20 18.86
C GLU B 291 -28.46 -44.17 18.96
N ASP B 292 -27.26 -43.63 18.85
CA ASP B 292 -26.06 -44.45 18.92
C ASP B 292 -24.88 -43.57 19.34
N ILE B 293 -23.83 -44.21 19.83
CA ILE B 293 -22.64 -43.50 20.28
C ILE B 293 -21.37 -43.97 19.58
N SER B 294 -21.38 -45.12 18.90
CA SER B 294 -20.20 -45.63 18.21
C SER B 294 -20.29 -45.47 16.71
N SER B 295 -21.45 -45.12 16.16
CA SER B 295 -21.59 -44.96 14.72
C SER B 295 -20.96 -43.65 14.24
N ASN B 296 -21.14 -42.57 15.00
CA ASN B 296 -20.58 -41.28 14.63
C ASN B 296 -19.12 -41.18 15.09
N ARG B 297 -18.29 -40.55 14.26
CA ARG B 297 -16.89 -40.39 14.60
C ARG B 297 -16.70 -39.32 15.68
N ILE B 298 -17.48 -38.25 15.61
CA ILE B 298 -17.37 -37.20 16.62
C ILE B 298 -17.80 -37.72 17.99
N TYR B 299 -18.83 -38.56 18.03
CA TYR B 299 -19.26 -39.14 19.29
C TYR B 299 -18.19 -40.05 19.87
N LYS B 300 -17.54 -40.86 19.03
CA LYS B 300 -16.47 -41.72 19.51
C LYS B 300 -15.29 -40.90 20.00
N ILE B 301 -14.97 -39.80 19.31
CA ILE B 301 -13.87 -38.94 19.75
C ILE B 301 -14.20 -38.30 21.10
N LEU B 302 -15.42 -37.82 21.26
CA LEU B 302 -15.81 -37.21 22.53
C LEU B 302 -15.85 -38.23 23.66
N GLU B 303 -16.21 -39.48 23.35
CA GLU B 303 -16.21 -40.52 24.37
C GLU B 303 -14.79 -40.90 24.78
N LEU B 304 -13.88 -41.03 23.80
CA LEU B 304 -12.50 -41.37 24.12
C LEU B 304 -11.79 -40.22 24.82
N ASN B 305 -12.21 -38.98 24.57
CA ASN B 305 -11.59 -37.82 25.22
C ASN B 305 -12.01 -37.66 26.68
N GLY B 306 -13.06 -38.37 27.12
CA GLY B 306 -13.52 -38.27 28.48
C GLY B 306 -14.64 -37.27 28.70
N TYR B 307 -14.98 -36.46 27.70
CA TYR B 307 -16.04 -35.47 27.84
C TYR B 307 -17.40 -36.15 27.78
N ASP B 308 -18.36 -35.59 28.52
CA ASP B 308 -19.70 -36.15 28.53
C ASP B 308 -20.43 -35.78 27.24
N PRO B 309 -21.13 -36.73 26.61
CA PRO B 309 -21.85 -36.39 25.37
C PRO B 309 -22.99 -35.41 25.59
N GLN B 310 -23.80 -35.61 26.63
CA GLN B 310 -24.91 -34.71 26.89
C GLN B 310 -24.42 -33.31 27.26
N TYR B 311 -23.36 -33.23 28.07
CA TYR B 311 -22.83 -31.93 28.45
C TYR B 311 -22.27 -31.19 27.25
N ALA B 312 -21.53 -31.89 26.39
CA ALA B 312 -21.00 -31.25 25.19
C ALA B 312 -22.12 -30.82 24.25
N ALA B 313 -23.18 -31.63 24.14
CA ALA B 313 -24.32 -31.27 23.31
C ALA B 313 -25.01 -30.02 23.85
N SER B 314 -25.19 -29.94 25.17
CA SER B 314 -25.80 -28.76 25.75
C SER B 314 -24.93 -27.53 25.57
N VAL B 315 -23.61 -27.70 25.69
CA VAL B 315 -22.69 -26.57 25.49
C VAL B 315 -22.77 -26.08 24.04
N PHE B 316 -22.80 -27.00 23.09
CA PHE B 316 -22.90 -26.61 21.68
C PHE B 316 -24.23 -25.94 21.38
N LEU B 317 -25.31 -26.43 22.00
CA LEU B 317 -26.62 -25.81 21.80
C LEU B 317 -26.66 -24.40 22.37
N GLY B 318 -26.05 -24.21 23.55
CA GLY B 318 -26.01 -22.88 24.13
C GLY B 318 -25.09 -21.93 23.37
N TRP B 319 -24.05 -22.47 22.74
CA TRP B 319 -23.14 -21.63 21.97
C TRP B 319 -23.73 -21.25 20.62
N ALA B 320 -24.49 -22.15 19.99
CA ALA B 320 -25.06 -21.86 18.68
C ALA B 320 -26.21 -20.88 18.79
N THR B 321 -27.08 -21.06 19.79
CA THR B 321 -28.25 -20.20 19.97
C THR B 321 -27.93 -18.94 20.77
N LYS B 322 -26.66 -18.70 21.10
CA LYS B 322 -26.23 -17.53 21.87
C LYS B 322 -26.96 -17.44 23.20
N LYS B 323 -26.73 -18.46 24.04
CA LYS B 323 -27.38 -18.48 25.35
C LYS B 323 -26.72 -17.50 26.31
N PHE B 324 -25.39 -17.42 26.29
CA PHE B 324 -24.64 -16.51 27.15
C PHE B 324 -24.31 -15.20 26.48
N GLY B 325 -23.84 -15.24 25.23
CA GLY B 325 -23.50 -14.03 24.51
C GLY B 325 -22.09 -13.57 24.76
N LYS B 326 -21.76 -13.28 26.02
CA LYS B 326 -20.42 -12.83 26.37
C LYS B 326 -19.40 -13.96 26.35
N ARG B 327 -19.83 -15.17 26.72
CA ARG B 327 -18.93 -16.34 26.73
C ARG B 327 -19.16 -17.17 25.47
N ASN B 328 -18.77 -16.57 24.34
CA ASN B 328 -18.91 -17.18 23.02
C ASN B 328 -17.51 -17.50 22.50
N THR B 329 -16.93 -18.57 23.05
CA THR B 329 -15.58 -19.00 22.66
C THR B 329 -15.47 -20.50 22.81
N ILE B 330 -14.94 -21.15 21.78
CA ILE B 330 -14.70 -22.60 21.79
C ILE B 330 -13.21 -22.80 21.60
N TRP B 331 -12.50 -23.03 22.70
CA TRP B 331 -11.06 -23.23 22.67
C TRP B 331 -10.72 -24.71 22.45
N LEU B 332 -9.55 -24.94 21.87
CA LEU B 332 -9.04 -26.30 21.60
C LEU B 332 -7.59 -26.35 22.06
N PHE B 333 -7.40 -26.58 23.35
CA PHE B 333 -6.05 -26.65 23.91
C PHE B 333 -5.38 -27.96 23.52
N GLY B 334 -4.11 -27.88 23.13
CA GLY B 334 -3.36 -29.03 22.73
C GLY B 334 -3.04 -29.01 21.25
N PRO B 335 -2.29 -30.01 20.78
CA PRO B 335 -1.94 -30.07 19.35
C PRO B 335 -3.16 -30.34 18.49
N ALA B 336 -3.16 -29.74 17.29
CA ALA B 336 -4.30 -29.89 16.39
C ALA B 336 -4.38 -31.28 15.78
N THR B 337 -3.26 -32.00 15.69
CA THR B 337 -3.26 -33.32 15.07
C THR B 337 -3.56 -34.39 16.11
N THR B 338 -4.50 -34.11 17.02
CA THR B 338 -4.92 -35.05 18.05
C THR B 338 -6.44 -35.04 18.17
N GLY B 339 -7.11 -35.39 17.07
CA GLY B 339 -8.55 -35.44 17.03
C GLY B 339 -9.24 -34.14 16.68
N LYS B 340 -8.50 -33.03 16.59
CA LYS B 340 -9.09 -31.74 16.28
C LYS B 340 -9.22 -31.48 14.78
N THR B 341 -8.42 -32.15 13.96
CA THR B 341 -8.45 -31.91 12.51
C THR B 341 -9.79 -32.33 11.92
N ASN B 342 -10.28 -33.51 12.29
CA ASN B 342 -11.54 -34.00 11.75
C ASN B 342 -12.71 -33.14 12.18
N ILE B 343 -12.75 -32.76 13.47
CA ILE B 343 -13.83 -31.91 13.95
C ILE B 343 -13.78 -30.53 13.29
N ALA B 344 -12.57 -29.99 13.11
CA ALA B 344 -12.44 -28.70 12.44
C ALA B 344 -12.90 -28.76 11.00
N GLU B 345 -12.54 -29.84 10.29
CA GLU B 345 -12.98 -30.01 8.91
C GLU B 345 -14.49 -30.15 8.83
N ALA B 346 -15.08 -30.92 9.75
CA ALA B 346 -16.54 -31.07 9.75
C ALA B 346 -17.23 -29.74 10.03
N ILE B 347 -16.69 -28.95 10.96
CA ILE B 347 -17.28 -27.66 11.27
C ILE B 347 -17.16 -26.72 10.08
N ALA B 348 -16.00 -26.72 9.40
CA ALA B 348 -15.81 -25.84 8.26
C ALA B 348 -16.68 -26.24 7.07
N HIS B 349 -16.93 -27.54 6.90
CA HIS B 349 -17.75 -28.01 5.79
C HIS B 349 -19.24 -28.02 6.10
N THR B 350 -19.62 -27.89 7.38
CA THR B 350 -21.04 -27.87 7.71
C THR B 350 -21.68 -26.53 7.39
N VAL B 351 -20.99 -25.44 7.69
CA VAL B 351 -21.54 -24.10 7.44
C VAL B 351 -21.29 -23.73 5.98
N PRO B 352 -22.31 -23.24 5.26
CA PRO B 352 -22.10 -22.88 3.85
C PRO B 352 -21.24 -21.63 3.69
N PHE B 353 -21.58 -20.56 4.40
CA PHE B 353 -20.87 -19.30 4.32
C PHE B 353 -20.40 -18.90 5.71
N TYR B 354 -19.08 -18.88 5.92
CA TYR B 354 -18.51 -18.55 7.21
C TYR B 354 -17.30 -17.65 7.02
N GLY B 355 -16.98 -16.89 8.07
CA GLY B 355 -15.82 -16.03 8.03
C GLY B 355 -14.60 -16.67 8.66
N CYS B 356 -13.42 -16.20 8.26
CA CYS B 356 -12.16 -16.74 8.75
C CYS B 356 -11.22 -15.60 9.13
N VAL B 357 -10.38 -15.85 10.13
CA VAL B 357 -9.39 -14.88 10.57
C VAL B 357 -7.99 -15.41 10.28
N ASN B 358 -7.43 -15.04 9.13
CA ASN B 358 -6.10 -15.47 8.74
C ASN B 358 -5.07 -14.44 9.15
N TRP B 359 -3.88 -14.93 9.52
CA TRP B 359 -2.80 -14.07 9.95
C TRP B 359 -1.96 -13.54 8.79
N THR B 360 -2.29 -13.91 7.55
CA THR B 360 -1.55 -13.41 6.40
C THR B 360 -1.84 -11.95 6.11
N ASN B 361 -3.01 -11.45 6.52
CA ASN B 361 -3.36 -10.05 6.30
C ASN B 361 -2.64 -9.16 7.30
N GLU B 362 -1.84 -8.22 6.78
CA GLU B 362 -1.06 -7.29 7.63
C GLU B 362 -1.76 -5.93 7.65
N ASN B 363 -3.08 -5.92 7.89
CA ASN B 363 -3.88 -4.67 7.94
C ASN B 363 -5.16 -4.91 8.74
N PHE B 364 -6.02 -5.81 8.26
CA PHE B 364 -7.27 -6.12 8.94
C PHE B 364 -7.41 -7.64 9.02
N PRO B 365 -7.56 -8.21 10.21
CA PRO B 365 -7.66 -9.67 10.32
C PRO B 365 -8.99 -10.24 9.86
N PHE B 366 -10.01 -9.41 9.68
CA PHE B 366 -11.32 -9.90 9.26
C PHE B 366 -11.72 -9.33 7.91
N ASN B 367 -10.97 -9.68 6.86
CA ASN B 367 -11.28 -9.23 5.52
C ASN B 367 -12.38 -10.05 4.85
N ASP B 368 -12.76 -11.18 5.44
CA ASP B 368 -13.82 -12.02 4.89
C ASP B 368 -14.95 -12.26 5.90
N CYS B 369 -15.08 -11.38 6.89
CA CYS B 369 -16.12 -11.53 7.90
C CYS B 369 -17.14 -10.40 7.79
N VAL B 370 -17.73 -10.23 6.61
CA VAL B 370 -18.73 -9.17 6.39
C VAL B 370 -20.08 -9.78 6.73
N ASP B 371 -20.34 -9.89 8.04
CA ASP B 371 -21.57 -10.46 8.58
C ASP B 371 -21.79 -11.88 8.07
N LYS B 372 -21.06 -12.80 8.68
CA LYS B 372 -21.11 -14.21 8.34
C LYS B 372 -21.86 -14.98 9.43
N MET B 373 -21.94 -16.30 9.28
CA MET B 373 -22.64 -17.14 10.24
C MET B 373 -21.75 -17.50 11.43
N VAL B 374 -20.61 -18.14 11.17
CA VAL B 374 -19.66 -18.51 12.21
C VAL B 374 -18.27 -18.05 11.79
N ILE B 375 -17.43 -17.78 12.79
CA ILE B 375 -16.08 -17.28 12.58
C ILE B 375 -15.09 -18.37 12.95
N TRP B 376 -14.06 -18.52 12.12
CA TRP B 376 -12.96 -19.44 12.35
C TRP B 376 -11.75 -18.63 12.80
N TRP B 377 -11.07 -19.10 13.86
CA TRP B 377 -9.93 -18.41 14.43
C TRP B 377 -8.71 -19.29 14.41
N GLU B 378 -7.54 -18.66 14.28
CA GLU B 378 -6.26 -19.36 14.28
C GLU B 378 -5.31 -18.69 15.26
N GLU B 379 -4.35 -19.46 15.74
CA GLU B 379 -3.36 -18.97 16.69
C GLU B 379 -2.15 -18.39 15.95
N GLY B 380 -1.15 -17.98 16.71
CA GLY B 380 0.06 -17.41 16.17
C GLY B 380 0.47 -16.20 16.99
N LYS B 381 1.38 -15.40 16.42
CA LYS B 381 1.84 -14.18 17.07
C LYS B 381 0.73 -13.14 17.06
N MET B 382 0.27 -12.75 18.24
CA MET B 382 -0.83 -11.81 18.39
C MET B 382 -0.29 -10.46 18.86
N THR B 383 -0.50 -9.43 18.04
CA THR B 383 -0.13 -8.08 18.42
C THR B 383 -1.22 -7.46 19.28
N ALA B 384 -1.13 -6.14 19.51
CA ALA B 384 -2.12 -5.47 20.33
C ALA B 384 -3.42 -5.23 19.58
N LYS B 385 -3.31 -4.94 18.27
CA LYS B 385 -4.51 -4.63 17.49
C LYS B 385 -5.42 -5.85 17.36
N VAL B 386 -4.85 -7.01 17.01
CA VAL B 386 -5.67 -8.21 16.86
C VAL B 386 -6.21 -8.67 18.21
N VAL B 387 -5.44 -8.47 19.28
CA VAL B 387 -5.93 -8.83 20.61
C VAL B 387 -7.11 -7.96 21.00
N GLU B 388 -7.02 -6.66 20.75
CA GLU B 388 -8.14 -5.76 21.05
C GLU B 388 -9.35 -6.10 20.19
N SER B 389 -9.13 -6.43 18.92
CA SER B 389 -10.24 -6.80 18.05
C SER B 389 -10.93 -8.08 18.54
N ALA B 390 -10.14 -9.07 18.95
CA ALA B 390 -10.72 -10.30 19.48
C ALA B 390 -11.46 -10.05 20.78
N LYS B 391 -10.94 -9.17 21.63
CA LYS B 391 -11.61 -8.85 22.88
C LYS B 391 -12.93 -8.13 22.62
N ALA B 392 -12.96 -7.27 21.61
CA ALA B 392 -14.21 -6.57 21.28
C ALA B 392 -15.21 -7.49 20.60
N ILE B 393 -14.73 -8.47 19.84
CA ILE B 393 -15.64 -9.39 19.16
C ILE B 393 -16.22 -10.41 20.14
N LEU B 394 -15.41 -10.89 21.07
CA LEU B 394 -15.89 -11.89 22.03
C LEU B 394 -16.97 -11.34 22.94
N GLY B 395 -16.99 -10.02 23.14
CA GLY B 395 -18.03 -9.41 23.95
C GLY B 395 -19.40 -9.36 23.30
N GLY B 396 -19.48 -9.66 22.00
CA GLY B 396 -20.74 -9.63 21.29
C GLY B 396 -21.29 -8.23 21.10
N SER B 397 -20.81 -7.53 20.08
CA SER B 397 -21.24 -6.16 19.81
C SER B 397 -21.02 -5.85 18.34
N LYS B 398 -22.08 -5.44 17.65
CA LYS B 398 -21.97 -5.04 16.26
C LYS B 398 -21.23 -3.71 16.14
N VAL B 399 -19.92 -3.78 15.91
CA VAL B 399 -19.06 -2.60 15.89
C VAL B 399 -18.78 -2.21 14.45
N ARG B 400 -18.83 -0.90 14.18
CA ARG B 400 -18.55 -0.37 12.85
C ARG B 400 -17.05 -0.13 12.73
N VAL B 401 -16.37 -0.94 11.92
CA VAL B 401 -14.93 -0.84 11.75
C VAL B 401 -14.61 -0.80 10.26
N ASP B 402 -13.48 -0.19 9.93
CA ASP B 402 -13.06 -0.08 8.55
C ASP B 402 -12.72 -1.46 7.97
N GLN B 403 -13.06 -1.66 6.71
CA GLN B 403 -12.78 -2.94 6.05
C GLN B 403 -11.29 -3.08 5.76
N LYS B 404 -10.76 -2.19 4.92
CA LYS B 404 -9.34 -2.22 4.59
C LYS B 404 -8.87 -0.84 4.14
N CYS B 405 -9.38 -0.36 3.01
CA CYS B 405 -9.00 0.95 2.47
C CYS B 405 -10.22 1.58 1.84
N LYS B 406 -10.62 2.76 2.34
CA LYS B 406 -11.77 3.50 1.83
C LYS B 406 -13.04 2.66 1.90
N SER B 407 -13.22 1.94 2.99
CA SER B 407 -14.40 1.10 3.19
C SER B 407 -14.59 0.85 4.67
N SER B 408 -15.82 0.51 5.05
CA SER B 408 -16.16 0.24 6.43
C SER B 408 -17.43 -0.61 6.48
N ALA B 409 -17.52 -1.45 7.50
CA ALA B 409 -18.66 -2.34 7.67
C ALA B 409 -18.94 -2.52 9.16
N GLN B 410 -20.18 -2.89 9.46
CA GLN B 410 -20.63 -3.09 10.83
C GLN B 410 -20.64 -4.60 11.12
N ILE B 411 -19.60 -5.06 11.82
CA ILE B 411 -19.53 -6.47 12.18
C ILE B 411 -20.55 -6.78 13.25
N ASP B 412 -21.39 -7.78 12.99
CA ASP B 412 -22.49 -8.32 13.78
C ASP B 412 -21.98 -9.43 14.71
N PRO B 413 -22.49 -9.50 15.94
CA PRO B 413 -22.07 -10.58 16.85
C PRO B 413 -22.41 -11.94 16.29
N THR B 414 -21.38 -12.75 16.06
CA THR B 414 -21.52 -14.09 15.49
C THR B 414 -20.67 -15.06 16.30
N PRO B 415 -21.13 -16.31 16.44
CA PRO B 415 -20.34 -17.29 17.20
C PRO B 415 -19.00 -17.56 16.53
N VAL B 416 -17.97 -17.74 17.36
CA VAL B 416 -16.62 -17.98 16.88
C VAL B 416 -16.15 -19.34 17.40
N ILE B 417 -15.14 -19.88 16.72
CA ILE B 417 -14.53 -21.15 17.08
C ILE B 417 -13.03 -21.01 16.89
N VAL B 418 -12.27 -21.22 17.97
CA VAL B 418 -10.82 -21.07 17.97
C VAL B 418 -10.18 -22.45 17.90
N THR B 419 -9.27 -22.63 16.94
CA THR B 419 -8.54 -23.87 16.82
C THR B 419 -7.06 -23.66 17.11
N SER B 420 -6.75 -23.22 18.33
CA SER B 420 -5.38 -22.94 18.70
C SER B 420 -4.60 -24.24 18.93
N ASN B 421 -3.30 -24.09 19.12
CA ASN B 421 -2.40 -25.22 19.37
C ASN B 421 -1.66 -25.11 20.68
N THR B 422 -1.14 -23.93 21.03
CA THR B 422 -0.43 -23.69 22.27
C THR B 422 -1.31 -22.82 23.18
N ASN B 423 -0.69 -21.93 23.95
CA ASN B 423 -1.41 -21.04 24.86
C ASN B 423 -1.92 -19.84 24.07
N MET B 424 -3.23 -19.74 23.90
CA MET B 424 -3.81 -18.63 23.17
C MET B 424 -3.95 -17.38 24.02
N CYS B 425 -4.03 -17.53 25.35
CA CYS B 425 -4.21 -16.39 26.23
C CYS B 425 -2.95 -15.53 26.32
N ALA B 426 -1.78 -16.11 26.06
CA ALA B 426 -0.54 -15.36 26.13
C ALA B 426 -0.36 -14.48 24.90
N VAL B 427 0.27 -13.33 25.09
CA VAL B 427 0.53 -12.37 24.01
C VAL B 427 2.02 -12.41 23.73
N ILE B 428 2.40 -13.00 22.60
CA ILE B 428 3.79 -13.13 22.19
C ILE B 428 4.00 -12.29 20.93
N ASP B 429 4.97 -11.37 20.99
CA ASP B 429 5.29 -10.50 19.87
C ASP B 429 6.81 -10.46 19.72
N GLY B 430 7.32 -11.28 18.80
CA GLY B 430 8.75 -11.35 18.57
C GLY B 430 9.53 -11.84 19.77
N ASN B 431 9.82 -10.93 20.71
CA ASN B 431 10.54 -11.27 21.92
C ASN B 431 9.85 -10.75 23.18
N SER B 432 8.66 -10.18 23.05
CA SER B 432 7.92 -9.65 24.18
C SER B 432 6.79 -10.60 24.53
N THR B 433 6.76 -11.05 25.79
CA THR B 433 5.75 -11.97 26.29
C THR B 433 4.97 -11.28 27.40
N THR B 434 3.72 -10.92 27.10
CA THR B 434 2.84 -10.25 28.05
C THR B 434 1.58 -11.07 28.26
N PHE B 435 1.13 -11.15 29.52
CA PHE B 435 -0.07 -11.91 29.85
C PHE B 435 -0.70 -11.36 31.14
N GLU B 436 -0.60 -10.05 31.34
CA GLU B 436 -1.17 -9.45 32.54
C GLU B 436 -2.70 -9.45 32.49
N HIS B 437 -3.28 -9.31 31.30
CA HIS B 437 -4.73 -9.30 31.12
C HIS B 437 -5.29 -10.69 30.86
N GLN B 438 -4.73 -11.73 31.49
CA GLN B 438 -5.22 -13.09 31.27
C GLN B 438 -6.51 -13.36 32.04
N GLN B 439 -6.75 -12.65 33.14
CA GLN B 439 -7.96 -12.88 33.92
C GLN B 439 -9.22 -12.54 33.16
N PRO B 440 -9.36 -11.35 32.54
CA PRO B 440 -10.57 -11.09 31.74
C PRO B 440 -10.71 -12.00 30.54
N LEU B 441 -9.58 -12.38 29.92
CA LEU B 441 -9.64 -13.28 28.77
C LEU B 441 -10.16 -14.64 29.18
N GLN B 442 -9.68 -15.17 30.30
CA GLN B 442 -10.16 -16.48 30.77
C GLN B 442 -11.55 -16.39 31.38
N ASP B 443 -11.99 -15.21 31.80
CA ASP B 443 -13.34 -15.05 32.33
C ASP B 443 -14.38 -14.91 31.23
N ARG B 444 -14.01 -14.29 30.10
CA ARG B 444 -14.91 -14.09 28.98
C ARG B 444 -14.71 -15.12 27.87
N MET B 445 -14.29 -16.33 28.23
CA MET B 445 -14.07 -17.39 27.25
C MET B 445 -14.15 -18.73 27.94
N PHE B 446 -14.40 -19.78 27.16
CA PHE B 446 -14.47 -21.15 27.63
C PHE B 446 -13.20 -21.90 27.19
N LYS B 447 -13.20 -23.21 27.42
CA LYS B 447 -12.07 -24.04 27.05
C LYS B 447 -12.54 -25.47 26.85
N PHE B 448 -11.72 -26.25 26.13
CA PHE B 448 -12.01 -27.66 25.84
C PHE B 448 -10.68 -28.34 25.55
N GLU B 449 -9.92 -28.62 26.61
CA GLU B 449 -8.60 -29.23 26.46
C GLU B 449 -8.75 -30.72 26.18
N LEU B 450 -8.06 -31.19 25.15
CA LEU B 450 -8.08 -32.61 24.79
C LEU B 450 -6.76 -32.96 24.10
N THR B 451 -6.21 -34.13 24.46
CA THR B 451 -4.94 -34.57 23.91
C THR B 451 -4.97 -36.07 23.61
N ARG B 452 -6.01 -36.55 22.95
CA ARG B 452 -6.13 -37.95 22.59
C ARG B 452 -5.72 -38.16 21.13
N ARG B 453 -4.97 -39.25 20.89
CA ARG B 453 -4.49 -39.53 19.55
C ARG B 453 -5.65 -39.94 18.64
N LEU B 454 -5.59 -39.52 17.39
CA LEU B 454 -6.62 -39.79 16.39
C LEU B 454 -6.08 -40.82 15.41
N ASP B 455 -6.68 -42.01 15.38
CA ASP B 455 -6.22 -43.07 14.51
C ASP B 455 -6.52 -42.73 13.05
N HIS B 456 -5.70 -43.30 12.16
CA HIS B 456 -5.83 -43.04 10.73
C HIS B 456 -7.01 -43.79 10.12
N ASP B 457 -6.82 -44.35 8.93
CA ASP B 457 -7.86 -45.08 8.21
C ASP B 457 -9.11 -44.21 8.01
N PHE B 458 -9.95 -44.14 9.03
CA PHE B 458 -11.16 -43.32 8.94
C PHE B 458 -10.82 -41.85 9.06
N GLY B 459 -11.68 -41.02 8.48
CA GLY B 459 -11.48 -39.58 8.52
C GLY B 459 -12.49 -38.88 7.64
N LYS B 460 -12.31 -37.55 7.56
CA LYS B 460 -13.18 -36.68 6.78
C LYS B 460 -14.63 -36.83 7.19
N VAL B 461 -15.01 -36.20 8.30
CA VAL B 461 -16.38 -36.26 8.78
C VAL B 461 -17.27 -35.37 7.92
N THR B 462 -18.37 -35.93 7.43
CA THR B 462 -19.29 -35.19 6.58
C THR B 462 -20.23 -34.33 7.41
N LYS B 463 -21.42 -34.05 6.88
CA LYS B 463 -22.40 -33.21 7.56
C LYS B 463 -23.49 -34.01 8.27
N GLN B 464 -23.64 -35.30 7.94
CA GLN B 464 -24.67 -36.11 8.59
C GLN B 464 -24.38 -36.28 10.08
N GLU B 465 -23.11 -36.44 10.44
CA GLU B 465 -22.76 -36.57 11.86
C GLU B 465 -23.07 -35.29 12.62
N VAL B 466 -22.76 -34.14 12.04
CA VAL B 466 -23.05 -32.87 12.69
C VAL B 466 -24.56 -32.67 12.80
N LYS B 467 -25.31 -33.08 11.77
CA LYS B 467 -26.76 -32.97 11.81
C LYS B 467 -27.35 -33.84 12.92
N ASP B 468 -26.86 -35.07 13.04
CA ASP B 468 -27.34 -35.95 14.10
C ASP B 468 -26.96 -35.42 15.48
N PHE B 469 -25.77 -34.85 15.61
CA PHE B 469 -25.34 -34.27 16.89
C PHE B 469 -26.23 -33.09 17.27
N PHE B 470 -26.53 -32.22 16.31
CA PHE B 470 -27.40 -31.08 16.60
C PHE B 470 -28.81 -31.53 16.93
N ARG B 471 -29.30 -32.58 16.24
CA ARG B 471 -30.62 -33.10 16.56
C ARG B 471 -30.67 -33.68 17.96
N TRP B 472 -29.64 -34.44 18.35
CA TRP B 472 -29.60 -34.99 19.70
C TRP B 472 -29.45 -33.88 20.75
N ALA B 473 -28.76 -32.80 20.42
CA ALA B 473 -28.64 -31.68 21.35
C ALA B 473 -29.97 -30.96 21.51
N LYS B 474 -30.70 -30.77 20.42
CA LYS B 474 -31.99 -30.10 20.49
C LYS B 474 -33.05 -30.96 21.15
N ASP B 475 -32.94 -32.28 21.02
CA ASP B 475 -33.91 -33.19 21.63
C ASP B 475 -33.72 -33.24 23.13
N HIS B 476 -32.63 -33.87 23.58
CA HIS B 476 -32.34 -34.01 25.01
C HIS B 476 -31.87 -32.66 25.54
N VAL B 477 -32.69 -32.03 26.37
CA VAL B 477 -32.35 -30.74 26.95
C VAL B 477 -31.58 -30.95 28.24
N VAL B 478 -30.37 -30.41 28.29
CA VAL B 478 -29.50 -30.51 29.46
C VAL B 478 -29.15 -29.11 29.92
N GLU B 479 -29.28 -28.86 31.23
CA GLU B 479 -28.98 -27.54 31.76
C GLU B 479 -27.50 -27.23 31.63
N VAL B 480 -27.19 -26.05 31.09
CA VAL B 480 -25.82 -25.62 30.89
C VAL B 480 -25.35 -24.87 32.12
N GLU B 481 -24.19 -25.24 32.63
CA GLU B 481 -23.59 -24.62 33.80
C GLU B 481 -22.46 -23.69 33.40
N HIS B 482 -22.04 -22.85 34.34
CA HIS B 482 -20.96 -21.90 34.11
C HIS B 482 -19.64 -22.46 34.64
N GLU B 483 -19.21 -23.55 34.02
CA GLU B 483 -17.97 -24.23 34.39
C GLU B 483 -16.90 -23.88 33.37
N PHE B 484 -15.90 -23.10 33.80
CA PHE B 484 -14.82 -22.71 32.91
C PHE B 484 -13.86 -23.87 32.67
N TYR B 485 -13.19 -24.34 33.72
CA TYR B 485 -12.26 -25.46 33.61
C TYR B 485 -13.06 -26.76 33.52
N VAL B 486 -13.35 -27.17 32.29
CA VAL B 486 -14.12 -28.39 32.07
C VAL B 486 -13.24 -29.60 32.32
N LYS B 487 -13.73 -30.52 33.15
CA LYS B 487 -12.98 -31.72 33.47
C LYS B 487 -13.18 -32.78 32.38
N LYS B 488 -12.59 -33.96 32.60
CA LYS B 488 -12.70 -35.05 31.65
C LYS B 488 -13.47 -36.23 32.25
N GLY B 489 -14.75 -36.01 32.56
CA GLY B 489 -15.57 -37.06 33.14
C GLY B 489 -16.95 -37.14 32.50
N GLY B 490 -17.30 -38.33 32.02
CA GLY B 490 -18.59 -38.55 31.41
C GLY B 490 -18.50 -39.22 30.06
N VAL C 215 -30.59 -15.66 -21.42
CA VAL C 215 -30.93 -14.34 -20.92
C VAL C 215 -31.36 -13.44 -22.07
N ILE C 216 -30.39 -12.99 -22.87
CA ILE C 216 -30.68 -12.15 -24.02
C ILE C 216 -30.51 -12.90 -25.34
N ARG C 217 -29.53 -13.80 -25.44
CA ARG C 217 -29.21 -14.58 -26.64
C ARG C 217 -29.33 -13.78 -27.93
N SER C 218 -28.95 -12.50 -27.88
CA SER C 218 -29.01 -11.64 -29.06
C SER C 218 -27.81 -11.86 -29.95
N LYS C 219 -27.15 -10.77 -30.35
CA LYS C 219 -25.98 -10.89 -31.21
C LYS C 219 -24.68 -10.90 -30.40
N THR C 220 -24.53 -9.94 -29.48
CA THR C 220 -23.32 -9.90 -28.65
C THR C 220 -23.25 -11.11 -27.73
N SER C 221 -24.39 -11.57 -27.24
CA SER C 221 -24.41 -12.77 -26.39
C SER C 221 -23.92 -13.99 -27.16
N ALA C 222 -24.42 -14.16 -28.38
CA ALA C 222 -23.99 -15.29 -29.20
C ALA C 222 -22.52 -15.17 -29.57
N ARG C 223 -22.05 -13.94 -29.83
CA ARG C 223 -20.64 -13.74 -30.14
C ARG C 223 -19.76 -14.11 -28.96
N TYR C 224 -20.13 -13.68 -27.75
CA TYR C 224 -19.35 -14.03 -26.58
C TYR C 224 -19.41 -15.53 -26.29
N MET C 225 -20.56 -16.16 -26.56
CA MET C 225 -20.67 -17.59 -26.36
C MET C 225 -19.76 -18.36 -27.32
N GLU C 226 -19.76 -17.97 -28.60
CA GLU C 226 -18.87 -18.64 -29.55
C GLU C 226 -17.41 -18.36 -29.25
N LEU C 227 -17.10 -17.18 -28.70
CA LEU C 227 -15.73 -16.89 -28.31
C LEU C 227 -15.30 -17.77 -27.13
N VAL C 228 -16.17 -17.92 -26.14
CA VAL C 228 -15.87 -18.81 -25.01
C VAL C 228 -15.71 -20.24 -25.50
N GLY C 229 -16.54 -20.65 -26.47
CA GLY C 229 -16.41 -21.99 -27.01
C GLY C 229 -15.08 -22.20 -27.72
N TRP C 230 -14.70 -21.24 -28.58
CA TRP C 230 -13.43 -21.34 -29.29
C TRP C 230 -12.23 -21.19 -28.35
N LEU C 231 -12.43 -20.62 -27.16
CA LEU C 231 -11.36 -20.52 -26.19
C LEU C 231 -11.21 -21.77 -25.32
N VAL C 232 -12.32 -22.43 -24.99
CA VAL C 232 -12.28 -23.60 -24.11
C VAL C 232 -12.30 -24.93 -24.88
N ASP C 233 -12.42 -24.89 -26.21
CA ASP C 233 -12.44 -26.14 -26.97
C ASP C 233 -11.08 -26.84 -26.95
N LYS C 234 -10.00 -26.07 -26.85
CA LYS C 234 -8.65 -26.63 -26.83
C LYS C 234 -7.97 -26.54 -25.48
N GLY C 235 -8.35 -25.58 -24.63
CA GLY C 235 -7.74 -25.44 -23.32
C GLY C 235 -6.60 -24.45 -23.30
N ILE C 236 -6.93 -23.16 -23.19
CA ILE C 236 -5.94 -22.09 -23.16
C ILE C 236 -6.31 -21.13 -22.04
N THR C 237 -5.38 -20.93 -21.10
CA THR C 237 -5.62 -20.03 -19.97
C THR C 237 -4.58 -18.92 -19.85
N SER C 238 -3.53 -18.94 -20.66
CA SER C 238 -2.48 -17.93 -20.62
C SER C 238 -2.56 -17.07 -21.87
N GLU C 239 -1.91 -15.90 -21.81
CA GLU C 239 -1.91 -14.99 -22.95
C GLU C 239 -0.98 -15.49 -24.05
N LYS C 240 0.20 -16.00 -23.69
CA LYS C 240 1.14 -16.48 -24.69
C LYS C 240 0.60 -17.69 -25.44
N GLN C 241 -0.17 -18.54 -24.76
CA GLN C 241 -0.77 -19.70 -25.42
C GLN C 241 -1.74 -19.26 -26.52
N TRP C 242 -2.66 -18.36 -26.19
CA TRP C 242 -3.60 -17.85 -27.18
C TRP C 242 -2.88 -17.07 -28.28
N ILE C 243 -1.80 -16.37 -27.93
CA ILE C 243 -1.02 -15.65 -28.94
C ILE C 243 -0.45 -16.61 -29.96
N GLN C 244 0.27 -17.64 -29.48
CA GLN C 244 0.85 -18.63 -30.39
C GLN C 244 -0.22 -19.42 -31.13
N GLU C 245 -1.42 -19.55 -30.54
CA GLU C 245 -2.50 -20.25 -31.22
C GLU C 245 -3.01 -19.43 -32.41
N ASP C 246 -3.40 -18.17 -32.15
CA ASP C 246 -3.90 -17.32 -33.21
C ASP C 246 -3.72 -15.84 -32.88
N GLN C 247 -2.51 -15.32 -33.10
CA GLN C 247 -2.27 -13.89 -32.99
C GLN C 247 -3.28 -13.07 -33.79
N ALA C 248 -3.74 -13.59 -34.92
CA ALA C 248 -4.73 -12.87 -35.73
C ALA C 248 -6.01 -12.64 -34.95
N SER C 249 -6.60 -13.72 -34.41
CA SER C 249 -7.82 -13.58 -33.62
C SER C 249 -7.56 -12.81 -32.33
N TYR C 250 -6.35 -12.90 -31.78
CA TYR C 250 -6.02 -12.14 -30.57
C TYR C 250 -6.06 -10.65 -30.86
N ILE C 251 -5.44 -10.21 -31.95
CA ILE C 251 -5.47 -8.80 -32.33
C ILE C 251 -6.89 -8.38 -32.68
N SER C 252 -7.64 -9.26 -33.34
CA SER C 252 -9.03 -8.93 -33.68
C SER C 252 -9.86 -8.69 -32.42
N PHE C 253 -9.72 -9.54 -31.42
CA PHE C 253 -10.47 -9.37 -30.18
C PHE C 253 -9.98 -8.16 -29.39
N ASN C 254 -8.67 -7.88 -29.43
CA ASN C 254 -8.18 -6.69 -28.74
C ASN C 254 -8.65 -5.41 -29.41
N ALA C 255 -8.85 -5.43 -30.73
CA ALA C 255 -9.34 -4.25 -31.43
C ALA C 255 -10.86 -4.11 -31.31
N ALA C 256 -11.58 -5.22 -31.20
CA ALA C 256 -13.03 -5.21 -31.07
C ALA C 256 -13.49 -5.09 -29.62
N SER C 257 -12.71 -4.41 -28.78
CA SER C 257 -13.07 -4.23 -27.38
C SER C 257 -12.38 -2.98 -26.84
N ASN C 258 -13.12 -2.19 -26.07
CA ASN C 258 -12.57 -0.97 -25.51
C ASN C 258 -11.72 -1.25 -24.28
N SER C 259 -12.16 -2.17 -23.42
CA SER C 259 -11.43 -2.54 -22.22
C SER C 259 -10.79 -3.91 -22.40
N ARG C 260 -10.01 -4.31 -21.39
CA ARG C 260 -9.32 -5.59 -21.38
C ARG C 260 -9.81 -6.48 -20.24
N SER C 261 -11.01 -6.21 -19.73
CA SER C 261 -11.57 -7.01 -18.65
C SER C 261 -12.36 -8.21 -19.15
N GLN C 262 -12.92 -8.13 -20.35
CA GLN C 262 -13.69 -9.26 -20.88
C GLN C 262 -12.81 -10.47 -21.13
N ILE C 263 -11.62 -10.26 -21.70
CA ILE C 263 -10.71 -11.38 -21.94
C ILE C 263 -10.24 -11.98 -20.61
N LYS C 264 -10.01 -11.14 -19.60
CA LYS C 264 -9.61 -11.65 -18.30
C LYS C 264 -10.72 -12.46 -17.65
N ALA C 265 -11.96 -11.99 -17.75
CA ALA C 265 -13.08 -12.75 -17.21
C ALA C 265 -13.26 -14.07 -17.94
N ALA C 266 -13.08 -14.07 -19.27
CA ALA C 266 -13.19 -15.30 -20.04
C ALA C 266 -12.10 -16.29 -19.65
N LEU C 267 -10.87 -15.81 -19.48
CA LEU C 267 -9.78 -16.69 -19.06
C LEU C 267 -10.02 -17.25 -17.67
N ASP C 268 -10.53 -16.42 -16.75
CA ASP C 268 -10.83 -16.90 -15.41
C ASP C 268 -11.93 -17.95 -15.43
N ASN C 269 -12.97 -17.73 -16.24
CA ASN C 269 -14.04 -18.71 -16.35
C ASN C 269 -13.54 -20.03 -16.95
N ALA C 270 -12.68 -19.94 -17.98
CA ALA C 270 -12.12 -21.13 -18.58
C ALA C 270 -11.26 -21.90 -17.57
N GLY C 271 -10.46 -21.18 -16.80
CA GLY C 271 -9.64 -21.84 -15.78
C GLY C 271 -10.48 -22.51 -14.71
N LYS C 272 -11.53 -21.82 -14.24
CA LYS C 272 -12.41 -22.41 -13.24
C LYS C 272 -13.12 -23.64 -13.79
N ILE C 273 -13.52 -23.61 -15.06
CA ILE C 273 -14.20 -24.75 -15.66
C ILE C 273 -13.24 -25.93 -15.78
N MET C 274 -12.02 -25.67 -16.25
CA MET C 274 -11.05 -26.75 -16.42
C MET C 274 -10.53 -27.27 -15.09
N SER C 275 -10.62 -26.49 -14.02
CA SER C 275 -10.19 -26.95 -12.71
C SER C 275 -11.28 -27.66 -11.93
N LEU C 276 -12.54 -27.27 -12.13
CA LEU C 276 -13.63 -27.90 -11.39
C LEU C 276 -14.11 -29.18 -12.08
N THR C 277 -14.26 -29.15 -13.40
CA THR C 277 -14.71 -30.34 -14.12
C THR C 277 -13.61 -31.40 -14.20
N LYS C 278 -12.44 -31.00 -14.69
CA LYS C 278 -11.30 -31.91 -14.81
C LYS C 278 -10.44 -31.83 -13.57
N THR C 279 -10.12 -33.00 -13.00
CA THR C 279 -9.31 -33.06 -11.79
C THR C 279 -7.83 -33.05 -12.12
N ALA C 280 -7.07 -33.98 -11.54
CA ALA C 280 -5.64 -34.06 -11.79
C ALA C 280 -5.23 -35.44 -12.32
N PRO C 281 -5.65 -36.55 -11.71
CA PRO C 281 -5.25 -37.86 -12.26
C PRO C 281 -5.73 -38.10 -13.68
N ASP C 282 -6.82 -37.46 -14.10
CA ASP C 282 -7.27 -37.60 -15.48
C ASP C 282 -6.25 -37.05 -16.47
N TYR C 283 -5.41 -36.12 -16.03
CA TYR C 283 -4.33 -35.60 -16.85
C TYR C 283 -3.06 -36.45 -16.78
N LEU C 284 -3.08 -37.53 -15.99
CA LEU C 284 -1.91 -38.40 -15.85
C LEU C 284 -2.18 -39.81 -16.37
N VAL C 285 -3.24 -40.00 -17.14
CA VAL C 285 -3.56 -41.32 -17.68
C VAL C 285 -2.62 -41.63 -18.84
N GLY C 286 -2.36 -42.92 -19.05
CA GLY C 286 -1.49 -43.38 -20.11
C GLY C 286 -2.26 -44.20 -21.13
N GLN C 287 -1.99 -43.93 -22.41
CA GLN C 287 -2.66 -44.63 -23.49
C GLN C 287 -1.87 -45.84 -23.97
N GLN C 288 -0.55 -45.82 -23.85
CA GLN C 288 0.28 -46.94 -24.28
C GLN C 288 1.55 -47.00 -23.45
N PRO C 289 1.67 -47.98 -22.56
CA PRO C 289 2.89 -48.09 -21.75
C PRO C 289 4.10 -48.50 -22.59
N VAL C 290 5.28 -48.25 -22.03
CA VAL C 290 6.53 -48.58 -22.71
C VAL C 290 7.10 -49.86 -22.13
N GLU C 291 6.87 -50.08 -20.83
CA GLU C 291 7.36 -51.27 -20.12
C GLU C 291 8.87 -51.40 -20.25
N ASP C 292 9.58 -50.33 -19.92
CA ASP C 292 11.03 -50.30 -19.98
C ASP C 292 11.58 -49.61 -18.74
N ILE C 293 12.82 -49.97 -18.38
CA ILE C 293 13.47 -49.40 -17.22
C ILE C 293 14.69 -48.56 -17.58
N SER C 294 15.21 -48.67 -18.81
CA SER C 294 16.37 -47.91 -19.23
C SER C 294 16.02 -46.67 -20.06
N SER C 295 14.79 -46.58 -20.55
CA SER C 295 14.37 -45.43 -21.35
C SER C 295 13.85 -44.28 -20.50
N ASN C 296 13.84 -44.41 -19.18
CA ASN C 296 13.35 -43.37 -18.28
C ASN C 296 14.49 -42.98 -17.35
N ARG C 297 14.82 -41.68 -17.34
CA ARG C 297 15.90 -41.21 -16.48
C ARG C 297 15.47 -41.13 -15.02
N ILE C 298 14.19 -40.84 -14.77
CA ILE C 298 13.70 -40.76 -13.40
C ILE C 298 13.77 -42.12 -12.72
N TYR C 299 13.59 -43.21 -13.48
CA TYR C 299 13.70 -44.54 -12.91
C TYR C 299 15.11 -44.80 -12.40
N LYS C 300 16.12 -44.49 -13.22
CA LYS C 300 17.50 -44.65 -12.78
C LYS C 300 17.82 -43.71 -11.63
N ILE C 301 17.25 -42.51 -11.64
CA ILE C 301 17.50 -41.55 -10.56
C ILE C 301 16.99 -42.10 -9.24
N LEU C 302 15.76 -42.64 -9.23
CA LEU C 302 15.20 -43.19 -8.01
C LEU C 302 15.83 -44.52 -7.63
N GLU C 303 16.40 -45.25 -8.59
CA GLU C 303 17.04 -46.52 -8.27
C GLU C 303 18.46 -46.33 -7.74
N LEU C 304 19.14 -45.26 -8.12
CA LEU C 304 20.49 -45.02 -7.64
C LEU C 304 20.51 -44.72 -6.15
N ASN C 305 19.41 -44.17 -5.61
CA ASN C 305 19.32 -43.84 -4.19
C ASN C 305 18.82 -45.01 -3.35
N GLY C 306 18.58 -46.17 -3.95
CA GLY C 306 18.12 -47.33 -3.23
C GLY C 306 16.62 -47.42 -3.02
N TYR C 307 15.86 -46.48 -3.59
CA TYR C 307 14.41 -46.51 -3.42
C TYR C 307 13.79 -47.58 -4.31
N ASP C 308 12.75 -48.23 -3.79
CA ASP C 308 12.08 -49.27 -4.55
C ASP C 308 11.20 -48.64 -5.63
N PRO C 309 11.23 -49.19 -6.86
CA PRO C 309 10.39 -48.60 -7.92
C PRO C 309 8.91 -48.73 -7.66
N GLN C 310 8.45 -49.93 -7.27
CA GLN C 310 7.02 -50.14 -7.02
C GLN C 310 6.55 -49.34 -5.82
N TYR C 311 7.38 -49.26 -4.77
CA TYR C 311 7.00 -48.50 -3.59
C TYR C 311 6.88 -47.02 -3.90
N ALA C 312 7.84 -46.47 -4.66
CA ALA C 312 7.77 -45.06 -5.04
C ALA C 312 6.58 -44.80 -5.96
N ALA C 313 6.29 -45.74 -6.86
CA ALA C 313 5.13 -45.58 -7.74
C ALA C 313 3.84 -45.57 -6.95
N SER C 314 3.70 -46.47 -5.97
CA SER C 314 2.51 -46.50 -5.15
C SER C 314 2.40 -45.23 -4.30
N VAL C 315 3.53 -44.73 -3.80
CA VAL C 315 3.51 -43.49 -3.01
C VAL C 315 3.05 -42.32 -3.87
N PHE C 316 3.57 -42.23 -5.10
CA PHE C 316 3.17 -41.15 -6.00
C PHE C 316 1.71 -41.27 -6.39
N LEU C 317 1.22 -42.50 -6.58
CA LEU C 317 -0.19 -42.70 -6.91
C LEU C 317 -1.08 -42.29 -5.75
N GLY C 318 -0.70 -42.63 -4.52
CA GLY C 318 -1.47 -42.23 -3.36
C GLY C 318 -1.43 -40.74 -3.10
N TRP C 319 -0.31 -40.10 -3.45
CA TRP C 319 -0.20 -38.65 -3.26
C TRP C 319 -0.99 -37.89 -4.31
N ALA C 320 -0.98 -38.36 -5.56
CA ALA C 320 -1.70 -37.68 -6.61
C ALA C 320 -3.21 -37.84 -6.48
N THR C 321 -3.67 -39.05 -6.15
CA THR C 321 -5.09 -39.33 -5.99
C THR C 321 -5.60 -39.04 -4.59
N LYS C 322 -4.76 -38.49 -3.71
CA LYS C 322 -5.14 -38.16 -2.34
C LYS C 322 -5.68 -39.38 -1.60
N LYS C 323 -4.80 -40.34 -1.30
CA LYS C 323 -5.23 -41.54 -0.60
C LYS C 323 -5.38 -41.30 0.90
N PHE C 324 -4.46 -40.55 1.50
CA PHE C 324 -4.49 -40.27 2.93
C PHE C 324 -5.22 -38.97 3.25
N GLY C 325 -4.80 -37.87 2.66
CA GLY C 325 -5.43 -36.57 2.90
C GLY C 325 -4.78 -35.72 3.97
N LYS C 326 -4.56 -36.30 5.16
CA LYS C 326 -3.92 -35.54 6.23
C LYS C 326 -2.43 -35.41 6.01
N ARG C 327 -1.77 -36.49 5.56
CA ARG C 327 -0.34 -36.46 5.30
C ARG C 327 -0.06 -36.35 3.81
N ASN C 328 -0.65 -35.35 3.16
CA ASN C 328 -0.47 -35.15 1.72
C ASN C 328 0.53 -34.03 1.47
N THR C 329 1.80 -34.35 1.73
CA THR C 329 2.89 -33.41 1.55
C THR C 329 4.17 -34.17 1.24
N ILE C 330 4.80 -33.85 0.11
CA ILE C 330 6.04 -34.48 -0.32
C ILE C 330 7.17 -33.50 -0.06
N TRP C 331 8.13 -33.92 0.76
CA TRP C 331 9.28 -33.09 1.13
C TRP C 331 10.57 -33.79 0.73
N LEU C 332 11.49 -33.04 0.14
CA LEU C 332 12.77 -33.56 -0.31
C LEU C 332 13.90 -32.93 0.47
N PHE C 333 15.05 -33.60 0.47
CA PHE C 333 16.23 -33.12 1.17
C PHE C 333 17.45 -33.28 0.27
N GLY C 334 18.38 -32.33 0.36
CA GLY C 334 19.58 -32.36 -0.44
C GLY C 334 19.68 -31.18 -1.37
N PRO C 335 20.75 -31.14 -2.17
CA PRO C 335 20.92 -30.02 -3.11
C PRO C 335 19.91 -30.09 -4.24
N ALA C 336 19.43 -28.92 -4.67
CA ALA C 336 18.44 -28.84 -5.72
C ALA C 336 19.01 -29.13 -7.10
N THR C 337 20.33 -29.16 -7.25
CA THR C 337 20.98 -29.42 -8.53
C THR C 337 21.29 -30.91 -8.73
N THR C 338 20.61 -31.79 -7.99
CA THR C 338 20.83 -33.23 -8.09
C THR C 338 19.49 -33.93 -8.37
N GLY C 339 18.85 -33.52 -9.46
CA GLY C 339 17.58 -34.11 -9.85
C GLY C 339 16.43 -33.65 -8.98
N LYS C 340 16.19 -32.34 -8.92
CA LYS C 340 15.10 -31.79 -8.13
C LYS C 340 14.38 -30.69 -8.89
N THR C 341 15.11 -29.63 -9.25
CA THR C 341 14.50 -28.52 -9.97
C THR C 341 14.04 -28.95 -11.36
N ASN C 342 14.81 -29.80 -12.03
CA ASN C 342 14.42 -30.28 -13.35
C ASN C 342 13.15 -31.09 -13.29
N ILE C 343 13.06 -32.01 -12.32
CA ILE C 343 11.85 -32.82 -12.18
C ILE C 343 10.66 -31.95 -11.79
N ALA C 344 10.88 -30.94 -10.93
CA ALA C 344 9.80 -30.04 -10.55
C ALA C 344 9.29 -29.27 -11.76
N GLU C 345 10.21 -28.75 -12.59
CA GLU C 345 9.79 -28.03 -13.79
C GLU C 345 9.07 -28.94 -14.76
N ALA C 346 9.54 -30.19 -14.89
CA ALA C 346 8.86 -31.13 -15.79
C ALA C 346 7.45 -31.44 -15.31
N ILE C 347 7.27 -31.63 -14.00
CA ILE C 347 5.94 -31.90 -13.47
C ILE C 347 5.04 -30.68 -13.61
N ALA C 348 5.59 -29.48 -13.40
CA ALA C 348 4.80 -28.27 -13.55
C ALA C 348 4.41 -28.03 -15.01
N HIS C 349 5.25 -28.45 -15.95
CA HIS C 349 4.92 -28.31 -17.36
C HIS C 349 3.95 -29.39 -17.84
N THR C 350 3.98 -30.57 -17.22
CA THR C 350 3.06 -31.63 -17.62
C THR C 350 1.63 -31.32 -17.21
N VAL C 351 1.44 -30.58 -16.13
CA VAL C 351 0.11 -30.21 -15.64
C VAL C 351 -0.19 -28.80 -16.14
N PRO C 352 -1.37 -28.56 -16.72
CA PRO C 352 -1.67 -27.21 -17.23
C PRO C 352 -1.80 -26.16 -16.13
N PHE C 353 -2.17 -26.56 -14.91
CA PHE C 353 -2.31 -25.64 -13.80
C PHE C 353 -1.31 -25.99 -12.71
N TYR C 354 -0.56 -24.98 -12.26
CA TYR C 354 0.45 -25.19 -11.22
C TYR C 354 0.69 -23.87 -10.51
N GLY C 355 0.87 -23.94 -9.19
CA GLY C 355 1.16 -22.76 -8.40
C GLY C 355 2.42 -22.97 -7.59
N CYS C 356 3.04 -21.85 -7.21
CA CYS C 356 4.27 -21.88 -6.44
C CYS C 356 4.19 -20.85 -5.32
N VAL C 357 4.84 -21.17 -4.20
CA VAL C 357 4.89 -20.29 -3.04
C VAL C 357 6.27 -19.65 -3.04
N ASN C 358 6.36 -18.41 -3.50
CA ASN C 358 7.62 -17.69 -3.56
C ASN C 358 7.88 -16.97 -2.24
N TRP C 359 9.09 -16.44 -2.12
CA TRP C 359 9.51 -15.72 -0.92
C TRP C 359 9.68 -14.23 -1.14
N THR C 360 9.43 -13.73 -2.35
CA THR C 360 9.59 -12.30 -2.63
C THR C 360 8.46 -11.49 -1.99
N ASN C 361 7.22 -11.92 -2.15
CA ASN C 361 6.08 -11.21 -1.59
C ASN C 361 6.04 -11.42 -0.08
N GLU C 362 5.96 -10.32 0.68
CA GLU C 362 5.92 -10.38 2.13
C GLU C 362 4.52 -10.23 2.69
N ASN C 363 3.61 -9.60 1.94
CA ASN C 363 2.25 -9.43 2.42
C ASN C 363 1.44 -10.71 2.29
N PHE C 364 1.67 -11.50 1.25
CA PHE C 364 0.96 -12.74 1.04
C PHE C 364 1.76 -13.68 0.15
N PRO C 365 2.45 -14.68 0.71
CA PRO C 365 3.23 -15.60 -0.11
C PRO C 365 2.39 -16.61 -0.89
N PHE C 366 1.09 -16.71 -0.60
CA PHE C 366 0.23 -17.66 -1.30
C PHE C 366 -0.68 -16.94 -2.29
N ASN C 367 -0.11 -16.15 -3.18
CA ASN C 367 -0.87 -15.41 -4.17
C ASN C 367 -0.92 -16.10 -5.53
N ASP C 368 0.10 -16.89 -5.86
CA ASP C 368 0.16 -17.60 -7.14
C ASP C 368 -0.44 -18.99 -7.09
N CYS C 369 -1.10 -19.35 -5.99
CA CYS C 369 -1.72 -20.66 -5.83
C CYS C 369 -3.21 -20.47 -5.53
N VAL C 370 -3.94 -20.05 -6.56
CA VAL C 370 -5.39 -19.80 -6.44
C VAL C 370 -6.07 -20.81 -7.35
N ASP C 371 -6.61 -21.88 -6.76
CA ASP C 371 -7.31 -22.95 -7.47
C ASP C 371 -6.42 -23.56 -8.55
N LYS C 372 -5.39 -24.26 -8.08
CA LYS C 372 -4.43 -24.92 -8.94
C LYS C 372 -4.46 -26.42 -8.70
N MET C 373 -3.90 -27.17 -9.65
CA MET C 373 -3.88 -28.63 -9.56
C MET C 373 -2.70 -29.14 -8.73
N VAL C 374 -1.55 -28.48 -8.79
CA VAL C 374 -0.39 -28.85 -7.99
C VAL C 374 0.22 -27.58 -7.40
N ILE C 375 0.82 -27.73 -6.22
CA ILE C 375 1.44 -26.63 -5.51
C ILE C 375 2.90 -26.98 -5.24
N TRP C 376 3.77 -25.97 -5.33
CA TRP C 376 5.19 -26.12 -5.07
C TRP C 376 5.59 -25.20 -3.92
N TRP C 377 6.44 -25.72 -3.04
CA TRP C 377 6.94 -24.96 -1.89
C TRP C 377 8.46 -25.01 -1.93
N GLU C 378 9.09 -23.87 -2.23
CA GLU C 378 10.54 -23.81 -2.34
C GLU C 378 11.17 -23.79 -0.95
N GLU C 379 12.49 -23.84 -0.92
CA GLU C 379 13.23 -23.82 0.34
C GLU C 379 13.10 -22.45 1.00
N GLY C 380 12.90 -22.46 2.31
CA GLY C 380 12.79 -21.22 3.06
C GLY C 380 12.22 -21.40 4.45
N LYS C 381 12.94 -20.93 5.47
CA LYS C 381 12.48 -21.00 6.85
C LYS C 381 11.34 -20.01 7.04
N MET C 382 10.12 -20.53 7.09
CA MET C 382 8.94 -19.67 7.22
C MET C 382 8.89 -19.04 8.60
N THR C 383 8.37 -17.81 8.64
CA THR C 383 8.23 -17.10 9.91
C THR C 383 7.01 -17.60 10.67
N ALA C 384 6.91 -17.18 11.94
CA ALA C 384 5.81 -17.61 12.79
C ALA C 384 4.48 -17.01 12.35
N LYS C 385 4.48 -15.97 11.52
CA LYS C 385 3.24 -15.37 11.06
C LYS C 385 2.55 -16.18 9.98
N VAL C 386 3.26 -17.14 9.37
CA VAL C 386 2.71 -17.97 8.31
C VAL C 386 2.77 -19.46 8.65
N VAL C 387 3.21 -19.80 9.87
CA VAL C 387 3.31 -21.21 10.25
C VAL C 387 1.92 -21.85 10.27
N GLU C 388 0.96 -21.18 10.90
CA GLU C 388 -0.40 -21.71 10.96
C GLU C 388 -1.03 -21.78 9.56
N SER C 389 -0.76 -20.78 8.72
CA SER C 389 -1.28 -20.80 7.36
C SER C 389 -0.72 -21.97 6.58
N ALA C 390 0.58 -22.22 6.70
CA ALA C 390 1.18 -23.36 6.01
C ALA C 390 0.66 -24.68 6.54
N LYS C 391 0.46 -24.78 7.86
CA LYS C 391 -0.07 -26.01 8.43
C LYS C 391 -1.51 -26.27 8.02
N ALA C 392 -2.29 -25.20 7.84
CA ALA C 392 -3.66 -25.35 7.36
C ALA C 392 -3.71 -25.67 5.88
N ILE C 393 -2.77 -25.15 5.10
CA ILE C 393 -2.74 -25.43 3.67
C ILE C 393 -2.31 -26.88 3.42
N LEU C 394 -1.25 -27.33 4.12
CA LEU C 394 -0.76 -28.69 3.94
C LEU C 394 -1.71 -29.74 4.52
N GLY C 395 -2.70 -29.33 5.31
CA GLY C 395 -3.63 -30.29 5.88
C GLY C 395 -4.57 -30.90 4.86
N GLY C 396 -4.85 -30.17 3.78
CA GLY C 396 -5.74 -30.67 2.74
C GLY C 396 -7.20 -30.39 3.03
N SER C 397 -7.62 -29.14 2.89
CA SER C 397 -9.00 -28.75 3.12
C SER C 397 -9.29 -27.48 2.34
N LYS C 398 -10.48 -27.43 1.74
CA LYS C 398 -10.90 -26.25 0.97
C LYS C 398 -11.14 -25.10 1.94
N VAL C 399 -10.17 -24.20 2.02
CA VAL C 399 -10.23 -23.09 2.97
C VAL C 399 -10.27 -21.78 2.21
N ARG C 400 -10.83 -20.75 2.85
CA ARG C 400 -10.97 -19.44 2.24
C ARG C 400 -9.83 -18.53 2.67
N VAL C 401 -9.15 -17.93 1.71
CA VAL C 401 -8.03 -17.04 1.97
C VAL C 401 -8.18 -15.79 1.11
N ASP C 402 -7.69 -14.67 1.64
CA ASP C 402 -7.77 -13.39 0.94
C ASP C 402 -6.62 -13.29 -0.06
N GLN C 403 -6.44 -12.10 -0.64
CA GLN C 403 -5.37 -11.87 -1.61
C GLN C 403 -4.60 -10.61 -1.25
N LYS C 404 -5.26 -9.46 -1.30
CA LYS C 404 -4.61 -8.20 -0.98
C LYS C 404 -5.63 -7.16 -0.52
N CYS C 405 -6.66 -6.93 -1.31
CA CYS C 405 -7.69 -5.95 -0.98
C CYS C 405 -8.99 -6.35 -1.66
N LYS C 406 -9.97 -6.79 -0.87
CA LYS C 406 -11.29 -7.18 -1.35
C LYS C 406 -11.18 -8.26 -2.43
N SER C 407 -10.53 -9.36 -2.06
CA SER C 407 -10.35 -10.49 -2.99
C SER C 407 -10.12 -11.74 -2.15
N SER C 408 -11.21 -12.43 -1.81
CA SER C 408 -11.17 -13.66 -1.04
C SER C 408 -11.64 -14.81 -1.92
N ALA C 409 -10.89 -15.90 -1.92
CA ALA C 409 -11.21 -17.05 -2.74
C ALA C 409 -10.96 -18.34 -1.95
N GLN C 410 -11.62 -19.40 -2.37
CA GLN C 410 -11.50 -20.71 -1.74
C GLN C 410 -10.47 -21.56 -2.46
N ILE C 411 -9.80 -22.42 -1.70
CA ILE C 411 -8.78 -23.32 -2.22
C ILE C 411 -9.19 -24.74 -1.86
N ASP C 412 -9.32 -25.60 -2.87
CA ASP C 412 -9.66 -27.00 -2.74
C ASP C 412 -8.42 -27.83 -2.40
N PRO C 413 -8.59 -28.93 -1.69
CA PRO C 413 -7.43 -29.82 -1.43
C PRO C 413 -6.73 -30.21 -2.73
N THR C 414 -5.43 -29.93 -2.78
CA THR C 414 -4.63 -30.13 -3.97
C THR C 414 -3.25 -30.65 -3.57
N PRO C 415 -2.67 -31.52 -4.39
CA PRO C 415 -1.35 -32.07 -4.05
C PRO C 415 -0.27 -30.99 -4.00
N VAL C 416 0.61 -31.10 -3.01
CA VAL C 416 1.70 -30.16 -2.80
C VAL C 416 3.02 -30.94 -2.82
N ILE C 417 4.09 -30.23 -3.18
CA ILE C 417 5.44 -30.79 -3.18
C ILE C 417 6.38 -29.75 -2.61
N VAL C 418 7.12 -30.10 -1.57
CA VAL C 418 8.07 -29.19 -0.93
C VAL C 418 9.43 -29.44 -1.58
N THR C 419 9.83 -28.52 -2.46
CA THR C 419 11.12 -28.61 -3.13
C THR C 419 12.18 -27.82 -2.36
N SER C 420 12.39 -28.25 -1.11
CA SER C 420 13.33 -27.60 -0.20
C SER C 420 14.68 -28.29 -0.26
N ASN C 421 15.66 -27.66 0.38
CA ASN C 421 17.02 -28.18 0.45
C ASN C 421 17.41 -28.65 1.84
N THR C 422 17.06 -27.90 2.88
CA THR C 422 17.37 -28.24 4.25
C THR C 422 16.11 -28.73 4.96
N ASN C 423 16.20 -28.87 6.28
CA ASN C 423 15.07 -29.34 7.09
C ASN C 423 14.34 -28.12 7.63
N MET C 424 13.15 -27.86 7.10
CA MET C 424 12.33 -26.72 7.51
C MET C 424 11.33 -27.08 8.60
N CYS C 425 11.40 -28.31 9.14
CA CYS C 425 10.46 -28.70 10.18
C CYS C 425 10.66 -27.91 11.46
N ALA C 426 11.89 -27.50 11.74
CA ALA C 426 12.17 -26.68 12.92
C ALA C 426 11.75 -25.25 12.68
N VAL C 427 11.00 -24.68 13.63
CA VAL C 427 10.52 -23.31 13.51
C VAL C 427 11.69 -22.35 13.64
N ILE C 428 12.18 -21.86 12.50
CA ILE C 428 13.30 -20.93 12.45
C ILE C 428 12.78 -19.59 12.00
N ASP C 429 12.72 -18.63 12.92
CA ASP C 429 12.24 -17.27 12.65
C ASP C 429 13.41 -16.32 12.87
N GLY C 430 14.06 -15.91 11.79
CA GLY C 430 15.20 -15.02 11.87
C GLY C 430 16.36 -15.61 12.63
N ASN C 431 16.31 -15.52 13.96
CA ASN C 431 17.35 -16.09 14.82
C ASN C 431 16.80 -16.97 15.92
N SER C 432 15.48 -17.14 16.01
CA SER C 432 14.86 -17.98 17.04
C SER C 432 14.58 -19.36 16.45
N THR C 433 15.14 -20.38 17.07
CA THR C 433 14.97 -21.77 16.63
C THR C 433 14.19 -22.52 17.69
N THR C 434 12.88 -22.64 17.48
CA THR C 434 11.99 -23.34 18.40
C THR C 434 11.44 -24.60 17.74
N PHE C 435 11.14 -25.59 18.56
CA PHE C 435 10.60 -26.87 18.11
C PHE C 435 9.27 -27.18 18.80
N GLU C 436 8.43 -26.16 18.94
CA GLU C 436 7.13 -26.34 19.59
C GLU C 436 6.08 -26.93 18.65
N HIS C 437 6.28 -26.81 17.34
CA HIS C 437 5.35 -27.34 16.36
C HIS C 437 6.00 -28.41 15.48
N GLN C 438 6.93 -29.17 16.06
CA GLN C 438 7.63 -30.20 15.30
C GLN C 438 6.77 -31.45 15.13
N GLN C 439 6.04 -31.84 16.18
CA GLN C 439 5.20 -33.04 16.09
C GLN C 439 4.05 -32.87 15.09
N PRO C 440 3.27 -31.79 15.12
CA PRO C 440 2.23 -31.66 14.08
C PRO C 440 2.78 -31.54 12.68
N LEU C 441 3.93 -30.87 12.51
CA LEU C 441 4.52 -30.76 11.19
C LEU C 441 5.00 -32.12 10.69
N GLN C 442 5.54 -32.95 11.59
CA GLN C 442 5.97 -34.29 11.18
C GLN C 442 4.78 -35.21 10.92
N ASP C 443 3.67 -34.99 11.63
CA ASP C 443 2.48 -35.81 11.43
C ASP C 443 1.67 -35.39 10.20
N ARG C 444 1.84 -34.15 9.74
CA ARG C 444 1.11 -33.66 8.58
C ARG C 444 1.89 -33.78 7.28
N MET C 445 3.16 -34.16 7.33
CA MET C 445 4.00 -34.28 6.14
C MET C 445 4.73 -35.62 6.18
N PHE C 446 5.28 -35.99 5.03
CA PHE C 446 6.05 -37.22 4.89
C PHE C 446 7.55 -36.91 4.89
N LYS C 447 8.36 -37.82 4.37
CA LYS C 447 9.79 -37.63 4.32
C LYS C 447 10.36 -38.42 3.15
N PHE C 448 11.04 -37.72 2.23
CA PHE C 448 11.67 -38.33 1.07
C PHE C 448 13.07 -37.74 0.90
N GLU C 449 13.95 -38.08 1.83
CA GLU C 449 15.32 -37.58 1.82
C GLU C 449 16.20 -38.49 0.98
N LEU C 450 16.93 -37.91 0.04
CA LEU C 450 17.83 -38.66 -0.82
C LEU C 450 19.02 -37.79 -1.18
N THR C 451 20.21 -38.37 -1.12
CA THR C 451 21.46 -37.66 -1.43
C THR C 451 22.24 -38.50 -2.43
N ARG C 452 22.48 -37.95 -3.62
CA ARG C 452 23.23 -38.63 -4.67
C ARG C 452 23.69 -37.61 -5.69
N ARG C 453 24.97 -37.70 -6.07
CA ARG C 453 25.56 -36.78 -7.04
C ARG C 453 25.03 -37.12 -8.43
N LEU C 454 24.02 -36.38 -8.88
CA LEU C 454 23.44 -36.61 -10.20
C LEU C 454 24.34 -36.00 -11.26
N ASP C 455 24.76 -36.82 -12.22
CA ASP C 455 25.71 -36.37 -13.23
C ASP C 455 25.07 -35.35 -14.16
N HIS C 456 25.93 -34.54 -14.79
CA HIS C 456 25.47 -33.49 -15.70
C HIS C 456 25.07 -34.07 -17.05
N ASP C 457 24.92 -33.20 -18.05
CA ASP C 457 24.51 -33.60 -19.40
C ASP C 457 23.17 -34.34 -19.38
N PHE C 458 22.22 -33.81 -18.61
CA PHE C 458 20.90 -34.41 -18.50
C PHE C 458 19.84 -33.34 -18.26
N GLY C 459 18.86 -33.64 -17.41
CA GLY C 459 17.81 -32.70 -17.10
C GLY C 459 16.78 -32.59 -18.21
N LYS C 460 15.79 -31.73 -17.98
CA LYS C 460 14.68 -31.48 -18.90
C LYS C 460 13.95 -32.78 -19.24
N VAL C 461 13.25 -33.28 -18.23
CA VAL C 461 12.50 -34.53 -18.38
C VAL C 461 11.26 -34.27 -19.22
N THR C 462 11.08 -35.08 -20.26
CA THR C 462 9.92 -34.94 -21.14
C THR C 462 8.68 -35.48 -20.45
N LYS C 463 7.52 -35.11 -20.99
CA LYS C 463 6.24 -35.55 -20.42
C LYS C 463 5.95 -37.01 -20.73
N GLN C 464 6.61 -37.59 -21.73
CA GLN C 464 6.35 -38.98 -22.09
C GLN C 464 6.75 -39.92 -20.96
N GLU C 465 7.94 -39.70 -20.38
CA GLU C 465 8.38 -40.54 -19.27
C GLU C 465 7.50 -40.36 -18.04
N VAL C 466 7.03 -39.14 -17.80
CA VAL C 466 6.14 -38.89 -16.66
C VAL C 466 4.82 -39.63 -16.86
N LYS C 467 4.26 -39.56 -18.07
CA LYS C 467 3.02 -40.27 -18.35
C LYS C 467 3.23 -41.78 -18.24
N ASP C 468 4.38 -42.29 -18.68
CA ASP C 468 4.65 -43.72 -18.60
C ASP C 468 4.75 -44.16 -17.15
N PHE C 469 5.44 -43.39 -16.31
CA PHE C 469 5.56 -43.75 -14.90
C PHE C 469 4.22 -43.64 -14.19
N PHE C 470 3.39 -42.66 -14.55
CA PHE C 470 2.06 -42.54 -13.97
C PHE C 470 1.19 -43.73 -14.36
N ARG C 471 1.27 -44.17 -15.62
CA ARG C 471 0.52 -45.33 -16.05
C ARG C 471 1.00 -46.60 -15.34
N TRP C 472 2.32 -46.74 -15.16
CA TRP C 472 2.85 -47.90 -14.46
C TRP C 472 2.42 -47.89 -13.00
N ALA C 473 2.32 -46.70 -12.38
CA ALA C 473 1.86 -46.62 -11.00
C ALA C 473 0.37 -46.93 -10.90
N LYS C 474 -0.42 -46.48 -11.88
CA LYS C 474 -1.85 -46.76 -11.85
C LYS C 474 -2.15 -48.22 -12.12
N ASP C 475 -1.31 -48.89 -12.92
CA ASP C 475 -1.50 -50.30 -13.23
C ASP C 475 -1.02 -51.23 -12.12
N HIS C 476 -0.31 -50.70 -11.12
CA HIS C 476 0.21 -51.49 -10.00
C HIS C 476 -0.10 -50.73 -8.72
N VAL C 477 -1.23 -51.04 -8.09
CA VAL C 477 -1.65 -50.40 -6.85
C VAL C 477 -1.14 -51.22 -5.68
N VAL C 478 -0.36 -50.59 -4.81
CA VAL C 478 0.22 -51.25 -3.64
C VAL C 478 -0.17 -50.43 -2.40
N GLU C 479 -0.80 -51.10 -1.44
CA GLU C 479 -1.21 -50.43 -0.21
C GLU C 479 0.01 -50.08 0.63
N VAL C 480 0.21 -48.79 0.89
CA VAL C 480 1.34 -48.29 1.66
C VAL C 480 0.81 -47.83 3.02
N GLU C 481 1.42 -48.34 4.10
CA GLU C 481 1.02 -47.97 5.44
C GLU C 481 1.59 -46.59 5.80
N HIS C 482 1.11 -46.05 6.92
CA HIS C 482 1.55 -44.75 7.39
C HIS C 482 2.98 -44.82 7.92
N GLU C 483 3.96 -44.57 7.06
CA GLU C 483 5.36 -44.60 7.41
C GLU C 483 5.97 -43.24 7.14
N PHE C 484 6.42 -42.56 8.20
CA PHE C 484 7.01 -41.24 8.05
C PHE C 484 8.43 -41.34 7.49
N TYR C 485 9.33 -41.96 8.23
CA TYR C 485 10.72 -42.12 7.80
C TYR C 485 10.78 -43.21 6.73
N VAL C 486 10.78 -42.80 5.47
CA VAL C 486 10.84 -43.73 4.36
C VAL C 486 12.26 -44.25 4.22
N LYS C 487 12.43 -45.56 4.35
CA LYS C 487 13.75 -46.16 4.26
C LYS C 487 14.20 -46.24 2.80
N LYS C 488 15.49 -46.48 2.61
CA LYS C 488 16.10 -46.59 1.29
C LYS C 488 16.26 -48.05 0.87
N GLY C 489 15.23 -48.86 1.04
CA GLY C 489 15.28 -50.26 0.67
C GLY C 489 14.54 -50.51 -0.63
N GLY C 490 15.05 -51.47 -1.40
CA GLY C 490 14.46 -51.82 -2.68
C GLY C 490 15.41 -51.67 -3.85
N VAL D 215 -15.25 -12.06 -33.56
CA VAL D 215 -14.63 -11.33 -34.64
C VAL D 215 -15.69 -10.57 -35.45
N ILE D 216 -15.57 -9.24 -35.47
CA ILE D 216 -16.51 -8.38 -36.17
C ILE D 216 -15.88 -7.72 -37.38
N ARG D 217 -14.61 -7.29 -37.26
CA ARG D 217 -13.87 -6.62 -38.33
C ARG D 217 -14.61 -5.38 -38.81
N SER D 218 -14.46 -4.27 -38.09
CA SER D 218 -15.09 -3.00 -38.41
C SER D 218 -14.01 -1.99 -38.83
N LYS D 219 -14.37 -0.71 -38.79
CA LYS D 219 -13.42 0.33 -39.17
C LYS D 219 -12.39 0.56 -38.08
N THR D 220 -12.83 0.63 -36.82
CA THR D 220 -11.90 0.81 -35.72
C THR D 220 -10.98 -0.39 -35.58
N SER D 221 -11.50 -1.60 -35.82
CA SER D 221 -10.67 -2.79 -35.76
C SER D 221 -9.58 -2.76 -36.83
N ALA D 222 -9.95 -2.38 -38.06
CA ALA D 222 -8.96 -2.28 -39.13
C ALA D 222 -7.94 -1.19 -38.84
N ARG D 223 -8.38 -0.08 -38.25
CA ARG D 223 -7.44 0.98 -37.90
C ARG D 223 -6.45 0.52 -36.84
N TYR D 224 -6.95 -0.19 -35.82
CA TYR D 224 -6.05 -0.72 -34.79
C TYR D 224 -5.09 -1.75 -35.36
N MET D 225 -5.57 -2.58 -36.29
CA MET D 225 -4.71 -3.57 -36.92
C MET D 225 -3.61 -2.91 -37.73
N GLU D 226 -3.96 -1.90 -38.53
CA GLU D 226 -2.94 -1.20 -39.31
C GLU D 226 -1.98 -0.42 -38.42
N LEU D 227 -2.46 0.08 -37.29
CA LEU D 227 -1.55 0.76 -36.35
C LEU D 227 -0.58 -0.23 -35.72
N VAL D 228 -1.06 -1.40 -35.32
CA VAL D 228 -0.18 -2.43 -34.78
C VAL D 228 0.84 -2.86 -35.82
N GLY D 229 0.41 -2.97 -37.08
CA GLY D 229 1.34 -3.33 -38.14
C GLY D 229 2.40 -2.28 -38.35
N TRP D 230 2.00 -1.01 -38.42
CA TRP D 230 2.95 0.08 -38.59
C TRP D 230 3.86 0.25 -37.37
N LEU D 231 3.44 -0.25 -36.20
CA LEU D 231 4.28 -0.18 -35.02
C LEU D 231 5.27 -1.33 -34.93
N VAL D 232 4.86 -2.54 -35.34
CA VAL D 232 5.72 -3.71 -35.22
C VAL D 232 6.45 -4.04 -36.52
N ASP D 233 6.29 -3.22 -37.56
CA ASP D 233 6.99 -3.49 -38.82
C ASP D 233 8.50 -3.38 -38.65
N LYS D 234 8.98 -2.53 -37.73
CA LYS D 234 10.40 -2.38 -37.49
C LYS D 234 10.82 -2.68 -36.06
N GLY D 235 9.87 -2.75 -35.12
CA GLY D 235 10.21 -3.04 -33.74
C GLY D 235 10.37 -1.80 -32.89
N ILE D 236 9.38 -1.51 -32.06
CA ILE D 236 9.39 -0.35 -31.18
C ILE D 236 9.20 -0.83 -29.75
N THR D 237 10.04 -0.34 -28.85
CA THR D 237 9.98 -0.73 -27.45
C THR D 237 9.00 0.12 -26.67
N SER D 238 9.46 1.28 -26.19
CA SER D 238 8.63 2.18 -25.40
C SER D 238 7.90 3.15 -26.33
N GLU D 239 7.34 4.22 -25.77
CA GLU D 239 6.61 5.20 -26.57
C GLU D 239 7.47 6.37 -27.01
N LYS D 240 8.56 6.65 -26.30
CA LYS D 240 9.43 7.76 -26.69
C LYS D 240 10.09 7.49 -28.04
N GLN D 241 10.40 6.23 -28.33
CA GLN D 241 10.97 5.88 -29.63
C GLN D 241 9.99 6.17 -30.75
N TRP D 242 8.73 5.75 -30.58
CA TRP D 242 7.72 6.03 -31.60
C TRP D 242 7.47 7.52 -31.73
N ILE D 243 7.53 8.25 -30.62
CA ILE D 243 7.35 9.70 -30.67
C ILE D 243 8.45 10.34 -31.50
N GLN D 244 9.71 10.06 -31.15
CA GLN D 244 10.84 10.63 -31.90
C GLN D 244 10.85 10.14 -33.35
N GLU D 245 10.23 8.99 -33.63
CA GLU D 245 10.18 8.49 -34.99
C GLU D 245 9.15 9.26 -35.83
N ASP D 246 7.92 9.39 -35.33
CA ASP D 246 6.88 10.05 -36.11
C ASP D 246 5.82 10.64 -35.17
N GLN D 247 6.21 11.72 -34.48
CA GLN D 247 5.25 12.50 -33.71
C GLN D 247 4.06 12.96 -34.54
N ALA D 248 4.22 13.09 -35.86
CA ALA D 248 3.10 13.47 -36.71
C ALA D 248 1.98 12.41 -36.64
N SER D 249 2.31 11.16 -36.95
CA SER D 249 1.31 10.10 -36.86
C SER D 249 0.92 9.83 -35.41
N TYR D 250 1.81 10.12 -34.46
CA TYR D 250 1.45 9.99 -33.05
C TYR D 250 0.30 10.94 -32.71
N ILE D 251 0.43 12.21 -33.10
CA ILE D 251 -0.62 13.20 -32.85
C ILE D 251 -1.87 12.85 -33.65
N SER D 252 -1.69 12.32 -34.87
CA SER D 252 -2.85 11.90 -35.66
C SER D 252 -3.64 10.80 -34.96
N PHE D 253 -2.93 9.81 -34.40
CA PHE D 253 -3.60 8.72 -33.68
C PHE D 253 -4.24 9.24 -32.40
N ASN D 254 -3.57 10.16 -31.70
CA ASN D 254 -4.16 10.74 -30.50
C ASN D 254 -5.42 11.53 -30.83
N ALA D 255 -5.48 12.14 -32.01
CA ALA D 255 -6.68 12.87 -32.44
C ALA D 255 -7.77 11.95 -32.95
N ALA D 256 -7.42 10.79 -33.51
CA ALA D 256 -8.42 9.87 -34.02
C ALA D 256 -9.24 9.26 -32.89
N SER D 257 -8.66 9.18 -31.70
CA SER D 257 -9.32 8.62 -30.53
C SER D 257 -9.37 9.66 -29.42
N ASN D 258 -9.68 9.20 -28.21
CA ASN D 258 -9.77 10.10 -27.06
C ASN D 258 -9.14 9.46 -25.82
N SER D 259 -9.25 8.14 -25.70
CA SER D 259 -8.69 7.43 -24.57
C SER D 259 -7.18 7.26 -24.72
N ARG D 260 -6.53 6.91 -23.62
CA ARG D 260 -5.08 6.72 -23.57
C ARG D 260 -4.72 5.26 -23.29
N SER D 261 -5.59 4.33 -23.71
CA SER D 261 -5.35 2.91 -23.53
C SER D 261 -4.99 2.18 -24.81
N GLN D 262 -5.32 2.75 -25.98
CA GLN D 262 -4.98 2.10 -27.25
C GLN D 262 -3.48 2.03 -27.44
N ILE D 263 -2.76 3.11 -27.16
CA ILE D 263 -1.31 3.10 -27.29
C ILE D 263 -0.69 2.15 -26.29
N LYS D 264 -1.26 2.07 -25.08
CA LYS D 264 -0.75 1.14 -24.08
C LYS D 264 -0.91 -0.31 -24.53
N ALA D 265 -2.09 -0.65 -25.06
CA ALA D 265 -2.31 -2.01 -25.55
C ALA D 265 -1.43 -2.30 -26.76
N ALA D 266 -1.20 -1.30 -27.60
CA ALA D 266 -0.33 -1.49 -28.76
C ALA D 266 1.10 -1.80 -28.31
N LEU D 267 1.62 -1.01 -27.37
CA LEU D 267 2.96 -1.27 -26.85
C LEU D 267 3.03 -2.63 -26.16
N ASP D 268 1.97 -3.00 -25.44
CA ASP D 268 1.96 -4.29 -24.74
C ASP D 268 2.03 -5.45 -25.72
N ASN D 269 1.18 -5.44 -26.75
CA ASN D 269 1.20 -6.55 -27.70
C ASN D 269 2.46 -6.53 -28.54
N ALA D 270 3.02 -5.35 -28.83
CA ALA D 270 4.29 -5.29 -29.55
C ALA D 270 5.40 -5.92 -28.72
N GLY D 271 5.47 -5.61 -27.42
CA GLY D 271 6.46 -6.23 -26.56
C GLY D 271 6.25 -7.73 -26.45
N LYS D 272 5.00 -8.16 -26.36
CA LYS D 272 4.72 -9.60 -26.29
C LYS D 272 5.17 -10.31 -27.56
N ILE D 273 4.93 -9.70 -28.73
CA ILE D 273 5.36 -10.30 -29.99
C ILE D 273 6.88 -10.34 -30.07
N MET D 274 7.54 -9.25 -29.65
CA MET D 274 8.99 -9.20 -29.73
C MET D 274 9.66 -10.16 -28.74
N SER D 275 8.98 -10.47 -27.62
CA SER D 275 9.53 -11.38 -26.64
C SER D 275 9.19 -12.85 -26.94
N LEU D 276 8.09 -13.10 -27.66
CA LEU D 276 7.70 -14.46 -27.97
C LEU D 276 8.28 -14.95 -29.29
N THR D 277 8.05 -14.20 -30.37
CA THR D 277 8.55 -14.58 -31.68
C THR D 277 10.07 -14.45 -31.75
N LYS D 278 10.56 -13.21 -31.69
CA LYS D 278 12.00 -12.99 -31.73
C LYS D 278 12.65 -13.34 -30.40
N THR D 279 13.91 -13.75 -30.48
CA THR D 279 14.71 -14.15 -29.32
C THR D 279 15.78 -13.09 -29.08
N ALA D 280 16.88 -13.48 -28.45
CA ALA D 280 17.99 -12.56 -28.16
C ALA D 280 19.10 -12.64 -29.19
N PRO D 281 19.60 -13.83 -29.56
CA PRO D 281 20.68 -13.88 -30.57
C PRO D 281 20.28 -13.30 -31.91
N ASP D 282 18.98 -13.25 -32.23
CA ASP D 282 18.55 -12.63 -33.48
C ASP D 282 18.92 -11.15 -33.52
N TYR D 283 19.06 -10.51 -32.36
CA TYR D 283 19.51 -9.13 -32.28
C TYR D 283 20.98 -9.02 -31.90
N LEU D 284 21.72 -10.14 -31.94
CA LEU D 284 23.12 -10.15 -31.59
C LEU D 284 24.04 -10.59 -32.71
N VAL D 285 23.53 -11.30 -33.72
CA VAL D 285 24.38 -11.75 -34.83
C VAL D 285 24.73 -10.57 -35.73
N GLY D 286 25.86 -10.68 -36.42
CA GLY D 286 26.32 -9.65 -37.32
C GLY D 286 26.08 -9.99 -38.77
N GLN D 287 26.84 -9.34 -39.64
CA GLN D 287 26.72 -9.56 -41.08
C GLN D 287 28.05 -9.93 -41.73
N GLN D 288 29.15 -9.30 -41.32
CA GLN D 288 30.45 -9.58 -41.89
C GLN D 288 31.53 -9.23 -40.87
N PRO D 289 32.49 -10.12 -40.63
CA PRO D 289 33.56 -9.82 -39.67
C PRO D 289 34.47 -8.70 -40.19
N VAL D 290 35.01 -7.94 -39.25
CA VAL D 290 35.90 -6.84 -39.58
C VAL D 290 37.37 -7.22 -39.51
N GLU D 291 37.70 -8.31 -38.81
CA GLU D 291 39.08 -8.80 -38.67
C GLU D 291 40.00 -7.71 -38.12
N ASP D 292 39.81 -7.45 -36.82
CA ASP D 292 40.59 -6.44 -36.12
C ASP D 292 40.93 -6.94 -34.72
N ILE D 293 42.03 -6.44 -34.18
CA ILE D 293 42.48 -6.81 -32.85
C ILE D 293 42.62 -5.64 -31.90
N SER D 294 42.62 -4.40 -32.42
CA SER D 294 42.74 -3.22 -31.58
C SER D 294 41.48 -2.38 -31.51
N SER D 295 40.57 -2.53 -32.48
CA SER D 295 39.33 -1.74 -32.45
C SER D 295 38.38 -2.24 -31.37
N ASN D 296 38.31 -3.56 -31.18
CA ASN D 296 37.44 -4.12 -30.15
C ASN D 296 38.05 -3.93 -28.78
N ARG D 297 37.20 -3.77 -27.78
CA ARG D 297 37.66 -3.54 -26.41
C ARG D 297 37.66 -4.81 -25.57
N ILE D 298 36.70 -5.71 -25.81
CA ILE D 298 36.65 -6.96 -25.04
C ILE D 298 37.86 -7.83 -25.37
N TYR D 299 38.36 -7.77 -26.61
CA TYR D 299 39.55 -8.52 -26.97
C TYR D 299 40.76 -8.03 -26.18
N LYS D 300 40.94 -6.71 -26.10
CA LYS D 300 42.03 -6.16 -25.31
C LYS D 300 41.86 -6.48 -23.83
N ILE D 301 40.61 -6.50 -23.35
CA ILE D 301 40.35 -6.84 -21.95
C ILE D 301 40.78 -8.27 -21.65
N LEU D 302 40.35 -9.21 -22.49
CA LEU D 302 40.72 -10.61 -22.27
C LEU D 302 42.19 -10.87 -22.53
N GLU D 303 42.84 -10.05 -23.36
CA GLU D 303 44.28 -10.20 -23.56
C GLU D 303 45.07 -9.68 -22.37
N LEU D 304 44.63 -8.57 -21.77
CA LEU D 304 45.31 -8.04 -20.60
C LEU D 304 45.04 -8.87 -19.35
N ASN D 305 43.86 -9.50 -19.27
CA ASN D 305 43.54 -10.33 -18.11
C ASN D 305 44.13 -11.73 -18.26
N GLY D 306 44.10 -12.27 -19.49
CA GLY D 306 44.66 -13.59 -19.73
C GLY D 306 43.61 -14.62 -20.10
N TYR D 307 42.40 -14.17 -20.39
CA TYR D 307 41.33 -15.09 -20.75
C TYR D 307 41.51 -15.59 -22.18
N ASP D 308 40.99 -16.79 -22.45
CA ASP D 308 41.09 -17.37 -23.78
C ASP D 308 40.07 -16.72 -24.71
N PRO D 309 40.47 -16.36 -25.92
CA PRO D 309 39.55 -15.68 -26.84
C PRO D 309 38.44 -16.59 -27.36
N GLN D 310 38.82 -17.65 -28.07
CA GLN D 310 37.82 -18.53 -28.68
C GLN D 310 37.01 -19.28 -27.64
N TYR D 311 37.63 -19.65 -26.52
CA TYR D 311 36.90 -20.35 -25.46
C TYR D 311 35.80 -19.47 -24.87
N ALA D 312 36.15 -18.24 -24.51
CA ALA D 312 35.15 -17.32 -23.99
C ALA D 312 34.10 -16.96 -25.03
N ALA D 313 34.50 -16.87 -26.30
CA ALA D 313 33.54 -16.59 -27.37
C ALA D 313 32.52 -17.71 -27.49
N SER D 314 33.00 -18.96 -27.47
CA SER D 314 32.09 -20.10 -27.54
C SER D 314 31.21 -20.19 -26.30
N VAL D 315 31.76 -19.84 -25.13
CA VAL D 315 30.97 -19.85 -23.90
C VAL D 315 29.84 -18.83 -24.00
N PHE D 316 30.16 -17.62 -24.47
CA PHE D 316 29.13 -16.58 -24.61
C PHE D 316 28.10 -16.98 -25.66
N LEU D 317 28.54 -17.63 -26.75
CA LEU D 317 27.61 -18.06 -27.78
C LEU D 317 26.66 -19.13 -27.25
N GLY D 318 27.18 -20.09 -26.48
CA GLY D 318 26.32 -21.11 -25.90
C GLY D 318 25.41 -20.56 -24.82
N TRP D 319 25.85 -19.52 -24.12
CA TRP D 319 25.00 -18.91 -23.09
C TRP D 319 23.89 -18.07 -23.69
N ALA D 320 24.17 -17.37 -24.80
CA ALA D 320 23.16 -16.53 -25.42
C ALA D 320 22.14 -17.35 -26.20
N THR D 321 22.56 -18.45 -26.83
CA THR D 321 21.67 -19.28 -27.62
C THR D 321 20.95 -20.34 -26.79
N LYS D 322 21.13 -20.33 -25.46
CA LYS D 322 20.51 -21.28 -24.55
C LYS D 322 20.86 -22.72 -24.95
N LYS D 323 22.11 -23.09 -24.69
CA LYS D 323 22.62 -24.41 -25.00
C LYS D 323 22.78 -25.30 -23.78
N PHE D 324 23.36 -24.76 -22.69
CA PHE D 324 23.55 -25.56 -21.49
C PHE D 324 22.24 -25.80 -20.77
N GLY D 325 21.43 -24.76 -20.62
CA GLY D 325 20.16 -24.88 -19.93
C GLY D 325 20.28 -24.65 -18.44
N LYS D 326 20.94 -25.56 -17.74
CA LYS D 326 21.12 -25.42 -16.30
C LYS D 326 22.15 -24.35 -15.96
N ARG D 327 23.22 -24.24 -16.74
CA ARG D 327 24.25 -23.24 -16.50
C ARG D 327 24.16 -22.12 -17.53
N ASN D 328 22.96 -21.58 -17.73
CA ASN D 328 22.73 -20.50 -18.69
C ASN D 328 22.89 -19.12 -18.08
N THR D 329 23.86 -18.97 -17.17
CA THR D 329 24.10 -17.70 -16.50
C THR D 329 25.57 -17.30 -16.63
N ILE D 330 25.84 -16.04 -16.33
CA ILE D 330 27.20 -15.50 -16.39
C ILE D 330 27.43 -14.66 -15.14
N TRP D 331 28.48 -14.98 -14.41
CA TRP D 331 28.83 -14.28 -13.17
C TRP D 331 30.10 -13.46 -13.39
N LEU D 332 30.09 -12.20 -12.97
CA LEU D 332 31.23 -11.32 -13.08
C LEU D 332 31.72 -10.93 -11.70
N PHE D 333 33.03 -10.68 -11.60
CA PHE D 333 33.65 -10.30 -10.33
C PHE D 333 34.72 -9.24 -10.60
N GLY D 334 34.88 -8.35 -9.63
CA GLY D 334 35.86 -7.28 -9.73
C GLY D 334 35.25 -5.92 -9.47
N PRO D 335 36.10 -4.93 -9.25
CA PRO D 335 35.59 -3.57 -8.98
C PRO D 335 35.00 -2.94 -10.23
N ALA D 336 34.14 -1.95 -10.01
CA ALA D 336 33.48 -1.24 -11.10
C ALA D 336 34.36 -0.17 -11.73
N THR D 337 35.53 0.12 -11.15
CA THR D 337 36.43 1.13 -11.69
C THR D 337 37.18 0.66 -12.92
N THR D 338 37.21 -0.65 -13.19
CA THR D 338 37.90 -1.17 -14.35
C THR D 338 37.16 -0.92 -15.67
N GLY D 339 35.87 -0.63 -15.61
CA GLY D 339 35.08 -0.37 -16.79
C GLY D 339 33.97 -1.37 -17.09
N LYS D 340 33.47 -2.08 -16.07
CA LYS D 340 32.40 -3.05 -16.31
C LYS D 340 31.08 -2.36 -16.60
N THR D 341 30.89 -1.13 -16.11
CA THR D 341 29.63 -0.43 -16.34
C THR D 341 29.44 -0.11 -17.82
N ASN D 342 30.51 0.29 -18.51
CA ASN D 342 30.40 0.59 -19.93
C ASN D 342 30.08 -0.66 -20.74
N ILE D 343 30.70 -1.78 -20.41
CA ILE D 343 30.41 -3.03 -21.12
C ILE D 343 28.98 -3.47 -20.85
N ALA D 344 28.51 -3.31 -19.61
CA ALA D 344 27.14 -3.66 -19.28
C ALA D 344 26.16 -2.78 -20.03
N GLU D 345 26.44 -1.48 -20.13
CA GLU D 345 25.57 -0.58 -20.88
C GLU D 345 25.55 -0.94 -22.36
N ALA D 346 26.72 -1.29 -22.92
CA ALA D 346 26.77 -1.67 -24.33
C ALA D 346 25.98 -2.95 -24.58
N ILE D 347 26.11 -3.94 -23.69
CA ILE D 347 25.36 -5.19 -23.86
C ILE D 347 23.86 -4.95 -23.72
N ALA D 348 23.47 -4.09 -22.77
CA ALA D 348 22.05 -3.79 -22.60
C ALA D 348 21.49 -3.00 -23.78
N HIS D 349 22.31 -2.18 -24.43
CA HIS D 349 21.87 -1.45 -25.61
C HIS D 349 21.83 -2.34 -26.84
N THR D 350 22.67 -3.38 -26.89
CA THR D 350 22.64 -4.29 -28.03
C THR D 350 21.35 -5.11 -28.05
N VAL D 351 20.76 -5.37 -26.89
CA VAL D 351 19.52 -6.14 -26.81
C VAL D 351 18.35 -5.17 -26.68
N PRO D 352 17.25 -5.39 -27.41
CA PRO D 352 16.10 -4.47 -27.30
C PRO D 352 15.45 -4.50 -25.92
N PHE D 353 14.88 -5.63 -25.53
CA PHE D 353 14.19 -5.77 -24.26
C PHE D 353 15.13 -6.36 -23.22
N TYR D 354 15.24 -5.70 -22.08
CA TYR D 354 16.09 -6.16 -20.99
C TYR D 354 15.56 -5.63 -19.67
N GLY D 355 15.87 -6.33 -18.59
CA GLY D 355 15.43 -5.93 -17.27
C GLY D 355 16.57 -5.83 -16.27
N CYS D 356 16.34 -5.15 -15.16
CA CYS D 356 17.36 -5.00 -14.13
C CYS D 356 16.73 -5.19 -12.76
N VAL D 357 17.53 -5.68 -11.82
CA VAL D 357 17.07 -5.89 -10.45
C VAL D 357 17.12 -4.54 -9.73
N ASN D 358 15.95 -3.99 -9.43
CA ASN D 358 15.84 -2.71 -8.74
C ASN D 358 15.95 -2.94 -7.24
N TRP D 359 17.05 -2.47 -6.65
CA TRP D 359 17.28 -2.64 -5.23
C TRP D 359 16.55 -1.61 -4.38
N THR D 360 15.73 -0.74 -4.99
CA THR D 360 15.01 0.26 -4.22
C THR D 360 13.83 -0.37 -3.49
N ASN D 361 12.88 -0.95 -4.25
CA ASN D 361 11.71 -1.58 -3.66
C ASN D 361 12.12 -2.93 -3.06
N GLU D 362 12.10 -3.00 -1.72
CA GLU D 362 12.47 -4.23 -1.04
C GLU D 362 11.37 -5.30 -1.10
N ASN D 363 10.14 -4.91 -1.42
CA ASN D 363 9.05 -5.87 -1.50
C ASN D 363 9.12 -6.73 -2.76
N PHE D 364 9.64 -6.18 -3.85
CA PHE D 364 9.76 -6.91 -5.10
C PHE D 364 10.86 -6.31 -5.97
N PRO D 365 12.09 -6.82 -5.89
CA PRO D 365 13.17 -6.28 -6.73
C PRO D 365 13.13 -6.76 -8.17
N PHE D 366 12.24 -7.69 -8.52
CA PHE D 366 12.16 -8.20 -9.88
C PHE D 366 10.92 -7.66 -10.59
N ASN D 367 10.69 -6.35 -10.48
CA ASN D 367 9.53 -5.75 -11.13
C ASN D 367 9.74 -5.60 -12.63
N ASP D 368 10.89 -5.09 -13.04
CA ASP D 368 11.22 -4.91 -14.45
C ASP D 368 11.83 -6.15 -15.08
N CYS D 369 11.91 -7.26 -14.34
CA CYS D 369 12.48 -8.50 -14.85
C CYS D 369 11.41 -9.50 -15.28
N VAL D 370 10.28 -9.00 -15.78
CA VAL D 370 9.17 -9.84 -16.22
C VAL D 370 9.09 -9.77 -17.73
N ASP D 371 9.19 -10.93 -18.39
CA ASP D 371 9.13 -11.04 -19.84
C ASP D 371 10.22 -10.18 -20.50
N LYS D 372 11.47 -10.51 -20.20
CA LYS D 372 12.61 -9.81 -20.75
C LYS D 372 13.58 -10.82 -21.35
N MET D 373 14.37 -10.35 -22.32
CA MET D 373 15.34 -11.22 -22.98
C MET D 373 16.53 -11.52 -22.07
N VAL D 374 17.04 -10.52 -21.35
CA VAL D 374 18.14 -10.70 -20.42
C VAL D 374 17.85 -9.89 -19.16
N ILE D 375 18.44 -10.35 -18.05
CA ILE D 375 18.29 -9.68 -16.77
C ILE D 375 19.67 -9.27 -16.27
N TRP D 376 19.71 -8.13 -15.56
CA TRP D 376 20.92 -7.64 -14.92
C TRP D 376 20.75 -7.65 -13.41
N TRP D 377 21.82 -8.02 -12.70
CA TRP D 377 21.82 -8.09 -11.25
C TRP D 377 22.85 -7.09 -10.72
N GLU D 378 22.36 -6.03 -10.09
CA GLU D 378 23.24 -5.00 -9.55
C GLU D 378 23.90 -5.47 -8.26
N GLU D 379 24.83 -4.66 -7.76
CA GLU D 379 25.54 -4.99 -6.54
C GLU D 379 24.60 -4.87 -5.34
N GLY D 380 24.62 -5.87 -4.47
CA GLY D 380 23.77 -5.86 -3.29
C GLY D 380 23.91 -7.15 -2.53
N LYS D 381 23.57 -7.08 -1.25
CA LYS D 381 23.63 -8.24 -0.37
C LYS D 381 22.48 -9.18 -0.66
N MET D 382 22.79 -10.48 -0.71
CA MET D 382 21.79 -11.51 -0.99
C MET D 382 20.98 -11.77 0.28
N THR D 383 19.90 -11.02 0.45
CA THR D 383 19.04 -11.21 1.60
C THR D 383 18.23 -12.49 1.45
N ALA D 384 17.98 -13.16 2.59
CA ALA D 384 17.25 -14.43 2.56
C ALA D 384 15.85 -14.30 2.00
N LYS D 385 15.28 -13.09 2.00
CA LYS D 385 13.96 -12.88 1.43
C LYS D 385 13.96 -12.98 -0.09
N VAL D 386 15.12 -12.80 -0.73
CA VAL D 386 15.25 -12.88 -2.18
C VAL D 386 16.20 -13.97 -2.64
N VAL D 387 16.87 -14.66 -1.71
CA VAL D 387 17.80 -15.72 -2.09
C VAL D 387 17.06 -16.85 -2.79
N GLU D 388 15.89 -17.23 -2.26
CA GLU D 388 15.13 -18.31 -2.87
C GLU D 388 14.62 -17.93 -4.26
N SER D 389 14.18 -16.69 -4.42
CA SER D 389 13.73 -16.24 -5.74
C SER D 389 14.89 -16.20 -6.72
N ALA D 390 16.07 -15.75 -6.28
CA ALA D 390 17.23 -15.75 -7.15
C ALA D 390 17.64 -17.17 -7.54
N LYS D 391 17.54 -18.11 -6.60
CA LYS D 391 17.86 -19.49 -6.90
C LYS D 391 16.86 -20.08 -7.90
N ALA D 392 15.57 -19.78 -7.73
CA ALA D 392 14.58 -20.24 -8.69
C ALA D 392 14.78 -19.62 -10.06
N ILE D 393 15.26 -18.37 -10.11
CA ILE D 393 15.53 -17.73 -11.40
C ILE D 393 16.74 -18.37 -12.06
N LEU D 394 17.78 -18.69 -11.29
CA LEU D 394 18.98 -19.30 -11.84
C LEU D 394 18.69 -20.70 -12.40
N GLY D 395 17.66 -21.38 -11.88
CA GLY D 395 17.34 -22.70 -12.35
C GLY D 395 16.77 -22.71 -13.75
N GLY D 396 16.08 -21.65 -14.15
CA GLY D 396 15.51 -21.57 -15.48
C GLY D 396 14.19 -22.30 -15.61
N SER D 397 13.09 -21.65 -15.23
CA SER D 397 11.77 -22.25 -15.33
C SER D 397 10.74 -21.15 -15.42
N LYS D 398 9.74 -21.34 -16.30
CA LYS D 398 8.65 -20.39 -16.44
C LYS D 398 7.85 -20.31 -15.15
N VAL D 399 8.23 -19.42 -14.25
CA VAL D 399 7.63 -19.34 -12.92
C VAL D 399 6.58 -18.24 -12.90
N ARG D 400 5.43 -18.53 -12.30
CA ARG D 400 4.34 -17.57 -12.18
C ARG D 400 4.51 -16.80 -10.88
N VAL D 401 4.77 -15.50 -10.98
CA VAL D 401 4.98 -14.65 -9.82
C VAL D 401 4.14 -13.38 -9.97
N ASP D 402 3.84 -12.77 -8.83
CA ASP D 402 3.05 -11.55 -8.82
C ASP D 402 3.85 -10.38 -9.39
N GLN D 403 3.15 -9.25 -9.57
CA GLN D 403 3.77 -8.02 -10.12
C GLN D 403 4.01 -7.01 -8.99
N LYS D 404 3.03 -6.13 -8.74
CA LYS D 404 3.15 -5.11 -7.67
C LYS D 404 1.88 -5.12 -6.80
N CYS D 405 0.71 -5.22 -7.44
CA CYS D 405 -0.58 -5.23 -6.70
C CYS D 405 -1.68 -5.85 -7.56
N LYS D 406 -2.20 -7.01 -7.13
CA LYS D 406 -3.27 -7.71 -7.86
C LYS D 406 -2.93 -7.90 -9.33
N SER D 407 -1.74 -8.44 -9.57
CA SER D 407 -1.28 -8.69 -10.93
C SER D 407 -0.19 -9.76 -10.90
N SER D 408 -0.36 -10.80 -11.72
CA SER D 408 0.59 -11.89 -11.80
C SER D 408 0.95 -12.17 -13.25
N ALA D 409 2.12 -12.75 -13.45
CA ALA D 409 2.61 -13.07 -14.78
C ALA D 409 3.61 -14.20 -14.69
N GLN D 410 3.79 -14.90 -15.81
CA GLN D 410 4.70 -16.02 -15.89
C GLN D 410 5.99 -15.59 -16.61
N ILE D 411 7.13 -15.77 -15.94
CA ILE D 411 8.43 -15.43 -16.49
C ILE D 411 9.03 -16.67 -17.13
N ASP D 412 9.55 -16.51 -18.35
CA ASP D 412 10.17 -17.63 -19.11
C ASP D 412 11.67 -17.69 -18.80
N PRO D 413 12.31 -18.88 -18.85
CA PRO D 413 13.74 -19.00 -18.57
C PRO D 413 14.56 -18.01 -19.41
N THR D 414 15.07 -16.96 -18.76
CA THR D 414 15.87 -15.94 -19.44
C THR D 414 17.23 -15.80 -18.77
N PRO D 415 18.29 -15.56 -19.54
CA PRO D 415 19.63 -15.45 -18.96
C PRO D 415 19.77 -14.20 -18.09
N VAL D 416 20.61 -14.32 -17.07
CA VAL D 416 20.91 -13.23 -16.15
C VAL D 416 22.41 -12.99 -16.15
N ILE D 417 22.80 -11.76 -15.83
CA ILE D 417 24.21 -11.35 -15.76
C ILE D 417 24.41 -10.60 -14.46
N VAL D 418 25.33 -11.09 -13.63
CA VAL D 418 25.62 -10.47 -12.34
C VAL D 418 26.63 -9.35 -12.55
N THR D 419 26.28 -8.15 -12.09
CA THR D 419 27.18 -7.00 -12.21
C THR D 419 27.54 -6.46 -10.83
N SER D 420 27.94 -7.35 -9.92
CA SER D 420 28.32 -6.98 -8.56
C SER D 420 29.82 -6.82 -8.45
N ASN D 421 30.25 -6.14 -7.39
CA ASN D 421 31.66 -5.90 -7.13
C ASN D 421 32.19 -6.62 -5.90
N THR D 422 31.32 -7.18 -5.08
CA THR D 422 31.72 -7.92 -3.89
C THR D 422 31.54 -9.42 -4.11
N ASN D 423 31.76 -10.20 -3.06
CA ASN D 423 31.61 -11.65 -3.14
C ASN D 423 30.17 -12.06 -2.96
N MET D 424 29.71 -13.01 -3.79
CA MET D 424 28.35 -13.51 -3.74
C MET D 424 28.26 -14.90 -3.13
N CYS D 425 29.37 -15.44 -2.64
CA CYS D 425 29.36 -16.78 -2.05
C CYS D 425 28.66 -16.78 -0.69
N ALA D 426 29.23 -16.06 0.28
CA ALA D 426 28.63 -15.99 1.60
C ALA D 426 27.33 -15.20 1.56
N VAL D 427 26.24 -15.83 2.00
CA VAL D 427 24.93 -15.18 2.00
C VAL D 427 24.86 -14.21 3.16
N ILE D 428 24.85 -12.91 2.85
CA ILE D 428 24.81 -11.86 3.86
C ILE D 428 23.46 -11.17 3.79
N ASP D 429 22.78 -11.09 4.94
CA ASP D 429 21.48 -10.44 5.05
C ASP D 429 21.58 -9.15 5.87
N GLY D 430 22.62 -8.36 5.63
CA GLY D 430 22.83 -7.13 6.35
C GLY D 430 23.53 -7.33 7.68
N ASN D 431 22.93 -8.13 8.56
CA ASN D 431 23.50 -8.41 9.87
C ASN D 431 23.91 -9.87 10.06
N SER D 432 23.24 -10.81 9.41
CA SER D 432 23.55 -12.23 9.52
C SER D 432 24.34 -12.69 8.31
N THR D 433 25.15 -13.72 8.52
CA THR D 433 25.99 -14.28 7.47
C THR D 433 25.94 -15.80 7.54
N THR D 434 25.64 -16.45 6.41
CA THR D 434 25.56 -17.93 6.35
C THR D 434 26.39 -18.46 5.18
N PHE D 435 27.14 -19.54 5.40
CA PHE D 435 27.99 -20.15 4.34
C PHE D 435 27.65 -21.65 4.22
N GLU D 436 26.41 -22.00 4.57
CA GLU D 436 25.95 -23.43 4.50
C GLU D 436 25.45 -23.73 3.09
N HIS D 437 24.27 -23.20 2.74
CA HIS D 437 23.67 -23.43 1.40
C HIS D 437 24.42 -22.60 0.34
N GLN D 438 25.31 -23.25 -0.41
CA GLN D 438 26.09 -22.57 -1.45
C GLN D 438 26.40 -23.43 -2.66
N GLN D 439 26.20 -24.75 -2.61
CA GLN D 439 26.54 -25.61 -3.75
C GLN D 439 25.70 -25.30 -4.98
N PRO D 440 24.35 -25.20 -4.91
CA PRO D 440 23.59 -24.92 -6.14
C PRO D 440 23.92 -23.56 -6.74
N LEU D 441 23.94 -22.52 -5.90
CA LEU D 441 24.24 -21.18 -6.40
C LEU D 441 25.70 -21.00 -6.81
N GLN D 442 26.59 -21.91 -6.41
CA GLN D 442 27.97 -21.85 -6.84
C GLN D 442 28.27 -22.73 -8.05
N ASP D 443 27.42 -23.73 -8.32
CA ASP D 443 27.60 -24.59 -9.49
C ASP D 443 26.67 -24.21 -10.64
N ARG D 444 25.69 -23.36 -10.41
CA ARG D 444 24.77 -22.92 -11.46
C ARG D 444 25.27 -21.69 -12.21
N MET D 445 26.57 -21.44 -12.22
CA MET D 445 27.14 -20.29 -12.91
C MET D 445 28.60 -20.58 -13.21
N PHE D 446 29.21 -19.65 -13.94
CA PHE D 446 30.61 -19.73 -14.33
C PHE D 446 31.41 -18.73 -13.50
N LYS D 447 32.54 -18.25 -14.04
CA LYS D 447 33.38 -17.31 -13.31
C LYS D 447 34.19 -16.51 -14.33
N PHE D 448 33.94 -15.21 -14.42
CA PHE D 448 34.66 -14.31 -15.31
C PHE D 448 35.02 -13.06 -14.51
N GLU D 449 36.20 -13.08 -13.88
CA GLU D 449 36.66 -11.98 -13.06
C GLU D 449 37.74 -11.19 -13.80
N LEU D 450 37.85 -9.90 -13.46
CA LEU D 450 38.85 -9.03 -14.07
C LEU D 450 39.14 -7.88 -13.12
N THR D 451 40.40 -7.46 -13.08
CA THR D 451 40.80 -6.37 -12.20
C THR D 451 41.75 -5.38 -12.86
N ARG D 452 42.09 -5.56 -14.14
CA ARG D 452 43.00 -4.66 -14.82
C ARG D 452 42.25 -3.41 -15.29
N ARG D 453 42.76 -2.24 -14.92
CA ARG D 453 42.14 -0.98 -15.31
C ARG D 453 42.53 -0.63 -16.74
N LEU D 454 41.54 -0.17 -17.51
CA LEU D 454 41.76 0.20 -18.90
C LEU D 454 42.21 1.65 -18.97
N ASP D 455 42.09 2.28 -20.14
CA ASP D 455 42.51 3.65 -20.32
C ASP D 455 41.48 4.60 -19.69
N HIS D 456 41.89 5.86 -19.54
CA HIS D 456 41.02 6.88 -18.97
C HIS D 456 40.00 7.34 -19.99
N ASP D 457 38.75 7.49 -19.54
CA ASP D 457 37.64 7.94 -20.38
C ASP D 457 37.47 7.03 -21.59
N PHE D 458 37.51 5.72 -21.36
CA PHE D 458 37.37 4.72 -22.41
C PHE D 458 36.09 3.94 -22.15
N GLY D 459 35.05 4.26 -22.90
CA GLY D 459 33.78 3.58 -22.73
C GLY D 459 32.84 3.87 -23.88
N LYS D 460 31.55 3.66 -23.61
CA LYS D 460 30.48 3.87 -24.59
C LYS D 460 30.73 3.07 -25.86
N VAL D 461 30.49 1.76 -25.79
CA VAL D 461 30.70 0.87 -26.92
C VAL D 461 29.38 0.71 -27.67
N THR D 462 29.46 0.68 -29.00
CA THR D 462 28.28 0.53 -29.83
C THR D 462 27.93 -0.95 -29.97
N LYS D 463 27.04 -1.27 -30.93
CA LYS D 463 26.62 -2.65 -31.16
C LYS D 463 27.36 -3.31 -32.32
N GLN D 464 28.08 -2.54 -33.14
CA GLN D 464 28.81 -3.13 -34.25
C GLN D 464 29.92 -4.05 -33.76
N GLU D 465 30.61 -3.65 -32.68
CA GLU D 465 31.66 -4.50 -32.12
C GLU D 465 31.08 -5.79 -31.58
N VAL D 466 29.94 -5.72 -30.90
CA VAL D 466 29.30 -6.92 -30.36
C VAL D 466 28.85 -7.82 -31.50
N LYS D 467 28.31 -7.24 -32.58
CA LYS D 467 27.88 -8.05 -33.71
C LYS D 467 29.08 -8.73 -34.38
N ASP D 468 30.19 -8.01 -34.53
CA ASP D 468 31.39 -8.61 -35.11
C ASP D 468 31.93 -9.73 -34.23
N PHE D 469 31.91 -9.53 -32.91
CA PHE D 469 32.37 -10.57 -31.99
C PHE D 469 31.48 -11.80 -32.06
N PHE D 470 30.16 -11.60 -32.14
CA PHE D 470 29.25 -12.74 -32.25
C PHE D 470 29.44 -13.47 -33.58
N ARG D 471 29.68 -12.73 -34.67
CA ARG D 471 29.93 -13.38 -35.95
C ARG D 471 31.24 -14.18 -35.91
N TRP D 472 32.28 -13.61 -35.29
CA TRP D 472 33.54 -14.34 -35.16
C TRP D 472 33.39 -15.58 -34.31
N ALA D 473 32.56 -15.52 -33.26
CA ALA D 473 32.31 -16.68 -32.43
C ALA D 473 31.53 -17.75 -33.19
N LYS D 474 30.56 -17.32 -34.02
CA LYS D 474 29.80 -18.28 -34.81
C LYS D 474 30.63 -18.89 -35.93
N ASP D 475 31.64 -18.17 -36.41
CA ASP D 475 32.50 -18.71 -37.47
C ASP D 475 33.38 -19.83 -36.94
N HIS D 476 33.83 -19.74 -35.70
CA HIS D 476 34.68 -20.75 -35.08
C HIS D 476 34.06 -21.14 -33.74
N VAL D 477 33.34 -22.26 -33.72
CA VAL D 477 32.65 -22.75 -32.53
C VAL D 477 33.57 -23.73 -31.81
N VAL D 478 33.74 -23.52 -30.51
CA VAL D 478 34.56 -24.40 -29.68
C VAL D 478 33.65 -25.18 -28.74
N GLU D 479 33.95 -26.46 -28.55
CA GLU D 479 33.14 -27.32 -27.70
C GLU D 479 33.19 -26.82 -26.26
N VAL D 480 32.04 -26.42 -25.74
CA VAL D 480 31.93 -25.91 -24.38
C VAL D 480 31.63 -27.05 -23.43
N GLU D 481 32.28 -27.06 -22.28
CA GLU D 481 32.08 -28.07 -21.25
C GLU D 481 31.74 -27.40 -19.93
N HIS D 482 31.20 -28.19 -19.01
CA HIS D 482 30.81 -27.69 -17.69
C HIS D 482 32.06 -27.43 -16.87
N GLU D 483 32.31 -26.15 -16.57
CA GLU D 483 33.50 -25.75 -15.78
C GLU D 483 33.18 -24.46 -15.00
N PHE D 484 33.33 -24.49 -13.68
CA PHE D 484 33.05 -23.32 -12.82
C PHE D 484 34.24 -22.36 -12.87
N TYR D 485 35.30 -22.65 -12.10
CA TYR D 485 36.51 -21.80 -12.06
C TYR D 485 37.24 -21.88 -13.41
N VAL D 486 36.99 -20.89 -14.28
CA VAL D 486 37.64 -20.85 -15.62
C VAL D 486 39.14 -20.58 -15.45
N LYS D 487 39.98 -21.20 -16.29
CA LYS D 487 41.45 -21.01 -16.21
C LYS D 487 41.88 -19.91 -17.19
N LYS D 488 43.04 -19.31 -16.96
CA LYS D 488 43.56 -18.25 -17.81
C LYS D 488 44.63 -18.84 -18.71
N GLY D 489 44.32 -18.95 -20.00
CA GLY D 489 45.27 -19.50 -20.95
C GLY D 489 45.03 -19.03 -22.38
N GLY D 490 45.10 -17.72 -22.59
CA GLY D 490 44.89 -17.15 -23.90
C GLY D 490 45.15 -15.66 -23.96
N VAL E 215 -6.53 11.62 -36.80
CA VAL E 215 -6.22 11.73 -38.22
C VAL E 215 -7.47 12.11 -39.00
N ILE E 216 -8.63 12.05 -38.33
CA ILE E 216 -9.88 12.40 -38.99
C ILE E 216 -10.10 13.90 -39.04
N ARG E 217 -9.34 14.69 -38.28
CA ARG E 217 -9.45 16.14 -38.25
C ARG E 217 -10.86 16.59 -37.93
N SER E 218 -11.25 16.49 -36.66
CA SER E 218 -12.57 16.88 -36.20
C SER E 218 -12.48 18.19 -35.41
N LYS E 219 -13.53 18.49 -34.63
CA LYS E 219 -13.54 19.71 -33.83
C LYS E 219 -12.63 19.57 -32.62
N THR E 220 -12.78 18.48 -31.86
CA THR E 220 -11.93 18.26 -30.69
C THR E 220 -10.47 18.09 -31.09
N SER E 221 -10.22 17.51 -32.27
CA SER E 221 -8.84 17.36 -32.74
C SER E 221 -8.17 18.71 -32.92
N ALA E 222 -8.81 19.60 -33.68
CA ALA E 222 -8.26 20.94 -33.87
C ALA E 222 -8.19 21.70 -32.55
N ARG E 223 -9.17 21.48 -31.66
CA ARG E 223 -9.17 22.16 -30.38
C ARG E 223 -7.95 21.79 -29.55
N TYR E 224 -7.71 20.49 -29.35
CA TYR E 224 -6.58 20.08 -28.54
C TYR E 224 -5.26 20.34 -29.26
N MET E 225 -5.26 20.38 -30.59
CA MET E 225 -4.05 20.75 -31.31
C MET E 225 -3.70 22.22 -31.05
N GLU E 226 -4.70 23.11 -31.11
CA GLU E 226 -4.46 24.52 -30.79
C GLU E 226 -4.05 24.67 -29.33
N LEU E 227 -4.63 23.86 -28.44
CA LEU E 227 -4.24 23.92 -27.03
C LEU E 227 -2.79 23.52 -26.84
N VAL E 228 -2.35 22.44 -27.49
CA VAL E 228 -0.97 22.01 -27.39
C VAL E 228 -0.03 23.05 -28.00
N GLY E 229 -0.45 23.67 -29.10
CA GLY E 229 0.36 24.72 -29.70
C GLY E 229 0.51 25.92 -28.78
N TRP E 230 -0.57 26.35 -28.13
CA TRP E 230 -0.49 27.45 -27.18
C TRP E 230 0.34 27.08 -25.96
N LEU E 231 0.30 25.80 -25.56
CA LEU E 231 1.10 25.36 -24.42
C LEU E 231 2.60 25.38 -24.75
N VAL E 232 2.97 24.87 -25.93
CA VAL E 232 4.37 24.84 -26.33
C VAL E 232 4.89 26.18 -26.82
N ASP E 233 4.00 27.12 -27.12
CA ASP E 233 4.44 28.44 -27.57
C ASP E 233 4.90 29.31 -26.41
N LYS E 234 4.32 29.12 -25.22
CA LYS E 234 4.69 29.89 -24.05
C LYS E 234 5.47 29.10 -23.02
N GLY E 235 5.57 27.78 -23.17
CA GLY E 235 6.30 26.96 -22.23
C GLY E 235 5.55 26.74 -20.93
N ILE E 236 4.32 26.24 -21.03
CA ILE E 236 3.48 25.97 -19.88
C ILE E 236 3.33 24.47 -19.74
N THR E 237 3.72 23.94 -18.57
CA THR E 237 3.63 22.51 -18.29
C THR E 237 2.97 22.21 -16.96
N SER E 238 2.56 23.24 -16.20
CA SER E 238 1.93 23.02 -14.91
C SER E 238 0.50 23.55 -14.92
N GLU E 239 -0.07 23.77 -13.73
CA GLU E 239 -1.44 24.27 -13.63
C GLU E 239 -1.49 25.76 -13.33
N LYS E 240 -0.66 26.24 -12.39
CA LYS E 240 -0.67 27.65 -12.05
C LYS E 240 -0.20 28.51 -13.21
N GLN E 241 0.72 28.00 -14.04
CA GLN E 241 1.17 28.75 -15.21
C GLN E 241 0.02 29.01 -16.17
N TRP E 242 -0.71 27.95 -16.55
CA TRP E 242 -1.86 28.12 -17.43
C TRP E 242 -2.96 28.94 -16.77
N ILE E 243 -3.10 28.84 -15.44
CA ILE E 243 -4.08 29.65 -14.73
C ILE E 243 -3.76 31.13 -14.90
N GLN E 244 -2.54 31.52 -14.56
CA GLN E 244 -2.14 32.93 -14.71
C GLN E 244 -2.13 33.37 -16.16
N GLU E 245 -1.94 32.43 -17.09
CA GLU E 245 -1.98 32.78 -18.50
C GLU E 245 -3.40 33.13 -18.94
N ASP E 246 -4.35 32.24 -18.68
CA ASP E 246 -5.73 32.48 -19.07
C ASP E 246 -6.72 31.69 -18.21
N GLN E 247 -7.00 32.20 -17.00
CA GLN E 247 -8.08 31.65 -16.20
C GLN E 247 -9.38 31.50 -16.99
N ALA E 248 -9.65 32.44 -17.90
CA ALA E 248 -10.88 32.35 -18.69
C ALA E 248 -10.92 31.09 -19.54
N SER E 249 -9.87 30.85 -20.32
CA SER E 249 -9.80 29.64 -21.13
C SER E 249 -9.73 28.39 -20.27
N TYR E 250 -9.10 28.49 -19.09
CA TYR E 250 -9.05 27.33 -18.20
C TYR E 250 -10.44 26.94 -17.72
N ILE E 251 -11.23 27.94 -17.28
CA ILE E 251 -12.60 27.67 -16.85
C ILE E 251 -13.45 27.19 -18.02
N SER E 252 -13.23 27.75 -19.21
CA SER E 252 -13.99 27.30 -20.38
C SER E 252 -13.70 25.84 -20.69
N PHE E 253 -12.43 25.43 -20.64
CA PHE E 253 -12.08 24.05 -20.91
C PHE E 253 -12.56 23.12 -19.81
N ASN E 254 -12.56 23.59 -18.55
CA ASN E 254 -13.07 22.76 -17.47
C ASN E 254 -14.58 22.58 -17.55
N ALA E 255 -15.29 23.59 -18.08
CA ALA E 255 -16.73 23.47 -18.22
C ALA E 255 -17.14 22.73 -19.50
N ALA E 256 -16.27 22.72 -20.50
CA ALA E 256 -16.59 22.03 -21.75
C ALA E 256 -16.60 20.51 -21.54
N SER E 257 -15.49 19.95 -21.08
CA SER E 257 -15.36 18.53 -20.85
C SER E 257 -15.52 18.21 -19.36
N ASN E 258 -16.16 17.09 -19.07
CA ASN E 258 -16.38 16.67 -17.69
C ASN E 258 -15.27 15.77 -17.18
N SER E 259 -14.83 14.79 -17.97
CA SER E 259 -13.77 13.89 -17.57
C SER E 259 -12.43 14.61 -17.65
N ARG E 260 -11.76 14.74 -16.51
CA ARG E 260 -10.46 15.43 -16.44
C ARG E 260 -9.37 14.45 -16.84
N SER E 261 -9.00 14.49 -18.13
CA SER E 261 -7.94 13.61 -18.67
C SER E 261 -7.33 14.22 -19.93
N GLN E 262 -8.11 15.03 -20.64
CA GLN E 262 -7.65 15.68 -21.90
C GLN E 262 -6.58 16.74 -21.56
N ILE E 263 -6.73 17.40 -20.41
CA ILE E 263 -5.79 18.43 -19.99
C ILE E 263 -4.48 17.79 -19.51
N LYS E 264 -4.57 16.69 -18.77
CA LYS E 264 -3.36 16.00 -18.31
C LYS E 264 -2.60 15.41 -19.49
N ALA E 265 -3.31 14.86 -20.47
CA ALA E 265 -2.64 14.31 -21.65
C ALA E 265 -1.94 15.41 -22.44
N ALA E 266 -2.59 16.57 -22.59
CA ALA E 266 -1.97 17.68 -23.30
C ALA E 266 -0.75 18.20 -22.54
N LEU E 267 -0.84 18.27 -21.22
CA LEU E 267 0.31 18.72 -20.43
C LEU E 267 1.47 17.74 -20.54
N ASP E 268 1.18 16.44 -20.50
CA ASP E 268 2.24 15.44 -20.65
C ASP E 268 2.87 15.50 -22.03
N ASN E 269 2.05 15.71 -23.07
CA ASN E 269 2.59 15.82 -24.42
C ASN E 269 3.46 17.07 -24.56
N ALA E 270 3.03 18.19 -23.99
CA ALA E 270 3.83 19.40 -24.05
C ALA E 270 5.15 19.23 -23.29
N GLY E 271 5.10 18.56 -22.13
CA GLY E 271 6.33 18.30 -21.40
C GLY E 271 7.28 17.41 -22.16
N LYS E 272 6.76 16.35 -22.79
CA LYS E 272 7.61 15.47 -23.58
C LYS E 272 8.21 16.20 -24.77
N ILE E 273 7.43 17.08 -25.40
CA ILE E 273 7.95 17.85 -26.54
C ILE E 273 9.05 18.80 -26.08
N MET E 274 8.84 19.48 -24.94
CA MET E 274 9.84 20.41 -24.45
C MET E 274 11.09 19.69 -23.96
N SER E 275 10.95 18.44 -23.50
CA SER E 275 12.11 17.69 -23.03
C SER E 275 12.88 17.04 -24.17
N LEU E 276 12.19 16.66 -25.25
CA LEU E 276 12.86 16.00 -26.37
C LEU E 276 13.45 17.00 -27.36
N THR E 277 12.70 18.05 -27.72
CA THR E 277 13.20 19.04 -28.67
C THR E 277 14.25 19.94 -28.04
N LYS E 278 13.96 20.48 -26.85
CA LYS E 278 14.87 21.36 -26.15
C LYS E 278 15.66 20.58 -25.10
N THR E 279 16.98 20.65 -25.18
CA THR E 279 17.85 19.96 -24.24
C THR E 279 18.14 20.89 -23.06
N ALA E 280 19.19 20.57 -22.30
CA ALA E 280 19.56 21.37 -21.14
C ALA E 280 20.37 22.61 -21.55
N PRO E 281 21.46 22.48 -22.32
CA PRO E 281 22.22 23.69 -22.68
C PRO E 281 21.42 24.69 -23.49
N ASP E 282 20.43 24.23 -24.26
CA ASP E 282 19.56 25.14 -24.98
C ASP E 282 18.77 26.06 -24.06
N TYR E 283 18.57 25.65 -22.80
CA TYR E 283 17.91 26.48 -21.81
C TYR E 283 18.90 27.23 -20.93
N LEU E 284 20.18 27.23 -21.30
CA LEU E 284 21.21 27.93 -20.52
C LEU E 284 21.87 29.06 -21.28
N VAL E 285 22.03 28.92 -22.60
CA VAL E 285 22.67 29.97 -23.39
C VAL E 285 21.76 31.18 -23.48
N GLY E 286 22.35 32.37 -23.47
CA GLY E 286 21.60 33.60 -23.54
C GLY E 286 21.68 34.25 -24.91
N GLN E 287 21.26 35.51 -24.96
CA GLN E 287 21.27 36.29 -26.19
C GLN E 287 22.14 37.54 -26.15
N GLN E 288 22.66 37.90 -24.98
CA GLN E 288 23.50 39.09 -24.87
C GLN E 288 24.50 38.92 -23.72
N PRO E 289 25.78 38.70 -24.02
CA PRO E 289 26.77 38.56 -22.94
C PRO E 289 27.03 39.88 -22.25
N VAL E 290 27.68 39.79 -21.09
CA VAL E 290 28.03 40.95 -20.27
C VAL E 290 29.54 41.09 -20.13
N GLU E 291 30.26 39.97 -20.00
CA GLU E 291 31.72 39.95 -19.86
C GLU E 291 32.16 40.83 -18.69
N ASP E 292 31.65 40.52 -17.52
CA ASP E 292 31.97 41.27 -16.31
C ASP E 292 31.97 40.33 -15.11
N ILE E 293 32.87 40.59 -14.17
CA ILE E 293 32.98 39.77 -12.97
C ILE E 293 32.38 40.43 -11.74
N SER E 294 32.15 41.75 -11.77
CA SER E 294 31.58 42.48 -10.64
C SER E 294 30.10 42.74 -10.82
N SER E 295 29.38 41.80 -11.44
CA SER E 295 27.95 41.95 -11.65
C SER E 295 27.13 40.72 -11.27
N ASN E 296 27.75 39.59 -10.99
CA ASN E 296 27.05 38.36 -10.63
C ASN E 296 27.34 38.01 -9.18
N ARG E 297 26.29 37.64 -8.43
CA ARG E 297 26.46 37.28 -7.04
C ARG E 297 27.14 35.92 -6.89
N ILE E 298 26.84 34.98 -7.80
CA ILE E 298 27.48 33.67 -7.74
C ILE E 298 28.97 33.78 -7.99
N TYR E 299 29.39 34.74 -8.82
CA TYR E 299 30.81 34.96 -9.04
C TYR E 299 31.52 35.36 -7.75
N LYS E 300 30.93 36.31 -7.02
CA LYS E 300 31.52 36.71 -5.73
C LYS E 300 31.48 35.55 -4.73
N ILE E 301 30.41 34.76 -4.76
CA ILE E 301 30.30 33.63 -3.84
C ILE E 301 31.41 32.63 -4.10
N LEU E 302 31.69 32.33 -5.37
CA LEU E 302 32.72 31.35 -5.68
C LEU E 302 34.13 31.93 -5.53
N GLU E 303 34.28 33.25 -5.67
CA GLU E 303 35.59 33.87 -5.53
C GLU E 303 35.95 34.20 -4.09
N LEU E 304 34.96 34.20 -3.17
CA LEU E 304 35.27 34.42 -1.77
C LEU E 304 36.16 33.32 -1.20
N ASN E 305 36.11 32.12 -1.79
CA ASN E 305 36.94 31.02 -1.35
C ASN E 305 38.33 31.06 -1.97
N GLY E 306 38.42 31.38 -3.26
CA GLY E 306 39.70 31.47 -3.94
C GLY E 306 39.76 30.70 -5.25
N TYR E 307 38.63 30.13 -5.66
CA TYR E 307 38.58 29.35 -6.88
C TYR E 307 38.59 30.27 -8.11
N ASP E 308 38.92 29.68 -9.25
CA ASP E 308 38.97 30.44 -10.50
C ASP E 308 37.58 30.49 -11.12
N PRO E 309 37.11 31.68 -11.54
CA PRO E 309 35.78 31.77 -12.15
C PRO E 309 35.70 31.11 -13.52
N GLN E 310 36.71 31.35 -14.35
CA GLN E 310 36.70 30.80 -15.70
C GLN E 310 36.83 29.27 -15.67
N TYR E 311 37.65 28.74 -14.76
CA TYR E 311 37.80 27.29 -14.66
C TYR E 311 36.50 26.64 -14.21
N ALA E 312 35.84 27.22 -13.21
CA ALA E 312 34.56 26.67 -12.75
C ALA E 312 33.50 26.78 -13.82
N ALA E 313 33.50 27.88 -14.57
CA ALA E 313 32.54 28.03 -15.67
C ALA E 313 32.76 26.99 -16.75
N SER E 314 34.02 26.74 -17.10
CA SER E 314 34.32 25.72 -18.10
C SER E 314 33.96 24.32 -17.60
N VAL E 315 34.18 24.06 -16.30
CA VAL E 315 33.80 22.77 -15.74
C VAL E 315 32.29 22.59 -15.80
N PHE E 316 31.53 23.63 -15.46
CA PHE E 316 30.07 23.54 -15.52
C PHE E 316 29.60 23.37 -16.95
N LEU E 317 30.24 24.05 -17.91
CA LEU E 317 29.85 23.89 -19.31
C LEU E 317 30.14 22.48 -19.80
N GLY E 318 31.28 21.90 -19.40
CA GLY E 318 31.57 20.54 -19.78
C GLY E 318 30.66 19.52 -19.12
N TRP E 319 30.21 19.82 -17.90
CA TRP E 319 29.28 18.91 -17.22
C TRP E 319 27.89 18.98 -17.84
N ALA E 320 27.45 20.18 -18.24
CA ALA E 320 26.13 20.33 -18.81
C ALA E 320 26.02 19.70 -20.20
N THR E 321 27.14 19.63 -20.92
CA THR E 321 27.16 19.06 -22.26
C THR E 321 27.46 17.56 -22.26
N LYS E 322 27.62 16.95 -21.08
CA LYS E 322 27.92 15.52 -20.96
C LYS E 322 29.18 15.15 -21.74
N LYS E 323 30.25 15.90 -21.49
CA LYS E 323 31.52 15.64 -22.18
C LYS E 323 32.23 14.41 -21.62
N PHE E 324 32.22 14.25 -20.29
CA PHE E 324 32.89 13.12 -19.67
C PHE E 324 32.01 11.87 -19.71
N GLY E 325 30.83 11.94 -19.09
CA GLY E 325 29.93 10.82 -19.06
C GLY E 325 29.97 10.04 -17.76
N LYS E 326 31.14 9.47 -17.45
CA LYS E 326 31.28 8.72 -16.21
C LYS E 326 31.45 9.63 -15.01
N ARG E 327 32.14 10.76 -15.18
CA ARG E 327 32.35 11.71 -14.10
C ARG E 327 31.41 12.90 -14.28
N ASN E 328 30.12 12.62 -14.07
CA ASN E 328 29.07 13.62 -14.21
C ASN E 328 28.57 14.15 -12.87
N THR E 329 29.37 13.99 -11.81
CA THR E 329 29.00 14.46 -10.49
C THR E 329 30.14 15.30 -9.91
N ILE E 330 29.78 16.41 -9.28
CA ILE E 330 30.74 17.32 -8.65
C ILE E 330 30.43 17.37 -7.16
N TRP E 331 31.41 17.01 -6.34
CA TRP E 331 31.25 17.01 -4.89
C TRP E 331 31.30 18.44 -4.40
N LEU E 332 30.22 18.89 -3.76
CA LEU E 332 30.11 20.24 -3.22
C LEU E 332 29.99 20.15 -1.71
N PHE E 333 31.08 20.47 -1.00
CA PHE E 333 31.09 20.43 0.45
C PHE E 333 30.74 21.80 1.02
N GLY E 334 30.03 21.79 2.13
CA GLY E 334 29.62 23.01 2.80
C GLY E 334 28.19 22.95 3.28
N PRO E 335 27.94 23.50 4.48
CA PRO E 335 26.58 23.48 5.02
C PRO E 335 25.67 24.50 4.37
N ALA E 336 24.55 24.82 5.03
CA ALA E 336 23.60 25.78 4.48
C ALA E 336 24.10 27.22 4.56
N THR E 337 25.15 27.47 5.34
CA THR E 337 25.69 28.83 5.47
C THR E 337 26.47 29.29 4.24
N THR E 338 26.86 28.37 3.36
CA THR E 338 27.62 28.71 2.17
C THR E 338 26.73 29.23 1.03
N GLY E 339 25.42 29.05 1.13
CA GLY E 339 24.54 29.53 0.08
C GLY E 339 24.27 28.54 -1.03
N LYS E 340 24.37 27.24 -0.75
CA LYS E 340 24.12 26.24 -1.77
C LYS E 340 22.64 26.15 -2.12
N THR E 341 21.77 26.32 -1.12
CA THR E 341 20.33 26.23 -1.36
C THR E 341 19.84 27.35 -2.28
N ASN E 342 20.39 28.56 -2.12
CA ASN E 342 19.98 29.67 -2.97
C ASN E 342 20.36 29.43 -4.42
N ILE E 343 21.59 28.98 -4.66
CA ILE E 343 22.02 28.69 -6.02
C ILE E 343 21.23 27.53 -6.61
N ALA E 344 20.93 26.52 -5.80
CA ALA E 344 20.13 25.40 -6.28
C ALA E 344 18.74 25.85 -6.68
N GLU E 345 18.11 26.70 -5.86
CA GLU E 345 16.78 27.21 -6.19
C GLU E 345 16.83 28.09 -7.44
N ALA E 346 17.88 28.90 -7.59
CA ALA E 346 18.00 29.74 -8.76
C ALA E 346 18.13 28.90 -10.04
N ILE E 347 18.96 27.84 -9.97
CA ILE E 347 19.13 26.97 -11.14
C ILE E 347 17.84 26.21 -11.43
N ALA E 348 17.12 25.78 -10.38
CA ALA E 348 15.87 25.06 -10.60
C ALA E 348 14.78 25.96 -11.16
N HIS E 349 14.80 27.25 -10.83
CA HIS E 349 13.82 28.18 -11.36
C HIS E 349 14.21 28.74 -12.73
N THR E 350 15.49 28.68 -13.09
CA THR E 350 15.91 29.16 -14.40
C THR E 350 15.34 28.31 -15.53
N VAL E 351 15.30 27.00 -15.34
CA VAL E 351 14.78 26.06 -16.33
C VAL E 351 13.49 25.47 -15.79
N PRO E 352 12.41 25.42 -16.59
CA PRO E 352 11.14 24.88 -16.08
C PRO E 352 11.18 23.39 -15.75
N PHE E 353 12.20 22.66 -16.22
CA PHE E 353 12.33 21.23 -15.95
C PHE E 353 13.54 21.02 -15.05
N TYR E 354 13.28 20.61 -13.81
CA TYR E 354 14.35 20.37 -12.84
C TYR E 354 13.99 19.17 -11.99
N GLY E 355 14.98 18.65 -11.27
CA GLY E 355 14.78 17.54 -10.37
C GLY E 355 15.47 17.78 -9.05
N CYS E 356 14.81 17.34 -7.98
CA CYS E 356 15.33 17.50 -6.62
C CYS E 356 15.29 16.17 -5.90
N VAL E 357 16.45 15.69 -5.46
CA VAL E 357 16.54 14.45 -4.71
C VAL E 357 16.27 14.73 -3.24
N ASN E 358 15.01 15.00 -2.90
CA ASN E 358 14.62 15.31 -1.53
C ASN E 358 14.20 14.04 -0.81
N TRP E 359 14.22 14.11 0.53
CA TRP E 359 13.82 13.01 1.39
C TRP E 359 12.31 12.95 1.61
N THR E 360 11.53 13.64 0.77
CA THR E 360 10.08 13.62 0.94
C THR E 360 9.50 12.25 0.62
N ASN E 361 9.93 11.66 -0.50
CA ASN E 361 9.42 10.35 -0.88
C ASN E 361 9.92 9.27 0.07
N GLU E 362 9.28 8.10 0.00
CA GLU E 362 9.61 6.99 0.88
C GLU E 362 10.85 6.26 0.39
N ASN E 363 10.66 5.25 -0.45
CA ASN E 363 11.76 4.41 -0.92
C ASN E 363 12.44 4.97 -2.16
N PHE E 364 11.66 5.48 -3.12
CA PHE E 364 12.20 6.00 -4.37
C PHE E 364 12.09 7.52 -4.38
N PRO E 365 13.18 8.25 -4.07
CA PRO E 365 13.10 9.72 -4.06
C PRO E 365 13.24 10.35 -5.43
N PHE E 366 13.50 9.58 -6.47
CA PHE E 366 13.68 10.11 -7.83
C PHE E 366 12.36 10.12 -8.60
N ASN E 367 11.31 10.67 -7.98
CA ASN E 367 10.02 10.73 -8.63
C ASN E 367 9.90 11.93 -9.57
N ASP E 368 10.58 13.03 -9.26
CA ASP E 368 10.55 14.24 -10.07
C ASP E 368 11.84 14.45 -10.85
N CYS E 369 12.60 13.38 -11.12
CA CYS E 369 13.85 13.48 -11.85
C CYS E 369 13.80 12.81 -13.21
N VAL E 370 12.74 12.06 -13.51
CA VAL E 370 12.61 11.40 -14.80
C VAL E 370 12.14 12.40 -15.85
N ASP E 371 12.72 12.32 -17.04
CA ASP E 371 12.39 13.22 -18.15
C ASP E 371 12.62 14.68 -17.77
N LYS E 372 13.72 14.94 -17.07
CA LYS E 372 14.09 16.28 -16.64
C LYS E 372 15.46 16.63 -17.22
N MET E 373 16.05 17.71 -16.71
CA MET E 373 17.35 18.17 -17.18
C MET E 373 18.37 18.14 -16.05
N VAL E 374 18.43 19.21 -15.26
CA VAL E 374 19.36 19.30 -14.14
C VAL E 374 18.70 18.73 -12.90
N ILE E 375 19.42 17.86 -12.19
CA ILE E 375 18.92 17.24 -10.97
C ILE E 375 19.90 17.51 -9.84
N TRP E 376 19.44 18.21 -8.81
CA TRP E 376 20.24 18.53 -7.65
C TRP E 376 19.90 17.61 -6.49
N TRP E 377 20.94 17.11 -5.82
CA TRP E 377 20.79 16.23 -4.68
C TRP E 377 20.68 17.05 -3.39
N GLU E 378 20.40 16.34 -2.29
CA GLU E 378 20.27 16.95 -0.98
C GLU E 378 21.10 16.17 0.03
N GLU E 379 21.33 16.79 1.18
CA GLU E 379 22.11 16.17 2.24
C GLU E 379 21.29 15.10 2.96
N GLY E 380 21.86 13.92 3.09
CA GLY E 380 21.18 12.82 3.76
C GLY E 380 21.95 11.52 3.74
N LYS E 381 22.00 10.84 4.87
CA LYS E 381 22.71 9.56 4.97
C LYS E 381 21.92 8.50 4.22
N MET E 382 22.33 8.20 2.99
CA MET E 382 21.65 7.21 2.18
C MET E 382 21.95 5.81 2.69
N THR E 383 20.91 5.13 3.17
CA THR E 383 21.06 3.77 3.69
C THR E 383 21.00 2.79 2.52
N ALA E 384 20.94 1.49 2.84
CA ALA E 384 20.87 0.44 1.82
C ALA E 384 19.48 0.46 1.18
N LYS E 385 19.29 1.43 0.29
CA LYS E 385 18.00 1.60 -0.39
C LYS E 385 18.20 2.00 -1.85
N VAL E 386 18.75 3.18 -2.07
CA VAL E 386 18.95 3.71 -3.41
C VAL E 386 20.43 3.98 -3.70
N VAL E 387 21.33 3.38 -2.91
CA VAL E 387 22.75 3.59 -3.11
C VAL E 387 23.19 3.04 -4.47
N GLU E 388 22.75 1.81 -4.79
CA GLU E 388 23.10 1.21 -6.07
C GLU E 388 22.45 1.97 -7.22
N SER E 389 21.23 2.46 -7.03
CA SER E 389 20.57 3.26 -8.07
C SER E 389 21.34 4.54 -8.33
N ALA E 390 21.77 5.23 -7.28
CA ALA E 390 22.55 6.46 -7.46
C ALA E 390 23.89 6.15 -8.12
N LYS E 391 24.53 5.03 -7.74
CA LYS E 391 25.81 4.66 -8.34
C LYS E 391 25.65 4.37 -9.83
N ALA E 392 24.55 3.71 -10.22
CA ALA E 392 24.31 3.46 -11.63
C ALA E 392 23.91 4.73 -12.37
N ILE E 393 23.29 5.69 -11.68
CA ILE E 393 22.91 6.94 -12.33
C ILE E 393 24.14 7.79 -12.60
N LEU E 394 25.02 7.93 -11.60
CA LEU E 394 26.22 8.75 -11.79
C LEU E 394 27.21 8.14 -12.76
N GLY E 395 27.06 6.85 -13.08
CA GLY E 395 27.96 6.20 -14.01
C GLY E 395 27.74 6.58 -15.46
N GLY E 396 26.66 7.29 -15.76
CA GLY E 396 26.37 7.69 -17.13
C GLY E 396 25.85 6.56 -17.99
N SER E 397 24.68 6.02 -17.64
CA SER E 397 24.08 4.92 -18.39
C SER E 397 22.58 4.92 -18.13
N LYS E 398 21.79 4.94 -19.20
CA LYS E 398 20.35 4.88 -19.05
C LYS E 398 19.92 3.50 -18.58
N VAL E 399 18.91 3.45 -17.72
CA VAL E 399 18.44 2.20 -17.14
C VAL E 399 16.94 2.31 -16.87
N ARG E 400 16.22 1.22 -17.08
CA ARG E 400 14.79 1.17 -16.84
C ARG E 400 14.56 0.76 -15.39
N VAL E 401 14.17 1.72 -14.56
CA VAL E 401 13.95 1.48 -13.13
C VAL E 401 12.52 1.84 -12.78
N ASP E 402 12.03 1.21 -11.71
CA ASP E 402 10.67 1.47 -11.26
C ASP E 402 10.56 2.82 -10.58
N GLN E 403 9.39 3.45 -10.71
CA GLN E 403 9.15 4.74 -10.10
C GLN E 403 8.81 4.59 -8.62
N LYS E 404 7.67 5.15 -8.20
CA LYS E 404 7.25 5.02 -6.81
C LYS E 404 6.62 3.65 -6.54
N CYS E 405 5.50 3.36 -7.21
CA CYS E 405 4.83 2.09 -7.06
C CYS E 405 3.94 1.86 -8.28
N LYS E 406 3.97 0.62 -8.79
CA LYS E 406 3.19 0.24 -9.98
C LYS E 406 3.52 1.13 -11.17
N SER E 407 4.80 1.43 -11.35
CA SER E 407 5.24 2.27 -12.46
C SER E 407 6.72 2.00 -12.72
N SER E 408 7.15 2.41 -13.91
CA SER E 408 8.54 2.23 -14.32
C SER E 408 8.85 3.21 -15.45
N ALA E 409 10.12 3.61 -15.53
CA ALA E 409 10.55 4.55 -16.56
C ALA E 409 12.04 4.36 -16.80
N GLN E 410 12.49 4.80 -17.98
CA GLN E 410 13.89 4.69 -18.38
C GLN E 410 14.58 6.02 -18.10
N ILE E 411 15.46 6.03 -17.11
CA ILE E 411 16.24 7.22 -16.76
C ILE E 411 17.49 7.27 -17.62
N ASP E 412 17.70 8.39 -18.29
CA ASP E 412 18.83 8.62 -19.17
C ASP E 412 19.93 9.38 -18.44
N PRO E 413 21.18 9.27 -18.89
CA PRO E 413 22.26 10.03 -18.27
C PRO E 413 22.03 11.54 -18.31
N THR E 414 21.34 12.06 -17.29
CA THR E 414 20.97 13.45 -17.15
C THR E 414 21.94 14.19 -16.25
N PRO E 415 22.17 15.48 -16.50
CA PRO E 415 23.08 16.25 -15.64
C PRO E 415 22.61 16.28 -14.19
N VAL E 416 23.48 15.84 -13.30
CA VAL E 416 23.20 15.77 -11.88
C VAL E 416 24.32 16.47 -11.10
N ILE E 417 23.94 17.09 -9.98
CA ILE E 417 24.88 17.76 -9.10
C ILE E 417 24.58 17.32 -7.68
N VAL E 418 25.54 16.67 -7.03
CA VAL E 418 25.38 16.17 -5.66
C VAL E 418 25.94 17.19 -4.69
N THR E 419 25.14 17.56 -3.69
CA THR E 419 25.54 18.51 -2.66
C THR E 419 25.49 17.81 -1.31
N SER E 420 26.62 17.81 -0.60
CA SER E 420 26.73 17.18 0.70
C SER E 420 27.06 18.24 1.74
N ASN E 421 26.14 18.44 2.70
CA ASN E 421 26.38 19.43 3.74
C ASN E 421 27.39 18.91 4.78
N THR E 422 27.23 17.65 5.18
CA THR E 422 28.13 17.02 6.14
C THR E 422 28.95 15.94 5.42
N ASN E 423 29.02 14.71 5.92
CA ASN E 423 29.77 13.64 5.28
C ASN E 423 28.78 12.65 4.67
N MET E 424 28.82 12.51 3.34
CA MET E 424 27.95 11.61 2.62
C MET E 424 28.69 10.59 1.77
N CYS E 425 30.00 10.72 1.62
CA CYS E 425 30.75 9.76 0.80
C CYS E 425 30.89 8.40 1.47
N ALA E 426 30.78 8.34 2.79
CA ALA E 426 30.89 7.08 3.50
C ALA E 426 29.64 6.23 3.27
N VAL E 427 29.84 4.95 2.96
CA VAL E 427 28.74 4.03 2.71
C VAL E 427 28.15 3.64 4.07
N ILE E 428 27.05 4.29 4.44
CA ILE E 428 26.37 4.02 5.70
C ILE E 428 25.14 3.20 5.36
N ASP E 429 25.29 1.88 5.38
CA ASP E 429 24.21 0.95 5.07
C ASP E 429 23.57 0.50 6.37
N GLY E 430 22.40 1.03 6.67
CA GLY E 430 21.69 0.69 7.89
C GLY E 430 22.45 1.05 9.15
N ASN E 431 23.36 0.17 9.56
CA ASN E 431 24.18 0.43 10.74
C ASN E 431 25.65 0.13 10.51
N SER E 432 26.07 -0.12 9.27
CA SER E 432 27.45 -0.41 8.94
C SER E 432 28.03 0.74 8.14
N THR E 433 29.11 1.33 8.65
CA THR E 433 29.79 2.46 7.99
C THR E 433 31.05 1.92 7.34
N THR E 434 30.94 1.52 6.08
CA THR E 434 32.05 0.98 5.30
C THR E 434 32.38 1.91 4.14
N PHE E 435 33.49 1.60 3.48
CA PHE E 435 33.97 2.37 2.33
C PHE E 435 34.19 1.46 1.13
N GLU E 436 33.31 0.48 0.94
CA GLU E 436 33.45 -0.44 -0.18
C GLU E 436 33.08 0.24 -1.50
N HIS E 437 31.95 0.93 -1.52
CA HIS E 437 31.48 1.64 -2.71
C HIS E 437 31.98 3.08 -2.77
N GLN E 438 32.95 3.45 -1.94
CA GLN E 438 33.45 4.81 -1.94
C GLN E 438 34.53 5.03 -2.99
N GLN E 439 35.31 4.00 -3.31
CA GLN E 439 36.37 4.15 -4.31
C GLN E 439 35.81 4.51 -5.68
N PRO E 440 34.82 3.81 -6.25
CA PRO E 440 34.25 4.29 -7.52
C PRO E 440 33.54 5.62 -7.37
N LEU E 441 33.04 5.94 -6.17
CA LEU E 441 32.41 7.23 -5.95
C LEU E 441 33.41 8.37 -6.15
N GLN E 442 34.56 8.30 -5.49
CA GLN E 442 35.56 9.34 -5.67
C GLN E 442 36.28 9.20 -7.01
N ASP E 443 36.20 8.04 -7.67
CA ASP E 443 36.79 7.91 -8.99
C ASP E 443 35.92 8.54 -10.08
N ARG E 444 34.60 8.57 -9.88
CA ARG E 444 33.67 9.13 -10.85
C ARG E 444 33.16 10.50 -10.43
N MET E 445 33.93 11.22 -9.62
CA MET E 445 33.55 12.56 -9.20
C MET E 445 34.81 13.34 -8.83
N PHE E 446 34.67 14.65 -8.77
CA PHE E 446 35.77 15.55 -8.44
C PHE E 446 35.62 16.03 -6.99
N LYS E 447 36.22 17.17 -6.68
CA LYS E 447 36.16 17.73 -5.33
C LYS E 447 36.09 19.24 -5.42
N PHE E 448 35.12 19.84 -4.73
CA PHE E 448 34.92 21.29 -4.73
C PHE E 448 34.38 21.69 -3.36
N GLU E 449 35.29 21.95 -2.42
CA GLU E 449 34.92 22.31 -1.07
C GLU E 449 34.93 23.83 -0.91
N LEU E 450 33.86 24.37 -0.34
CA LEU E 450 33.75 25.81 -0.11
C LEU E 450 33.14 26.04 1.26
N THR E 451 33.69 27.03 1.97
CA THR E 451 33.22 27.39 3.31
C THR E 451 33.26 28.90 3.44
N ARG E 452 32.09 29.54 3.47
CA ARG E 452 32.01 30.99 3.61
C ARG E 452 30.64 31.35 4.16
N ARG E 453 30.63 32.20 5.19
CA ARG E 453 29.37 32.61 5.80
C ARG E 453 28.67 33.64 4.92
N LEU E 454 27.36 33.47 4.76
CA LEU E 454 26.58 34.39 3.95
C LEU E 454 26.39 35.72 4.67
N ASP E 455 25.92 36.71 3.93
CA ASP E 455 25.65 38.04 4.45
C ASP E 455 24.16 38.28 4.56
N HIS E 456 23.80 39.38 5.23
CA HIS E 456 22.41 39.72 5.42
C HIS E 456 21.84 40.43 4.18
N ASP E 457 20.52 40.32 4.03
CA ASP E 457 19.79 40.94 2.91
C ASP E 457 20.34 40.45 1.57
N PHE E 458 20.68 39.17 1.49
CA PHE E 458 21.19 38.57 0.28
C PHE E 458 20.52 37.23 0.04
N GLY E 459 20.14 36.98 -1.20
CA GLY E 459 19.48 35.74 -1.56
C GLY E 459 18.53 35.96 -2.71
N LYS E 460 17.88 34.86 -3.12
CA LYS E 460 16.91 34.84 -4.21
C LYS E 460 17.55 35.38 -5.51
N VAL E 461 18.40 34.54 -6.08
CA VAL E 461 19.10 34.88 -7.33
C VAL E 461 18.14 34.68 -8.49
N THR E 462 17.99 35.72 -9.32
CA THR E 462 17.10 35.65 -10.46
C THR E 462 17.68 34.73 -11.54
N LYS E 463 16.81 34.38 -12.50
CA LYS E 463 17.24 33.49 -13.57
C LYS E 463 18.13 34.21 -14.58
N GLN E 464 18.01 35.53 -14.67
CA GLN E 464 18.83 36.28 -15.62
C GLN E 464 20.31 36.22 -15.25
N GLU E 465 20.64 36.21 -13.97
CA GLU E 465 22.03 36.10 -13.54
C GLU E 465 22.63 34.77 -13.97
N VAL E 466 21.91 33.67 -13.75
CA VAL E 466 22.40 32.35 -14.15
C VAL E 466 22.48 32.27 -15.67
N LYS E 467 21.53 32.88 -16.37
CA LYS E 467 21.56 32.88 -17.83
C LYS E 467 22.80 33.61 -18.36
N ASP E 468 23.09 34.78 -17.78
CA ASP E 468 24.28 35.52 -18.19
C ASP E 468 25.56 34.75 -17.84
N PHE E 469 25.58 34.09 -16.69
CA PHE E 469 26.74 33.28 -16.32
C PHE E 469 26.97 32.14 -17.31
N PHE E 470 25.89 31.45 -17.68
CA PHE E 470 26.03 30.35 -18.65
C PHE E 470 26.42 30.88 -20.03
N ARG E 471 25.92 32.06 -20.42
CA ARG E 471 26.32 32.64 -21.69
C ARG E 471 27.80 32.99 -21.69
N TRP E 472 28.29 33.58 -20.60
CA TRP E 472 29.71 33.90 -20.50
C TRP E 472 30.56 32.63 -20.48
N ALA E 473 30.04 31.55 -19.87
CA ALA E 473 30.77 30.29 -19.87
C ALA E 473 30.83 29.70 -21.27
N LYS E 474 29.74 29.78 -22.03
CA LYS E 474 29.73 29.28 -23.39
C LYS E 474 30.57 30.14 -24.33
N ASP E 475 30.73 31.43 -23.99
CA ASP E 475 31.55 32.31 -24.82
C ASP E 475 33.02 31.95 -24.71
N HIS E 476 33.60 32.09 -23.52
CA HIS E 476 35.00 31.78 -23.27
C HIS E 476 35.11 30.35 -22.75
N VAL E 477 35.72 29.48 -23.53
CA VAL E 477 35.87 28.07 -23.18
C VAL E 477 37.31 27.80 -22.79
N VAL E 478 37.49 26.80 -21.93
CA VAL E 478 38.81 26.39 -21.45
C VAL E 478 38.84 24.87 -21.39
N GLU E 479 39.86 24.27 -21.96
CA GLU E 479 40.01 22.82 -21.97
C GLU E 479 40.17 22.28 -20.56
N VAL E 480 39.18 21.54 -20.07
CA VAL E 480 39.19 20.97 -18.73
C VAL E 480 39.64 19.52 -18.83
N GLU E 481 40.70 19.19 -18.09
CA GLU E 481 41.24 17.82 -18.09
C GLU E 481 40.56 16.98 -17.02
N HIS E 482 41.35 16.46 -16.08
CA HIS E 482 40.81 15.61 -14.97
C HIS E 482 41.61 15.90 -13.69
N GLU E 483 41.02 16.70 -12.78
CA GLU E 483 41.70 17.04 -11.50
C GLU E 483 40.72 16.83 -10.35
N PHE E 484 41.05 15.92 -9.42
CA PHE E 484 40.19 15.62 -8.26
C PHE E 484 40.25 16.78 -7.26
N TYR E 485 41.38 16.90 -6.55
CA TYR E 485 41.59 17.99 -5.55
C TYR E 485 41.79 19.32 -6.28
N VAL E 486 40.69 20.05 -6.51
CA VAL E 486 40.76 21.37 -7.22
C VAL E 486 41.42 22.39 -6.29
N LYS E 487 42.53 23.00 -6.74
CA LYS E 487 43.25 23.98 -5.95
C LYS E 487 42.47 25.28 -5.87
N LYS E 488 42.71 26.04 -4.80
CA LYS E 488 42.04 27.32 -4.59
C LYS E 488 42.94 28.45 -5.08
N GLY E 489 43.03 28.55 -6.41
CA GLY E 489 43.84 29.57 -7.03
C GLY E 489 43.22 30.03 -8.34
N GLY E 490 43.64 31.22 -8.77
CA GLY E 490 43.15 31.80 -10.00
C GLY E 490 41.92 32.66 -9.80
N VAL F 215 -15.60 29.84 -25.06
CA VAL F 215 -15.35 29.28 -26.37
C VAL F 215 -16.52 28.41 -26.82
N ILE F 216 -16.92 27.48 -25.96
CA ILE F 216 -18.04 26.60 -26.28
C ILE F 216 -19.37 27.34 -26.14
N ARG F 217 -19.59 27.98 -24.99
CA ARG F 217 -20.80 28.75 -24.71
C ARG F 217 -22.04 27.89 -24.85
N SER F 218 -22.37 27.12 -23.81
CA SER F 218 -23.55 26.26 -23.82
C SER F 218 -24.46 26.58 -22.64
N LYS F 219 -25.31 25.64 -22.27
CA LYS F 219 -26.22 25.81 -21.15
C LYS F 219 -25.63 25.29 -19.84
N THR F 220 -25.06 24.09 -19.86
CA THR F 220 -24.45 23.53 -18.65
C THR F 220 -23.25 24.36 -18.21
N SER F 221 -22.43 24.82 -19.16
CA SER F 221 -21.30 25.66 -18.82
C SER F 221 -21.75 27.00 -18.25
N ALA F 222 -22.82 27.57 -18.83
CA ALA F 222 -23.34 28.83 -18.30
C ALA F 222 -23.89 28.67 -16.89
N ARG F 223 -24.59 27.57 -16.64
CA ARG F 223 -25.11 27.32 -15.30
C ARG F 223 -23.99 27.09 -14.30
N TYR F 224 -22.93 26.39 -14.72
CA TYR F 224 -21.78 26.17 -13.85
C TYR F 224 -21.08 27.49 -13.53
N MET F 225 -20.91 28.35 -14.53
CA MET F 225 -20.29 29.65 -14.30
C MET F 225 -21.16 30.52 -13.38
N GLU F 226 -22.48 30.46 -13.56
CA GLU F 226 -23.38 31.22 -12.69
C GLU F 226 -23.29 30.73 -11.25
N LEU F 227 -23.25 29.41 -11.06
CA LEU F 227 -23.12 28.86 -9.71
C LEU F 227 -21.78 29.24 -9.09
N VAL F 228 -20.71 29.23 -9.89
CA VAL F 228 -19.39 29.63 -9.40
C VAL F 228 -19.42 31.08 -8.95
N GLY F 229 -19.99 31.96 -9.78
CA GLY F 229 -20.07 33.36 -9.40
C GLY F 229 -20.93 33.58 -8.17
N TRP F 230 -22.02 32.81 -8.04
CA TRP F 230 -22.89 32.95 -6.88
C TRP F 230 -22.19 32.49 -5.61
N LEU F 231 -21.37 31.44 -5.70
CA LEU F 231 -20.68 30.95 -4.51
C LEU F 231 -19.45 31.77 -4.16
N VAL F 232 -18.84 32.46 -5.14
CA VAL F 232 -17.69 33.32 -4.84
C VAL F 232 -18.10 34.77 -4.62
N ASP F 233 -19.37 35.11 -4.80
CA ASP F 233 -19.81 36.48 -4.55
C ASP F 233 -19.70 36.84 -3.07
N LYS F 234 -19.99 35.88 -2.18
CA LYS F 234 -19.91 36.10 -0.75
C LYS F 234 -18.55 35.73 -0.16
N GLY F 235 -17.73 34.99 -0.90
CA GLY F 235 -16.42 34.60 -0.41
C GLY F 235 -16.49 33.50 0.63
N ILE F 236 -17.19 32.42 0.31
CA ILE F 236 -17.34 31.28 1.22
C ILE F 236 -16.90 30.03 0.48
N THR F 237 -15.91 29.34 1.04
CA THR F 237 -15.39 28.11 0.45
C THR F 237 -15.81 26.86 1.22
N SER F 238 -16.57 27.00 2.31
CA SER F 238 -17.01 25.88 3.10
C SER F 238 -18.36 25.39 2.55
N GLU F 239 -19.14 24.69 3.38
CA GLU F 239 -20.44 24.19 2.97
C GLU F 239 -21.49 24.42 4.04
N LYS F 240 -21.07 24.45 5.31
CA LYS F 240 -22.02 24.69 6.39
C LYS F 240 -22.64 26.07 6.31
N GLN F 241 -21.88 27.07 5.86
CA GLN F 241 -22.43 28.41 5.69
C GLN F 241 -23.53 28.42 4.64
N TRP F 242 -23.29 27.80 3.49
CA TRP F 242 -24.32 27.71 2.46
C TRP F 242 -25.52 26.91 2.94
N ILE F 243 -25.28 25.87 3.75
CA ILE F 243 -26.39 25.09 4.29
C ILE F 243 -27.27 25.95 5.18
N GLN F 244 -26.66 26.62 6.16
CA GLN F 244 -27.41 27.49 7.06
C GLN F 244 -28.06 28.65 6.31
N GLU F 245 -27.50 29.04 5.17
CA GLU F 245 -28.10 30.12 4.39
C GLU F 245 -29.35 29.63 3.66
N ASP F 246 -29.22 28.55 2.89
CA ASP F 246 -30.36 28.03 2.11
C ASP F 246 -30.17 26.52 1.93
N GLN F 247 -30.54 25.76 2.97
CA GLN F 247 -30.59 24.31 2.85
C GLN F 247 -31.45 23.86 1.66
N ALA F 248 -32.50 24.62 1.33
CA ALA F 248 -33.34 24.26 0.19
C ALA F 248 -32.53 24.31 -1.11
N SER F 249 -31.83 25.42 -1.35
CA SER F 249 -31.00 25.54 -2.54
C SER F 249 -29.85 24.53 -2.50
N TYR F 250 -29.34 24.22 -1.32
CA TYR F 250 -28.27 23.23 -1.21
C TYR F 250 -28.76 21.85 -1.64
N ILE F 251 -29.95 21.44 -1.17
CA ILE F 251 -30.51 20.16 -1.58
C ILE F 251 -30.84 20.16 -3.07
N SER F 252 -31.33 21.29 -3.59
CA SER F 252 -31.60 21.38 -5.01
C SER F 252 -30.32 21.21 -5.84
N PHE F 253 -29.23 21.84 -5.41
CA PHE F 253 -27.97 21.71 -6.13
C PHE F 253 -27.42 20.29 -6.01
N ASN F 254 -27.59 19.65 -4.86
CA ASN F 254 -27.15 18.27 -4.69
C ASN F 254 -27.93 17.33 -5.59
N ALA F 255 -29.24 17.59 -5.75
CA ALA F 255 -30.05 16.75 -6.62
C ALA F 255 -29.78 17.03 -8.09
N ALA F 256 -29.36 18.25 -8.42
CA ALA F 256 -29.06 18.64 -9.79
C ALA F 256 -27.60 18.36 -10.17
N SER F 257 -26.82 17.75 -9.27
CA SER F 257 -25.42 17.43 -9.53
C SER F 257 -25.28 15.91 -9.52
N ASN F 258 -25.26 15.32 -10.72
CA ASN F 258 -25.12 13.88 -10.88
C ASN F 258 -23.96 13.51 -11.82
N SER F 259 -23.03 14.44 -12.05
CA SER F 259 -21.90 14.21 -12.92
C SER F 259 -20.65 13.75 -12.17
N ARG F 260 -20.73 13.61 -10.85
CA ARG F 260 -19.65 13.18 -9.96
C ARG F 260 -18.29 13.77 -10.34
N SER F 261 -18.28 15.00 -10.86
CA SER F 261 -17.05 15.66 -11.26
C SER F 261 -17.25 17.16 -11.39
N GLN F 262 -18.50 17.57 -11.64
CA GLN F 262 -18.79 18.99 -11.81
C GLN F 262 -18.55 19.76 -10.51
N ILE F 263 -19.07 19.25 -9.40
CA ILE F 263 -18.87 19.91 -8.11
C ILE F 263 -17.40 19.90 -7.72
N LYS F 264 -16.70 18.81 -8.03
CA LYS F 264 -15.26 18.74 -7.72
C LYS F 264 -14.49 19.80 -8.50
N ALA F 265 -14.76 19.92 -9.80
CA ALA F 265 -14.09 20.93 -10.61
C ALA F 265 -14.46 22.34 -10.15
N ALA F 266 -15.71 22.55 -9.75
CA ALA F 266 -16.13 23.85 -9.24
C ALA F 266 -15.35 24.22 -7.99
N LEU F 267 -15.27 23.29 -7.03
CA LEU F 267 -14.51 23.56 -5.81
C LEU F 267 -13.03 23.77 -6.12
N ASP F 268 -12.49 23.01 -7.07
CA ASP F 268 -11.08 23.15 -7.42
C ASP F 268 -10.78 24.53 -8.00
N ASN F 269 -11.58 24.97 -8.97
CA ASN F 269 -11.33 26.29 -9.57
C ASN F 269 -11.65 27.41 -8.59
N ALA F 270 -12.61 27.21 -7.68
CA ALA F 270 -12.88 28.21 -6.66
C ALA F 270 -11.68 28.37 -5.73
N GLY F 271 -11.12 27.25 -5.29
CA GLY F 271 -9.92 27.32 -4.45
C GLY F 271 -8.74 27.92 -5.19
N LYS F 272 -8.59 27.59 -6.47
CA LYS F 272 -7.50 28.17 -7.25
C LYS F 272 -7.65 29.68 -7.39
N ILE F 273 -8.88 30.15 -7.62
CA ILE F 273 -9.12 31.59 -7.71
C ILE F 273 -8.86 32.26 -6.37
N MET F 274 -9.29 31.62 -5.27
CA MET F 274 -9.09 32.22 -3.95
C MET F 274 -7.61 32.26 -3.57
N SER F 275 -6.83 31.29 -4.03
CA SER F 275 -5.41 31.25 -3.70
C SER F 275 -4.54 32.02 -4.68
N LEU F 276 -5.05 32.34 -5.87
CA LEU F 276 -4.27 33.07 -6.86
C LEU F 276 -4.48 34.58 -6.80
N THR F 277 -5.68 35.02 -6.46
CA THR F 277 -5.98 36.45 -6.40
C THR F 277 -5.25 37.12 -5.24
N LYS F 278 -5.86 37.13 -4.06
CA LYS F 278 -5.29 37.73 -2.88
C LYS F 278 -4.86 36.66 -1.89
N THR F 279 -3.98 37.05 -0.97
CA THR F 279 -3.45 36.12 0.02
C THR F 279 -4.38 36.02 1.22
N ALA F 280 -3.79 35.90 2.42
CA ALA F 280 -4.57 35.75 3.65
C ALA F 280 -4.37 36.92 4.61
N PRO F 281 -3.13 37.35 4.89
CA PRO F 281 -2.97 38.49 5.81
C PRO F 281 -3.65 39.76 5.35
N ASP F 282 -3.71 40.01 4.04
CA ASP F 282 -4.42 41.18 3.53
C ASP F 282 -5.91 41.11 3.84
N TYR F 283 -6.45 39.91 4.05
CA TYR F 283 -7.85 39.76 4.44
C TYR F 283 -8.06 40.05 5.92
N LEU F 284 -7.00 40.17 6.72
CA LEU F 284 -7.10 40.43 8.14
C LEU F 284 -6.90 41.92 8.47
N VAL F 285 -7.30 42.80 7.56
CA VAL F 285 -7.15 44.23 7.78
C VAL F 285 -8.21 44.70 8.77
N GLY F 286 -7.85 45.69 9.59
CA GLY F 286 -8.78 46.21 10.57
C GLY F 286 -9.71 47.25 9.98
N GLN F 287 -10.94 47.26 10.49
CA GLN F 287 -11.95 48.20 10.03
C GLN F 287 -11.91 49.52 10.81
N GLN F 288 -11.66 49.46 12.12
CA GLN F 288 -11.59 50.66 12.94
C GLN F 288 -10.67 50.43 14.13
N PRO F 289 -9.71 51.32 14.36
CA PRO F 289 -8.81 51.14 15.52
C PRO F 289 -9.55 51.31 16.83
N VAL F 290 -9.29 50.39 17.75
CA VAL F 290 -9.95 50.42 19.06
C VAL F 290 -9.13 51.24 20.07
N GLU F 291 -7.80 51.09 20.05
CA GLU F 291 -6.90 51.80 20.95
C GLU F 291 -7.26 51.51 22.42
N ASP F 292 -7.15 50.24 22.79
CA ASP F 292 -7.46 49.81 24.15
C ASP F 292 -6.70 48.52 24.42
N ILE F 293 -5.88 48.52 25.48
CA ILE F 293 -5.12 47.32 25.84
C ILE F 293 -5.94 46.30 26.60
N SER F 294 -7.12 46.68 27.08
CA SER F 294 -7.97 45.76 27.83
C SER F 294 -8.98 45.04 26.94
N SER F 295 -9.29 45.58 25.77
CA SER F 295 -10.25 44.93 24.88
C SER F 295 -9.63 43.70 24.22
N ASN F 296 -8.39 43.82 23.74
CA ASN F 296 -7.71 42.69 23.10
C ASN F 296 -7.21 41.72 24.16
N ARG F 297 -7.66 40.47 24.08
CA ARG F 297 -7.28 39.46 25.04
C ARG F 297 -5.89 38.87 24.78
N ILE F 298 -5.27 39.20 23.65
CA ILE F 298 -3.95 38.68 23.35
C ILE F 298 -2.85 39.50 24.00
N TYR F 299 -3.16 40.71 24.49
CA TYR F 299 -2.15 41.53 25.14
C TYR F 299 -1.91 41.14 26.58
N LYS F 300 -2.91 40.51 27.23
CA LYS F 300 -2.75 40.11 28.61
C LYS F 300 -1.67 39.04 28.76
N ILE F 301 -1.59 38.11 27.80
CA ILE F 301 -0.57 37.07 27.86
C ILE F 301 0.82 37.68 27.72
N LEU F 302 0.98 38.64 26.81
CA LEU F 302 2.27 39.29 26.64
C LEU F 302 2.64 40.14 27.85
N GLU F 303 1.63 40.74 28.50
CA GLU F 303 1.91 41.53 29.70
C GLU F 303 2.30 40.64 30.87
N LEU F 304 1.68 39.46 30.97
CA LEU F 304 2.00 38.55 32.06
C LEU F 304 3.35 37.88 31.85
N ASN F 305 3.70 37.59 30.59
CA ASN F 305 4.97 36.95 30.28
C ASN F 305 6.14 37.94 30.25
N GLY F 306 5.87 39.24 30.33
CA GLY F 306 6.91 40.24 30.32
C GLY F 306 7.45 40.60 28.96
N TYR F 307 6.84 40.10 27.88
CA TYR F 307 7.31 40.42 26.55
C TYR F 307 6.80 41.79 26.10
N ASP F 308 7.54 42.38 25.17
CA ASP F 308 7.16 43.70 24.66
C ASP F 308 5.96 43.57 23.73
N PRO F 309 4.86 44.28 23.98
CA PRO F 309 3.69 44.16 23.11
C PRO F 309 3.92 44.76 21.74
N GLN F 310 4.51 45.95 21.69
CA GLN F 310 4.74 46.62 20.41
C GLN F 310 5.74 45.85 19.56
N TYR F 311 6.82 45.35 20.17
CA TYR F 311 7.81 44.60 19.42
C TYR F 311 7.21 43.29 18.88
N ALA F 312 6.42 42.60 19.69
CA ALA F 312 5.78 41.37 19.23
C ALA F 312 4.78 41.65 18.11
N ALA F 313 4.04 42.76 18.21
CA ALA F 313 3.11 43.12 17.15
C ALA F 313 3.84 43.44 15.86
N SER F 314 4.97 44.16 15.96
CA SER F 314 5.75 44.47 14.77
C SER F 314 6.34 43.20 14.15
N VAL F 315 6.80 42.27 14.99
CA VAL F 315 7.33 41.01 14.48
C VAL F 315 6.25 40.22 13.77
N PHE F 316 5.05 40.17 14.35
CA PHE F 316 3.94 39.46 13.72
C PHE F 316 3.54 40.11 12.40
N LEU F 317 3.54 41.45 12.36
CA LEU F 317 3.19 42.14 11.12
C LEU F 317 4.23 41.91 10.05
N GLY F 318 5.52 41.90 10.42
CA GLY F 318 6.56 41.61 9.45
C GLY F 318 6.54 40.17 8.96
N TRP F 319 6.13 39.24 9.84
CA TRP F 319 6.04 37.84 9.42
C TRP F 319 4.83 37.62 8.52
N ALA F 320 3.73 38.33 8.78
CA ALA F 320 2.54 38.15 7.95
C ALA F 320 2.73 38.75 6.56
N THR F 321 3.37 39.92 6.47
CA THR F 321 3.60 40.59 5.21
C THR F 321 4.87 40.11 4.50
N LYS F 322 5.54 39.10 5.04
CA LYS F 322 6.77 38.54 4.46
C LYS F 322 7.84 39.62 4.30
N LYS F 323 8.21 40.23 5.43
CA LYS F 323 9.21 41.28 5.42
C LYS F 323 10.62 40.69 5.31
N PHE F 324 10.92 39.67 6.12
CA PHE F 324 12.24 39.06 6.10
C PHE F 324 12.40 38.06 4.95
N GLY F 325 11.31 37.47 4.47
CA GLY F 325 11.39 36.52 3.38
C GLY F 325 11.76 35.13 3.83
N LYS F 326 13.05 34.91 4.13
CA LYS F 326 13.50 33.59 4.57
C LYS F 326 13.08 33.34 6.01
N ARG F 327 13.33 34.30 6.90
CA ARG F 327 12.97 34.16 8.31
C ARG F 327 11.50 34.53 8.47
N ASN F 328 10.64 33.58 8.12
CA ASN F 328 9.19 33.74 8.20
C ASN F 328 8.57 32.56 8.93
N THR F 329 9.08 32.25 10.12
CA THR F 329 8.58 31.15 10.93
C THR F 329 8.75 31.50 12.40
N ILE F 330 7.71 31.27 13.18
CA ILE F 330 7.70 31.56 14.61
C ILE F 330 7.69 30.24 15.36
N TRP F 331 8.65 30.07 16.28
CA TRP F 331 8.76 28.86 17.07
C TRP F 331 8.04 29.05 18.41
N LEU F 332 7.17 28.10 18.75
CA LEU F 332 6.42 28.15 19.99
C LEU F 332 6.88 27.05 20.93
N PHE F 333 6.58 27.24 22.21
CA PHE F 333 6.97 26.27 23.24
C PHE F 333 5.98 26.37 24.39
N GLY F 334 5.10 25.39 24.52
CA GLY F 334 4.11 25.38 25.58
C GLY F 334 2.99 24.41 25.31
N PRO F 335 2.59 23.65 26.32
CA PRO F 335 1.49 22.68 26.15
C PRO F 335 0.13 23.34 26.14
N ALA F 336 -0.89 22.60 26.60
CA ALA F 336 -2.25 23.13 26.62
C ALA F 336 -2.47 24.11 27.77
N THR F 337 -1.59 24.08 28.79
CA THR F 337 -1.76 24.99 29.91
C THR F 337 -1.35 26.42 29.55
N THR F 338 -0.46 26.57 28.57
CA THR F 338 -0.02 27.90 28.16
C THR F 338 -1.04 28.62 27.27
N GLY F 339 -1.97 27.88 26.67
CA GLY F 339 -2.97 28.49 25.82
C GLY F 339 -2.55 28.72 24.39
N LYS F 340 -1.46 28.08 23.94
CA LYS F 340 -1.02 28.27 22.57
C LYS F 340 -1.94 27.56 21.59
N THR F 341 -2.51 26.42 21.99
CA THR F 341 -3.42 25.70 21.11
C THR F 341 -4.69 26.49 20.84
N ASN F 342 -5.19 27.20 21.87
CA ASN F 342 -6.39 28.02 21.68
C ASN F 342 -6.12 29.17 20.72
N ILE F 343 -4.97 29.83 20.85
CA ILE F 343 -4.63 30.92 19.94
C ILE F 343 -4.45 30.39 18.52
N ALA F 344 -3.83 29.21 18.38
CA ALA F 344 -3.65 28.61 17.06
C ALA F 344 -5.00 28.30 16.43
N GLU F 345 -5.92 27.72 17.20
CA GLU F 345 -7.25 27.42 16.69
C GLU F 345 -8.00 28.69 16.31
N ALA F 346 -7.87 29.75 17.12
CA ALA F 346 -8.53 31.01 16.80
C ALA F 346 -7.99 31.61 15.50
N ILE F 347 -6.67 31.59 15.32
CA ILE F 347 -6.10 32.14 14.10
C ILE F 347 -6.46 31.28 12.90
N ALA F 348 -6.54 29.95 13.08
CA ALA F 348 -6.93 29.09 11.98
C ALA F 348 -8.39 29.31 11.59
N HIS F 349 -9.25 29.58 12.57
CA HIS F 349 -10.65 29.88 12.25
C HIS F 349 -10.80 31.27 11.65
N THR F 350 -9.88 32.19 11.98
CA THR F 350 -9.93 33.52 11.38
C THR F 350 -9.58 33.48 9.90
N VAL F 351 -8.53 32.75 9.55
CA VAL F 351 -8.13 32.62 8.14
C VAL F 351 -9.09 31.66 7.45
N PRO F 352 -9.66 32.04 6.30
CA PRO F 352 -10.65 31.16 5.66
C PRO F 352 -10.05 29.88 5.07
N PHE F 353 -8.73 29.79 4.95
CA PHE F 353 -8.10 28.61 4.37
C PHE F 353 -6.70 28.46 4.96
N TYR F 354 -6.43 27.33 5.60
CA TYR F 354 -5.15 27.07 6.25
C TYR F 354 -4.81 25.60 6.09
N GLY F 355 -3.63 25.22 6.59
CA GLY F 355 -3.20 23.84 6.57
C GLY F 355 -2.49 23.49 7.85
N CYS F 356 -2.49 22.19 8.16
CA CYS F 356 -1.85 21.69 9.37
C CYS F 356 -1.03 20.44 9.04
N VAL F 357 0.07 20.27 9.75
CA VAL F 357 0.94 19.12 9.55
C VAL F 357 0.49 18.00 10.49
N ASN F 358 0.13 16.86 9.92
CA ASN F 358 -0.31 15.70 10.69
C ASN F 358 0.80 14.67 10.76
N TRP F 359 1.00 14.10 11.95
CA TRP F 359 2.03 13.11 12.18
C TRP F 359 1.52 11.68 12.02
N THR F 360 0.26 11.50 11.63
CA THR F 360 -0.28 10.16 11.46
C THR F 360 0.11 9.55 10.12
N ASN F 361 0.34 10.39 9.11
CA ASN F 361 0.72 9.89 7.79
C ASN F 361 2.16 9.38 7.80
N GLU F 362 2.40 8.29 7.07
CA GLU F 362 3.72 7.69 6.97
C GLU F 362 4.36 7.87 5.60
N ASN F 363 3.57 7.81 4.53
CA ASN F 363 4.10 7.99 3.18
C ASN F 363 4.40 9.46 2.91
N PHE F 364 3.37 10.29 2.96
CA PHE F 364 3.51 11.73 2.71
C PHE F 364 2.83 12.50 3.84
N PRO F 365 3.59 13.00 4.82
CA PRO F 365 2.98 13.74 5.94
C PRO F 365 2.46 15.12 5.54
N PHE F 366 2.90 15.68 4.42
CA PHE F 366 2.46 16.99 3.98
C PHE F 366 1.40 16.91 2.88
N ASN F 367 0.50 15.92 2.97
CA ASN F 367 -0.54 15.78 1.96
C ASN F 367 -1.60 16.87 2.10
N ASP F 368 -1.85 17.32 3.32
CA ASP F 368 -2.83 18.37 3.58
C ASP F 368 -2.22 19.76 3.66
N CYS F 369 -1.06 19.96 3.01
CA CYS F 369 -0.39 21.25 2.98
C CYS F 369 0.22 21.48 1.60
N VAL F 370 -0.64 21.54 0.58
CA VAL F 370 -0.23 21.73 -0.80
C VAL F 370 -0.90 22.99 -1.32
N ASP F 371 -0.11 24.05 -1.51
CA ASP F 371 -0.57 25.33 -2.02
C ASP F 371 -1.67 25.91 -1.12
N LYS F 372 -1.25 26.31 0.06
CA LYS F 372 -2.14 26.89 1.07
C LYS F 372 -1.70 28.31 1.39
N MET F 373 -2.31 28.89 2.42
CA MET F 373 -1.99 30.25 2.85
C MET F 373 -1.12 30.30 4.10
N VAL F 374 -1.53 29.65 5.18
CA VAL F 374 -0.75 29.57 6.41
C VAL F 374 -0.74 28.13 6.88
N ILE F 375 0.43 27.64 7.29
CA ILE F 375 0.62 26.25 7.67
C ILE F 375 1.04 26.19 9.14
N TRP F 376 0.43 25.28 9.88
CA TRP F 376 0.77 25.02 11.28
C TRP F 376 1.55 23.71 11.39
N TRP F 377 2.52 23.69 12.30
CA TRP F 377 3.35 22.51 12.54
C TRP F 377 2.98 21.95 13.92
N GLU F 378 2.46 20.73 13.94
CA GLU F 378 2.05 20.10 15.19
C GLU F 378 3.27 19.65 15.98
N GLU F 379 3.06 19.44 17.27
CA GLU F 379 4.14 19.00 18.16
C GLU F 379 4.53 17.57 17.84
N GLY F 380 5.84 17.33 17.73
CA GLY F 380 6.34 16.01 17.43
C GLY F 380 7.80 15.99 17.03
N LYS F 381 8.54 15.00 17.50
CA LYS F 381 9.96 14.89 17.17
C LYS F 381 10.11 14.50 15.69
N MET F 382 10.81 15.34 14.94
CA MET F 382 10.99 15.08 13.52
C MET F 382 11.98 13.93 13.29
N THR F 383 11.79 13.22 12.19
CA THR F 383 12.63 12.10 11.81
C THR F 383 13.48 12.49 10.61
N ALA F 384 14.31 11.55 10.16
CA ALA F 384 15.18 11.80 9.01
C ALA F 384 14.41 11.94 7.70
N LYS F 385 13.19 11.41 7.65
CA LYS F 385 12.38 11.49 6.43
C LYS F 385 11.67 12.83 6.28
N VAL F 386 11.67 13.67 7.31
CA VAL F 386 10.99 14.97 7.24
C VAL F 386 11.94 16.13 7.51
N VAL F 387 13.17 15.89 7.92
CA VAL F 387 14.10 16.98 8.19
C VAL F 387 14.40 17.75 6.90
N GLU F 388 14.69 17.02 5.82
CA GLU F 388 14.98 17.66 4.55
C GLU F 388 13.74 18.39 4.00
N SER F 389 12.56 17.80 4.20
CA SER F 389 11.33 18.46 3.76
C SER F 389 11.11 19.77 4.51
N ALA F 390 11.32 19.76 5.83
CA ALA F 390 11.17 20.98 6.61
C ALA F 390 12.22 22.02 6.22
N LYS F 391 13.45 21.57 5.92
CA LYS F 391 14.49 22.50 5.51
C LYS F 391 14.17 23.13 4.15
N ALA F 392 13.58 22.34 3.24
CA ALA F 392 13.20 22.88 1.94
C ALA F 392 11.99 23.80 2.05
N ILE F 393 11.07 23.52 2.97
CA ILE F 393 9.91 24.39 3.15
C ILE F 393 10.33 25.70 3.80
N LEU F 394 11.26 25.65 4.74
CA LEU F 394 11.72 26.87 5.41
C LEU F 394 12.43 27.81 4.44
N GLY F 395 13.02 27.27 3.37
CA GLY F 395 13.69 28.11 2.40
C GLY F 395 12.71 28.89 1.53
N GLY F 396 11.53 28.36 1.31
CA GLY F 396 10.52 29.04 0.52
C GLY F 396 10.81 29.02 -0.97
N SER F 397 10.26 28.02 -1.67
CA SER F 397 10.46 27.89 -3.10
C SER F 397 9.37 27.02 -3.68
N LYS F 398 9.04 27.27 -4.96
CA LYS F 398 8.04 26.48 -5.67
C LYS F 398 8.66 25.13 -6.05
N VAL F 399 8.61 24.21 -5.11
CA VAL F 399 9.20 22.88 -5.27
C VAL F 399 8.11 21.89 -5.64
N ARG F 400 8.37 21.05 -6.63
CA ARG F 400 7.41 20.04 -7.06
C ARG F 400 7.66 18.74 -6.29
N VAL F 401 6.60 18.21 -5.69
CA VAL F 401 6.67 16.98 -4.91
C VAL F 401 5.43 16.15 -5.20
N ASP F 402 5.58 14.83 -5.07
CA ASP F 402 4.49 13.90 -5.30
C ASP F 402 3.67 13.69 -4.03
N GLN F 403 2.45 13.21 -4.21
CA GLN F 403 1.56 12.95 -3.08
C GLN F 403 1.74 11.54 -2.55
N LYS F 404 0.82 10.64 -2.90
CA LYS F 404 0.85 9.25 -2.44
C LYS F 404 1.01 8.27 -3.58
N CYS F 405 0.19 8.38 -4.64
CA CYS F 405 0.26 7.47 -5.76
C CYS F 405 -0.26 8.18 -7.00
N LYS F 406 0.65 8.46 -7.94
CA LYS F 406 0.32 9.09 -9.21
C LYS F 406 -0.39 10.43 -9.00
N SER F 407 0.27 11.30 -8.23
CA SER F 407 -0.25 12.64 -7.95
C SER F 407 0.90 13.52 -7.49
N SER F 408 1.20 14.57 -8.26
CA SER F 408 2.26 15.49 -7.94
C SER F 408 1.76 16.92 -8.07
N ALA F 409 2.39 17.82 -7.32
CA ALA F 409 2.01 19.23 -7.34
C ALA F 409 3.20 20.08 -6.90
N GLN F 410 3.16 21.34 -7.30
CA GLN F 410 4.23 22.29 -7.01
C GLN F 410 3.77 23.22 -5.90
N ILE F 411 4.47 23.19 -4.77
CA ILE F 411 4.15 24.03 -3.62
C ILE F 411 4.94 25.33 -3.73
N ASP F 412 4.24 26.46 -3.48
CA ASP F 412 4.66 27.86 -3.46
C ASP F 412 5.17 28.24 -2.07
N PRO F 413 6.17 29.13 -1.98
CA PRO F 413 6.63 29.61 -0.68
C PRO F 413 5.50 30.18 0.17
N THR F 414 5.11 29.43 1.21
CA THR F 414 3.97 29.78 2.05
C THR F 414 4.40 29.93 3.50
N PRO F 415 3.80 30.86 4.24
CA PRO F 415 4.17 31.05 5.65
C PRO F 415 3.80 29.84 6.50
N VAL F 416 4.78 29.37 7.27
CA VAL F 416 4.58 28.28 8.21
C VAL F 416 4.93 28.78 9.60
N ILE F 417 4.35 28.11 10.61
CA ILE F 417 4.56 28.46 12.01
C ILE F 417 4.51 27.19 12.84
N VAL F 418 5.44 27.05 13.77
CA VAL F 418 5.56 25.85 14.59
C VAL F 418 4.71 26.02 15.85
N THR F 419 3.91 25.01 16.15
CA THR F 419 3.07 24.97 17.35
C THR F 419 3.51 23.86 18.29
N SER F 420 4.83 23.70 18.44
CA SER F 420 5.36 22.64 19.29
C SER F 420 5.18 23.00 20.76
N ASN F 421 4.93 21.97 21.57
CA ASN F 421 4.74 22.13 23.02
C ASN F 421 6.02 21.90 23.80
N THR F 422 6.78 20.87 23.48
CA THR F 422 8.03 20.56 24.15
C THR F 422 9.21 21.07 23.32
N ASN F 423 10.40 20.53 23.57
CA ASN F 423 11.58 20.92 22.83
C ASN F 423 11.59 20.24 21.47
N MET F 424 11.72 21.03 20.40
CA MET F 424 11.71 20.51 19.04
C MET F 424 12.99 20.77 18.27
N CYS F 425 13.72 21.86 18.58
CA CYS F 425 14.93 22.19 17.84
C CYS F 425 16.02 21.13 17.99
N ALA F 426 15.98 20.33 19.06
CA ALA F 426 16.96 19.27 19.23
C ALA F 426 16.75 18.18 18.18
N VAL F 427 17.81 17.87 17.45
CA VAL F 427 17.73 16.87 16.38
C VAL F 427 17.59 15.48 16.98
N ILE F 428 16.35 15.03 17.18
CA ILE F 428 16.08 13.72 17.72
C ILE F 428 15.49 12.83 16.65
N ASP F 429 16.35 12.14 15.90
CA ASP F 429 15.92 11.27 14.80
C ASP F 429 15.90 9.84 15.31
N GLY F 430 14.73 9.37 15.71
CA GLY F 430 14.58 8.02 16.22
C GLY F 430 15.37 7.76 17.49
N ASN F 431 16.64 7.40 17.33
CA ASN F 431 17.52 7.14 18.45
C ASN F 431 18.78 7.99 18.43
N SER F 432 18.94 8.88 17.44
CA SER F 432 20.11 9.73 17.33
C SER F 432 19.75 11.13 17.84
N THR F 433 20.45 11.57 18.88
CA THR F 433 20.24 12.88 19.48
C THR F 433 21.46 13.75 19.19
N THR F 434 21.30 14.68 18.25
CA THR F 434 22.37 15.58 17.86
C THR F 434 21.85 17.01 17.81
N PHE F 435 22.79 17.96 17.77
CA PHE F 435 22.46 19.38 17.72
C PHE F 435 23.22 20.11 16.62
N GLU F 436 23.84 19.39 15.68
CA GLU F 436 24.60 20.06 14.63
C GLU F 436 23.69 20.73 13.61
N HIS F 437 22.52 20.17 13.36
CA HIS F 437 21.57 20.73 12.42
C HIS F 437 20.66 21.79 13.04
N GLN F 438 20.96 22.23 14.26
CA GLN F 438 20.14 23.24 14.92
C GLN F 438 20.49 24.65 14.49
N GLN F 439 21.69 24.88 13.97
CA GLN F 439 22.12 26.20 13.52
C GLN F 439 21.30 26.70 12.33
N PRO F 440 21.05 25.88 11.30
CA PRO F 440 20.18 26.37 10.21
C PRO F 440 18.77 26.67 10.67
N LEU F 441 18.21 25.85 11.56
CA LEU F 441 16.87 26.11 12.07
C LEU F 441 16.83 27.37 12.92
N GLN F 442 17.91 27.66 13.65
CA GLN F 442 17.95 28.89 14.45
C GLN F 442 18.17 30.12 13.58
N ASP F 443 18.89 29.98 12.48
CA ASP F 443 19.16 31.10 11.59
C ASP F 443 18.04 31.33 10.57
N ARG F 444 17.16 30.36 10.36
CA ARG F 444 16.07 30.49 9.40
C ARG F 444 14.76 30.90 10.03
N MET F 445 14.71 31.10 11.34
CA MET F 445 13.48 31.48 12.02
C MET F 445 13.83 32.20 13.31
N PHE F 446 12.83 32.83 13.90
CA PHE F 446 12.97 33.56 15.15
C PHE F 446 12.63 32.65 16.32
N LYS F 447 12.43 33.23 17.50
CA LYS F 447 12.10 32.48 18.70
C LYS F 447 10.98 33.18 19.46
N PHE F 448 10.11 32.38 20.09
CA PHE F 448 8.97 32.92 20.85
C PHE F 448 8.58 31.87 21.88
N GLU F 449 9.40 31.73 22.91
CA GLU F 449 9.17 30.77 23.98
C GLU F 449 8.58 31.50 25.19
N LEU F 450 7.46 30.99 25.69
CA LEU F 450 6.79 31.58 26.84
C LEU F 450 6.00 30.49 27.56
N THR F 451 5.94 30.61 28.89
CA THR F 451 5.22 29.64 29.72
C THR F 451 4.43 30.40 30.76
N ARG F 452 3.10 30.38 30.64
CA ARG F 452 2.23 31.06 31.59
C ARG F 452 0.86 30.41 31.55
N ARG F 453 0.36 30.01 32.72
CA ARG F 453 -0.94 29.36 32.80
C ARG F 453 -2.06 30.35 32.52
N LEU F 454 -3.18 29.83 32.05
CA LEU F 454 -4.33 30.66 31.73
C LEU F 454 -5.09 31.04 33.00
N ASP F 455 -6.11 31.88 32.82
CA ASP F 455 -6.92 32.34 33.94
C ASP F 455 -7.99 31.31 34.30
N HIS F 456 -9.25 31.65 34.08
CA HIS F 456 -10.38 30.77 34.37
C HIS F 456 -11.10 30.49 33.06
N ASP F 457 -10.58 29.52 32.30
CA ASP F 457 -11.15 29.12 31.01
C ASP F 457 -11.22 30.31 30.05
N PHE F 458 -10.08 30.99 29.90
CA PHE F 458 -10.00 32.16 29.03
C PHE F 458 -9.57 31.75 27.62
N GLY F 459 -10.16 32.39 26.64
CA GLY F 459 -9.85 32.12 25.25
C GLY F 459 -11.00 32.59 24.35
N LYS F 460 -11.30 31.78 23.34
CA LYS F 460 -12.34 32.07 22.37
C LYS F 460 -12.13 33.43 21.71
N VAL F 461 -11.23 33.48 20.73
CA VAL F 461 -10.91 34.70 20.01
C VAL F 461 -11.48 34.59 18.60
N THR F 462 -12.21 35.61 18.17
CA THR F 462 -12.80 35.62 16.84
C THR F 462 -11.89 36.33 15.85
N LYS F 463 -12.47 36.93 14.81
CA LYS F 463 -11.70 37.65 13.81
C LYS F 463 -11.61 39.14 14.08
N GLN F 464 -12.55 39.71 14.86
CA GLN F 464 -12.51 41.13 15.15
C GLN F 464 -11.27 41.49 15.98
N GLU F 465 -10.91 40.65 16.95
CA GLU F 465 -9.72 40.90 17.75
C GLU F 465 -8.46 40.84 16.90
N VAL F 466 -8.39 39.88 15.98
CA VAL F 466 -7.24 39.78 15.10
C VAL F 466 -7.15 40.99 14.18
N LYS F 467 -8.28 41.45 13.66
CA LYS F 467 -8.29 42.64 12.82
C LYS F 467 -7.86 43.87 13.59
N ASP F 468 -8.33 44.01 14.83
CA ASP F 468 -7.92 45.15 15.65
C ASP F 468 -6.43 45.10 15.97
N PHE F 469 -5.90 43.90 16.24
CA PHE F 469 -4.47 43.77 16.50
C PHE F 469 -3.66 44.12 15.26
N PHE F 470 -4.11 43.67 14.09
CA PHE F 470 -3.41 44.01 12.86
C PHE F 470 -3.44 45.51 12.59
N ARG F 471 -4.59 46.14 12.85
CA ARG F 471 -4.68 47.59 12.66
C ARG F 471 -3.77 48.33 13.63
N TRP F 472 -3.70 47.87 14.88
CA TRP F 472 -2.82 48.52 15.86
C TRP F 472 -1.36 48.33 15.50
N ALA F 473 -1.02 47.17 14.92
CA ALA F 473 0.36 46.93 14.51
C ALA F 473 0.72 47.76 13.28
N LYS F 474 -0.24 47.96 12.37
CA LYS F 474 0.01 48.78 11.20
C LYS F 474 0.07 50.26 11.53
N ASP F 475 -0.65 50.68 12.57
CA ASP F 475 -0.63 52.10 12.95
C ASP F 475 0.71 52.49 13.57
N HIS F 476 1.34 51.56 14.28
CA HIS F 476 2.64 51.79 14.91
C HIS F 476 3.59 50.69 14.47
N VAL F 477 4.36 50.95 13.42
CA VAL F 477 5.31 49.99 12.87
C VAL F 477 6.69 50.30 13.44
N VAL F 478 7.32 49.28 14.02
CA VAL F 478 8.66 49.40 14.60
C VAL F 478 9.62 48.58 13.76
N GLU F 479 10.76 49.17 13.41
CA GLU F 479 11.75 48.48 12.60
C GLU F 479 12.36 47.33 13.39
N VAL F 480 12.24 46.11 12.85
CA VAL F 480 12.76 44.91 13.47
C VAL F 480 13.88 44.35 12.59
N GLU F 481 15.06 44.16 13.18
CA GLU F 481 16.20 43.63 12.46
C GLU F 481 16.30 42.12 12.68
N HIS F 482 17.37 41.53 12.16
CA HIS F 482 17.60 40.09 12.29
C HIS F 482 17.96 39.74 13.73
N GLU F 483 16.95 39.58 14.58
CA GLU F 483 17.14 39.24 15.98
C GLU F 483 16.48 37.91 16.28
N PHE F 484 17.22 36.99 16.89
CA PHE F 484 16.69 35.67 17.23
C PHE F 484 15.98 35.68 18.58
N TYR F 485 16.72 35.99 19.65
CA TYR F 485 16.15 36.03 20.99
C TYR F 485 15.42 37.35 21.18
N VAL F 486 14.09 37.28 21.31
CA VAL F 486 13.29 38.48 21.50
C VAL F 486 13.44 38.96 22.94
N LYS F 487 13.72 40.26 23.09
CA LYS F 487 13.89 40.82 24.42
C LYS F 487 12.56 40.90 25.16
N LYS F 488 12.65 41.03 26.48
CA LYS F 488 11.48 41.10 27.34
C LYS F 488 11.37 42.50 27.94
N GLY F 489 10.15 43.01 28.01
CA GLY F 489 9.92 44.33 28.57
C GLY F 489 8.59 44.93 28.16
N GLY F 490 7.53 44.58 28.89
CA GLY F 490 6.21 45.09 28.58
C GLY F 490 5.09 44.23 29.13
#